data_4HXL
# 
_entry.id   4HXL 
# 
_audit_conform.dict_name       mmcif_pdbx.dic 
_audit_conform.dict_version    5.387 
_audit_conform.dict_location   http://mmcif.pdb.org/dictionaries/ascii/mmcif_pdbx.dic 
# 
loop_
_database_2.database_id 
_database_2.database_code 
_database_2.pdbx_database_accession 
_database_2.pdbx_DOI 
PDB   4HXL         pdb_00004hxl 10.2210/pdb4hxl/pdb 
RCSB  RCSB076046   ?            ?                   
WWPDB D_1000076046 ?            ?                   
# 
loop_
_pdbx_audit_revision_history.ordinal 
_pdbx_audit_revision_history.data_content_type 
_pdbx_audit_revision_history.major_revision 
_pdbx_audit_revision_history.minor_revision 
_pdbx_audit_revision_history.revision_date 
1 'Structure model' 1 0 2013-04-03 
2 'Structure model' 1 1 2013-04-10 
3 'Structure model' 1 2 2013-06-19 
4 'Structure model' 1 3 2024-02-28 
# 
_pdbx_audit_revision_details.ordinal             1 
_pdbx_audit_revision_details.revision_ordinal    1 
_pdbx_audit_revision_details.data_content_type   'Structure model' 
_pdbx_audit_revision_details.provider            repository 
_pdbx_audit_revision_details.type                'Initial release' 
_pdbx_audit_revision_details.description         ? 
_pdbx_audit_revision_details.details             ? 
# 
loop_
_pdbx_audit_revision_group.ordinal 
_pdbx_audit_revision_group.revision_ordinal 
_pdbx_audit_revision_group.data_content_type 
_pdbx_audit_revision_group.group 
1 2 'Structure model' 'Structure summary'    
2 3 'Structure model' 'Database references'  
3 4 'Structure model' 'Data collection'      
4 4 'Structure model' 'Database references'  
5 4 'Structure model' 'Derived calculations' 
# 
loop_
_pdbx_audit_revision_category.ordinal 
_pdbx_audit_revision_category.revision_ordinal 
_pdbx_audit_revision_category.data_content_type 
_pdbx_audit_revision_category.category 
1 4 'Structure model' chem_comp_atom     
2 4 'Structure model' chem_comp_bond     
3 4 'Structure model' database_2         
4 4 'Structure model' struct_ref_seq_dif 
5 4 'Structure model' struct_site        
# 
loop_
_pdbx_audit_revision_item.ordinal 
_pdbx_audit_revision_item.revision_ordinal 
_pdbx_audit_revision_item.data_content_type 
_pdbx_audit_revision_item.item 
1 4 'Structure model' '_database_2.pdbx_DOI'                
2 4 'Structure model' '_database_2.pdbx_database_accession' 
3 4 'Structure model' '_struct_ref_seq_dif.details'         
4 4 'Structure model' '_struct_site.pdbx_auth_asym_id'      
5 4 'Structure model' '_struct_site.pdbx_auth_comp_id'      
6 4 'Structure model' '_struct_site.pdbx_auth_seq_id'       
# 
_pdbx_database_status.entry_id                        4HXL 
_pdbx_database_status.status_code                     REL 
_pdbx_database_status.deposit_site                    RCSB 
_pdbx_database_status.process_site                    RCSB 
_pdbx_database_status.recvd_initial_deposition_date   2012-11-12 
_pdbx_database_status.status_code_sf                  REL 
_pdbx_database_status.status_code_mr                  ? 
_pdbx_database_status.SG_entry                        ? 
_pdbx_database_status.status_code_cs                  ? 
_pdbx_database_status.methods_development_category    ? 
_pdbx_database_status.pdb_format_compatible           Y 
_pdbx_database_status.status_code_nmr_data            ? 
# 
loop_
_pdbx_database_related.db_name 
_pdbx_database_related.db_id 
_pdbx_database_related.details 
_pdbx_database_related.content_type 
PDB 4HXK . unspecified 
PDB 4HXM . unspecified 
PDB 4HXN . unspecified 
PDB 4HXO . unspecified 
PDB 4HXP . unspecified 
PDB 4HXR . unspecified 
PDB 4HXS . unspecified 
# 
loop_
_audit_author.name 
_audit_author.pdbx_ordinal 
'Chen, T.T.' 1 
'Cao, D.Y.'  2 
'Chen, W.Y.' 3 
'Xiong, B.'  4 
'Shen, J.K.' 5 
'Xu, Y.C.'   6 
# 
_citation.id                        primary 
_citation.title                     
'Fragment-Based Drug Discovery of 2-Thiazolidinones as Inhibitors of the Histone Reader BRD4 Bromodomain.' 
_citation.journal_abbrev            J.Med.Chem. 
_citation.journal_volume            56 
_citation.page_first                3833 
_citation.page_last                 3851 
_citation.year                      2013 
_citation.journal_id_ASTM           JMCMAR 
_citation.country                   US 
_citation.journal_id_ISSN           0022-2623 
_citation.journal_id_CSD            0151 
_citation.book_publisher            ? 
_citation.pdbx_database_id_PubMed   23530754 
_citation.pdbx_database_id_DOI      10.1021/jm301793a 
# 
loop_
_citation_author.citation_id 
_citation_author.name 
_citation_author.ordinal 
_citation_author.identifier_ORCID 
primary 'Zhao, L.'  1  ? 
primary 'Cao, D.'   2  ? 
primary 'Chen, T.'  3  ? 
primary 'Wang, Y.'  4  ? 
primary 'Miao, Z.'  5  ? 
primary 'Xu, Y.'    6  ? 
primary 'Chen, W.'  7  ? 
primary 'Wang, X.'  8  ? 
primary 'Li, Y.'    9  ? 
primary 'Du, Z.'    10 ? 
primary 'Xiong, B.' 11 ? 
primary 'Li, J.'    12 ? 
primary 'Xu, C.'    13 ? 
primary 'Zhang, N.' 14 ? 
primary 'He, J.'    15 ? 
primary 'Shen, J.'  16 ? 
# 
loop_
_entity.id 
_entity.type 
_entity.src_method 
_entity.pdbx_description 
_entity.formula_weight 
_entity.pdbx_number_of_molecules 
_entity.pdbx_ec 
_entity.pdbx_mutation 
_entity.pdbx_fragment 
_entity.details 
1 polymer     man 'Bromodomain-containing protein 4'                                                                          
14883.188 1   ? ? ? ? 
2 non-polymer syn '3-cyclohexyl-N-{3-(2-oxo-2,3-dihydro-1,3-thiazol-4-yl)-5-[(thiophen-2-ylsulfonyl)amino]phenyl}propanamide' 
491.647   1   ? ? ? ? 
3 water       nat water                                                                                                       
18.015    152 ? ? ? ? 
# 
_entity_name_com.entity_id   1 
_entity_name_com.name        'Protein HUNK1' 
# 
_entity_poly.entity_id                      1 
_entity_poly.type                           'polypeptide(L)' 
_entity_poly.nstd_linkage                   no 
_entity_poly.nstd_monomer                   no 
_entity_poly.pdbx_seq_one_letter_code       
;MNPPPPETSNPNKPKRQTNQLQYLLRVVLKTLWKHQFAWPFQQPVDAVKLNLPDYYKIIKTPMDMGTIKKRLENNYYWNA
QECIQDFNTMFTNCYIYNKPGDDIVLMAEALEKLFLQKINELPTE
;
_entity_poly.pdbx_seq_one_letter_code_can   
;MNPPPPETSNPNKPKRQTNQLQYLLRVVLKTLWKHQFAWPFQQPVDAVKLNLPDYYKIIKTPMDMGTIKKRLENNYYWNA
QECIQDFNTMFTNCYIYNKPGDDIVLMAEALEKLFLQKINELPTE
;
_entity_poly.pdbx_strand_id                 A 
_entity_poly.pdbx_target_identifier         ? 
# 
loop_
_pdbx_entity_nonpoly.entity_id 
_pdbx_entity_nonpoly.name 
_pdbx_entity_nonpoly.comp_id 
2 '3-cyclohexyl-N-{3-(2-oxo-2,3-dihydro-1,3-thiazol-4-yl)-5-[(thiophen-2-ylsulfonyl)amino]phenyl}propanamide' 1A9 
3 water                                                                                                       HOH 
# 
loop_
_entity_poly_seq.entity_id 
_entity_poly_seq.num 
_entity_poly_seq.mon_id 
_entity_poly_seq.hetero 
1 1   MET n 
1 2   ASN n 
1 3   PRO n 
1 4   PRO n 
1 5   PRO n 
1 6   PRO n 
1 7   GLU n 
1 8   THR n 
1 9   SER n 
1 10  ASN n 
1 11  PRO n 
1 12  ASN n 
1 13  LYS n 
1 14  PRO n 
1 15  LYS n 
1 16  ARG n 
1 17  GLN n 
1 18  THR n 
1 19  ASN n 
1 20  GLN n 
1 21  LEU n 
1 22  GLN n 
1 23  TYR n 
1 24  LEU n 
1 25  LEU n 
1 26  ARG n 
1 27  VAL n 
1 28  VAL n 
1 29  LEU n 
1 30  LYS n 
1 31  THR n 
1 32  LEU n 
1 33  TRP n 
1 34  LYS n 
1 35  HIS n 
1 36  GLN n 
1 37  PHE n 
1 38  ALA n 
1 39  TRP n 
1 40  PRO n 
1 41  PHE n 
1 42  GLN n 
1 43  GLN n 
1 44  PRO n 
1 45  VAL n 
1 46  ASP n 
1 47  ALA n 
1 48  VAL n 
1 49  LYS n 
1 50  LEU n 
1 51  ASN n 
1 52  LEU n 
1 53  PRO n 
1 54  ASP n 
1 55  TYR n 
1 56  TYR n 
1 57  LYS n 
1 58  ILE n 
1 59  ILE n 
1 60  LYS n 
1 61  THR n 
1 62  PRO n 
1 63  MET n 
1 64  ASP n 
1 65  MET n 
1 66  GLY n 
1 67  THR n 
1 68  ILE n 
1 69  LYS n 
1 70  LYS n 
1 71  ARG n 
1 72  LEU n 
1 73  GLU n 
1 74  ASN n 
1 75  ASN n 
1 76  TYR n 
1 77  TYR n 
1 78  TRP n 
1 79  ASN n 
1 80  ALA n 
1 81  GLN n 
1 82  GLU n 
1 83  CYS n 
1 84  ILE n 
1 85  GLN n 
1 86  ASP n 
1 87  PHE n 
1 88  ASN n 
1 89  THR n 
1 90  MET n 
1 91  PHE n 
1 92  THR n 
1 93  ASN n 
1 94  CYS n 
1 95  TYR n 
1 96  ILE n 
1 97  TYR n 
1 98  ASN n 
1 99  LYS n 
1 100 PRO n 
1 101 GLY n 
1 102 ASP n 
1 103 ASP n 
1 104 ILE n 
1 105 VAL n 
1 106 LEU n 
1 107 MET n 
1 108 ALA n 
1 109 GLU n 
1 110 ALA n 
1 111 LEU n 
1 112 GLU n 
1 113 LYS n 
1 114 LEU n 
1 115 PHE n 
1 116 LEU n 
1 117 GLN n 
1 118 LYS n 
1 119 ILE n 
1 120 ASN n 
1 121 GLU n 
1 122 LEU n 
1 123 PRO n 
1 124 THR n 
1 125 GLU n 
# 
_entity_src_gen.entity_id                          1 
_entity_src_gen.pdbx_src_id                        1 
_entity_src_gen.pdbx_alt_source_flag               sample 
_entity_src_gen.pdbx_seq_type                      ? 
_entity_src_gen.pdbx_beg_seq_num                   ? 
_entity_src_gen.pdbx_end_seq_num                   ? 
_entity_src_gen.gene_src_common_name               human 
_entity_src_gen.gene_src_genus                     ? 
_entity_src_gen.pdbx_gene_src_gene                 'BRD4, HUNK1' 
_entity_src_gen.gene_src_species                   ? 
_entity_src_gen.gene_src_strain                    ? 
_entity_src_gen.gene_src_tissue                    ? 
_entity_src_gen.gene_src_tissue_fraction           ? 
_entity_src_gen.gene_src_details                   ? 
_entity_src_gen.pdbx_gene_src_fragment             ? 
_entity_src_gen.pdbx_gene_src_scientific_name      'Homo sapiens' 
_entity_src_gen.pdbx_gene_src_ncbi_taxonomy_id     9606 
_entity_src_gen.pdbx_gene_src_variant              ? 
_entity_src_gen.pdbx_gene_src_cell_line            ? 
_entity_src_gen.pdbx_gene_src_atcc                 ? 
_entity_src_gen.pdbx_gene_src_organ                ? 
_entity_src_gen.pdbx_gene_src_organelle            ? 
_entity_src_gen.pdbx_gene_src_cell                 ? 
_entity_src_gen.pdbx_gene_src_cellular_location    ? 
_entity_src_gen.host_org_common_name               ? 
_entity_src_gen.pdbx_host_org_scientific_name      'Escherichia coli' 
_entity_src_gen.pdbx_host_org_ncbi_taxonomy_id     562 
_entity_src_gen.host_org_genus                     ? 
_entity_src_gen.pdbx_host_org_gene                 ? 
_entity_src_gen.pdbx_host_org_organ                ? 
_entity_src_gen.host_org_species                   ? 
_entity_src_gen.pdbx_host_org_tissue               ? 
_entity_src_gen.pdbx_host_org_tissue_fraction      ? 
_entity_src_gen.pdbx_host_org_strain               'BL21(DE3)codon plus' 
_entity_src_gen.pdbx_host_org_variant              ? 
_entity_src_gen.pdbx_host_org_cell_line            ? 
_entity_src_gen.pdbx_host_org_atcc                 ? 
_entity_src_gen.pdbx_host_org_culture_collection   ? 
_entity_src_gen.pdbx_host_org_cell                 ? 
_entity_src_gen.pdbx_host_org_organelle            ? 
_entity_src_gen.pdbx_host_org_cellular_location    ? 
_entity_src_gen.pdbx_host_org_vector_type          plasmid 
_entity_src_gen.pdbx_host_org_vector               ? 
_entity_src_gen.host_org_details                   ? 
_entity_src_gen.expression_system_id               ? 
_entity_src_gen.plasmid_name                       pET28a 
_entity_src_gen.plasmid_details                    ? 
_entity_src_gen.pdbx_description                   ? 
# 
loop_
_chem_comp.id 
_chem_comp.type 
_chem_comp.mon_nstd_flag 
_chem_comp.name 
_chem_comp.pdbx_synonyms 
_chem_comp.formula 
_chem_comp.formula_weight 
1A9 non-polymer         . 
'3-cyclohexyl-N-{3-(2-oxo-2,3-dihydro-1,3-thiazol-4-yl)-5-[(thiophen-2-ylsulfonyl)amino]phenyl}propanamide' ? 'C22 H25 N3 O4 S3' 
491.647 
ALA 'L-peptide linking' y ALANINE ? 'C3 H7 N O2'       89.093  
ARG 'L-peptide linking' y ARGININE ? 'C6 H15 N4 O2 1'   175.209 
ASN 'L-peptide linking' y ASPARAGINE ? 'C4 H8 N2 O3'      132.118 
ASP 'L-peptide linking' y 'ASPARTIC ACID' ? 'C4 H7 N O4'       133.103 
CYS 'L-peptide linking' y CYSTEINE ? 'C3 H7 N O2 S'     121.158 
GLN 'L-peptide linking' y GLUTAMINE ? 'C5 H10 N2 O3'     146.144 
GLU 'L-peptide linking' y 'GLUTAMIC ACID' ? 'C5 H9 N O4'       147.129 
GLY 'peptide linking'   y GLYCINE ? 'C2 H5 N O2'       75.067  
HIS 'L-peptide linking' y HISTIDINE ? 'C6 H10 N3 O2 1'   156.162 
HOH non-polymer         . WATER ? 'H2 O'             18.015  
ILE 'L-peptide linking' y ISOLEUCINE ? 'C6 H13 N O2'      131.173 
LEU 'L-peptide linking' y LEUCINE ? 'C6 H13 N O2'      131.173 
LYS 'L-peptide linking' y LYSINE ? 'C6 H15 N2 O2 1'   147.195 
MET 'L-peptide linking' y METHIONINE ? 'C5 H11 N O2 S'    149.211 
PHE 'L-peptide linking' y PHENYLALANINE ? 'C9 H11 N O2'      165.189 
PRO 'L-peptide linking' y PROLINE ? 'C5 H9 N O2'       115.130 
SER 'L-peptide linking' y SERINE ? 'C3 H7 N O3'       105.093 
THR 'L-peptide linking' y THREONINE ? 'C4 H9 N O3'       119.119 
TRP 'L-peptide linking' y TRYPTOPHAN ? 'C11 H12 N2 O2'    204.225 
TYR 'L-peptide linking' y TYROSINE ? 'C9 H11 N O3'      181.189 
VAL 'L-peptide linking' y VALINE ? 'C5 H11 N O2'      117.146 
# 
loop_
_pdbx_poly_seq_scheme.asym_id 
_pdbx_poly_seq_scheme.entity_id 
_pdbx_poly_seq_scheme.seq_id 
_pdbx_poly_seq_scheme.mon_id 
_pdbx_poly_seq_scheme.ndb_seq_num 
_pdbx_poly_seq_scheme.pdb_seq_num 
_pdbx_poly_seq_scheme.auth_seq_num 
_pdbx_poly_seq_scheme.pdb_mon_id 
_pdbx_poly_seq_scheme.auth_mon_id 
_pdbx_poly_seq_scheme.pdb_strand_id 
_pdbx_poly_seq_scheme.pdb_ins_code 
_pdbx_poly_seq_scheme.hetero 
A 1 1   MET 1   43  43  MET MET A . n 
A 1 2   ASN 2   44  44  ASN ASN A . n 
A 1 3   PRO 3   45  45  PRO PRO A . n 
A 1 4   PRO 4   46  46  PRO PRO A . n 
A 1 5   PRO 5   47  47  PRO PRO A . n 
A 1 6   PRO 6   48  48  PRO PRO A . n 
A 1 7   GLU 7   49  49  GLU GLU A . n 
A 1 8   THR 8   50  50  THR THR A . n 
A 1 9   SER 9   51  51  SER SER A . n 
A 1 10  ASN 10  52  52  ASN ASN A . n 
A 1 11  PRO 11  53  53  PRO PRO A . n 
A 1 12  ASN 12  54  54  ASN ASN A . n 
A 1 13  LYS 13  55  55  LYS LYS A . n 
A 1 14  PRO 14  56  56  PRO PRO A . n 
A 1 15  LYS 15  57  57  LYS LYS A . n 
A 1 16  ARG 16  58  58  ARG ARG A . n 
A 1 17  GLN 17  59  59  GLN GLN A . n 
A 1 18  THR 18  60  60  THR THR A . n 
A 1 19  ASN 19  61  61  ASN ASN A . n 
A 1 20  GLN 20  62  62  GLN GLN A . n 
A 1 21  LEU 21  63  63  LEU LEU A . n 
A 1 22  GLN 22  64  64  GLN GLN A . n 
A 1 23  TYR 23  65  65  TYR TYR A . n 
A 1 24  LEU 24  66  66  LEU LEU A . n 
A 1 25  LEU 25  67  67  LEU LEU A . n 
A 1 26  ARG 26  68  68  ARG ARG A . n 
A 1 27  VAL 27  69  69  VAL VAL A . n 
A 1 28  VAL 28  70  70  VAL VAL A . n 
A 1 29  LEU 29  71  71  LEU LEU A . n 
A 1 30  LYS 30  72  72  LYS LYS A . n 
A 1 31  THR 31  73  73  THR THR A . n 
A 1 32  LEU 32  74  74  LEU LEU A . n 
A 1 33  TRP 33  75  75  TRP TRP A . n 
A 1 34  LYS 34  76  76  LYS LYS A . n 
A 1 35  HIS 35  77  77  HIS HIS A . n 
A 1 36  GLN 36  78  78  GLN GLN A . n 
A 1 37  PHE 37  79  79  PHE PHE A . n 
A 1 38  ALA 38  80  80  ALA ALA A . n 
A 1 39  TRP 39  81  81  TRP TRP A . n 
A 1 40  PRO 40  82  82  PRO PRO A . n 
A 1 41  PHE 41  83  83  PHE PHE A . n 
A 1 42  GLN 42  84  84  GLN GLN A . n 
A 1 43  GLN 43  85  85  GLN GLN A . n 
A 1 44  PRO 44  86  86  PRO PRO A . n 
A 1 45  VAL 45  87  87  VAL VAL A . n 
A 1 46  ASP 46  88  88  ASP ASP A . n 
A 1 47  ALA 47  89  89  ALA ALA A . n 
A 1 48  VAL 48  90  90  VAL VAL A . n 
A 1 49  LYS 49  91  91  LYS LYS A . n 
A 1 50  LEU 50  92  92  LEU LEU A . n 
A 1 51  ASN 51  93  93  ASN ASN A . n 
A 1 52  LEU 52  94  94  LEU LEU A . n 
A 1 53  PRO 53  95  95  PRO PRO A . n 
A 1 54  ASP 54  96  96  ASP ASP A . n 
A 1 55  TYR 55  97  97  TYR TYR A . n 
A 1 56  TYR 56  98  98  TYR TYR A . n 
A 1 57  LYS 57  99  99  LYS LYS A . n 
A 1 58  ILE 58  100 100 ILE ILE A . n 
A 1 59  ILE 59  101 101 ILE ILE A . n 
A 1 60  LYS 60  102 102 LYS LYS A . n 
A 1 61  THR 61  103 103 THR THR A . n 
A 1 62  PRO 62  104 104 PRO PRO A . n 
A 1 63  MET 63  105 105 MET MET A . n 
A 1 64  ASP 64  106 106 ASP ASP A . n 
A 1 65  MET 65  107 107 MET MET A . n 
A 1 66  GLY 66  108 108 GLY GLY A . n 
A 1 67  THR 67  109 109 THR THR A . n 
A 1 68  ILE 68  110 110 ILE ILE A . n 
A 1 69  LYS 69  111 111 LYS LYS A . n 
A 1 70  LYS 70  112 112 LYS LYS A . n 
A 1 71  ARG 71  113 113 ARG ARG A . n 
A 1 72  LEU 72  114 114 LEU LEU A . n 
A 1 73  GLU 73  115 115 GLU GLU A . n 
A 1 74  ASN 74  116 116 ASN ASN A . n 
A 1 75  ASN 75  117 117 ASN ASN A . n 
A 1 76  TYR 76  118 118 TYR TYR A . n 
A 1 77  TYR 77  119 119 TYR TYR A . n 
A 1 78  TRP 78  120 120 TRP TRP A . n 
A 1 79  ASN 79  121 121 ASN ASN A . n 
A 1 80  ALA 80  122 122 ALA ALA A . n 
A 1 81  GLN 81  123 123 GLN GLN A . n 
A 1 82  GLU 82  124 124 GLU GLU A . n 
A 1 83  CYS 83  125 125 CYS CYS A . n 
A 1 84  ILE 84  126 126 ILE ILE A . n 
A 1 85  GLN 85  127 127 GLN GLN A . n 
A 1 86  ASP 86  128 128 ASP ASP A . n 
A 1 87  PHE 87  129 129 PHE PHE A . n 
A 1 88  ASN 88  130 130 ASN ASN A . n 
A 1 89  THR 89  131 131 THR THR A . n 
A 1 90  MET 90  132 132 MET MET A . n 
A 1 91  PHE 91  133 133 PHE PHE A . n 
A 1 92  THR 92  134 134 THR THR A . n 
A 1 93  ASN 93  135 135 ASN ASN A . n 
A 1 94  CYS 94  136 136 CYS CYS A . n 
A 1 95  TYR 95  137 137 TYR TYR A . n 
A 1 96  ILE 96  138 138 ILE ILE A . n 
A 1 97  TYR 97  139 139 TYR TYR A . n 
A 1 98  ASN 98  140 140 ASN ASN A . n 
A 1 99  LYS 99  141 141 LYS LYS A . n 
A 1 100 PRO 100 142 142 PRO PRO A . n 
A 1 101 GLY 101 143 143 GLY GLY A . n 
A 1 102 ASP 102 144 144 ASP ASP A . n 
A 1 103 ASP 103 145 145 ASP ASP A . n 
A 1 104 ILE 104 146 146 ILE ILE A . n 
A 1 105 VAL 105 147 147 VAL VAL A . n 
A 1 106 LEU 106 148 148 LEU LEU A . n 
A 1 107 MET 107 149 149 MET MET A . n 
A 1 108 ALA 108 150 150 ALA ALA A . n 
A 1 109 GLU 109 151 151 GLU GLU A . n 
A 1 110 ALA 110 152 152 ALA ALA A . n 
A 1 111 LEU 111 153 153 LEU LEU A . n 
A 1 112 GLU 112 154 154 GLU GLU A . n 
A 1 113 LYS 113 155 155 LYS LYS A . n 
A 1 114 LEU 114 156 156 LEU LEU A . n 
A 1 115 PHE 115 157 157 PHE PHE A . n 
A 1 116 LEU 116 158 158 LEU LEU A . n 
A 1 117 GLN 117 159 159 GLN GLN A . n 
A 1 118 LYS 118 160 160 LYS LYS A . n 
A 1 119 ILE 119 161 161 ILE ILE A . n 
A 1 120 ASN 120 162 162 ASN ASN A . n 
A 1 121 GLU 121 163 163 GLU GLU A . n 
A 1 122 LEU 122 164 164 LEU LEU A . n 
A 1 123 PRO 123 165 165 PRO PRO A . n 
A 1 124 THR 124 166 166 THR THR A . n 
A 1 125 GLU 125 167 167 GLU GLU A . n 
# 
loop_
_pdbx_nonpoly_scheme.asym_id 
_pdbx_nonpoly_scheme.entity_id 
_pdbx_nonpoly_scheme.mon_id 
_pdbx_nonpoly_scheme.ndb_seq_num 
_pdbx_nonpoly_scheme.pdb_seq_num 
_pdbx_nonpoly_scheme.auth_seq_num 
_pdbx_nonpoly_scheme.pdb_mon_id 
_pdbx_nonpoly_scheme.auth_mon_id 
_pdbx_nonpoly_scheme.pdb_strand_id 
_pdbx_nonpoly_scheme.pdb_ins_code 
B 2 1A9 1   201 1   1A9 DRG A . 
C 3 HOH 1   301 1   HOH HOH A . 
C 3 HOH 2   302 2   HOH HOH A . 
C 3 HOH 3   303 3   HOH HOH A . 
C 3 HOH 4   304 4   HOH HOH A . 
C 3 HOH 5   305 5   HOH HOH A . 
C 3 HOH 6   306 6   HOH HOH A . 
C 3 HOH 7   307 7   HOH HOH A . 
C 3 HOH 8   308 8   HOH HOH A . 
C 3 HOH 9   309 9   HOH HOH A . 
C 3 HOH 10  310 10  HOH HOH A . 
C 3 HOH 11  311 11  HOH HOH A . 
C 3 HOH 12  312 12  HOH HOH A . 
C 3 HOH 13  313 13  HOH HOH A . 
C 3 HOH 14  314 14  HOH HOH A . 
C 3 HOH 15  315 15  HOH HOH A . 
C 3 HOH 16  316 16  HOH HOH A . 
C 3 HOH 17  317 17  HOH HOH A . 
C 3 HOH 18  318 18  HOH HOH A . 
C 3 HOH 19  319 19  HOH HOH A . 
C 3 HOH 20  320 20  HOH HOH A . 
C 3 HOH 21  321 21  HOH HOH A . 
C 3 HOH 22  322 22  HOH HOH A . 
C 3 HOH 23  323 23  HOH HOH A . 
C 3 HOH 24  324 24  HOH HOH A . 
C 3 HOH 25  325 25  HOH HOH A . 
C 3 HOH 26  326 26  HOH HOH A . 
C 3 HOH 27  327 27  HOH HOH A . 
C 3 HOH 28  328 28  HOH HOH A . 
C 3 HOH 29  329 29  HOH HOH A . 
C 3 HOH 30  330 30  HOH HOH A . 
C 3 HOH 31  331 31  HOH HOH A . 
C 3 HOH 32  332 32  HOH HOH A . 
C 3 HOH 33  333 33  HOH HOH A . 
C 3 HOH 34  334 34  HOH HOH A . 
C 3 HOH 35  335 35  HOH HOH A . 
C 3 HOH 36  336 36  HOH HOH A . 
C 3 HOH 37  337 37  HOH HOH A . 
C 3 HOH 38  338 38  HOH HOH A . 
C 3 HOH 39  339 39  HOH HOH A . 
C 3 HOH 40  340 40  HOH HOH A . 
C 3 HOH 41  341 41  HOH HOH A . 
C 3 HOH 42  342 42  HOH HOH A . 
C 3 HOH 43  343 43  HOH HOH A . 
C 3 HOH 44  344 44  HOH HOH A . 
C 3 HOH 45  345 45  HOH HOH A . 
C 3 HOH 46  346 46  HOH HOH A . 
C 3 HOH 47  347 47  HOH HOH A . 
C 3 HOH 48  348 48  HOH HOH A . 
C 3 HOH 49  349 49  HOH HOH A . 
C 3 HOH 50  350 50  HOH HOH A . 
C 3 HOH 51  351 51  HOH HOH A . 
C 3 HOH 52  352 52  HOH HOH A . 
C 3 HOH 53  353 53  HOH HOH A . 
C 3 HOH 54  354 54  HOH HOH A . 
C 3 HOH 55  355 55  HOH HOH A . 
C 3 HOH 56  356 56  HOH HOH A . 
C 3 HOH 57  357 57  HOH HOH A . 
C 3 HOH 58  358 58  HOH HOH A . 
C 3 HOH 59  359 59  HOH HOH A . 
C 3 HOH 60  360 60  HOH HOH A . 
C 3 HOH 61  361 61  HOH HOH A . 
C 3 HOH 62  362 62  HOH HOH A . 
C 3 HOH 63  363 63  HOH HOH A . 
C 3 HOH 64  364 64  HOH HOH A . 
C 3 HOH 65  365 65  HOH HOH A . 
C 3 HOH 66  366 66  HOH HOH A . 
C 3 HOH 67  367 67  HOH HOH A . 
C 3 HOH 68  368 68  HOH HOH A . 
C 3 HOH 69  369 69  HOH HOH A . 
C 3 HOH 70  370 70  HOH HOH A . 
C 3 HOH 71  371 71  HOH HOH A . 
C 3 HOH 72  372 72  HOH HOH A . 
C 3 HOH 73  373 73  HOH HOH A . 
C 3 HOH 74  374 74  HOH HOH A . 
C 3 HOH 75  375 75  HOH HOH A . 
C 3 HOH 76  376 76  HOH HOH A . 
C 3 HOH 77  377 77  HOH HOH A . 
C 3 HOH 78  378 78  HOH HOH A . 
C 3 HOH 79  379 79  HOH HOH A . 
C 3 HOH 80  380 80  HOH HOH A . 
C 3 HOH 81  381 81  HOH HOH A . 
C 3 HOH 82  382 82  HOH HOH A . 
C 3 HOH 83  383 83  HOH HOH A . 
C 3 HOH 84  384 84  HOH HOH A . 
C 3 HOH 85  385 85  HOH HOH A . 
C 3 HOH 86  386 86  HOH HOH A . 
C 3 HOH 87  387 87  HOH HOH A . 
C 3 HOH 88  388 88  HOH HOH A . 
C 3 HOH 89  389 89  HOH HOH A . 
C 3 HOH 90  390 90  HOH HOH A . 
C 3 HOH 91  391 91  HOH HOH A . 
C 3 HOH 92  392 92  HOH HOH A . 
C 3 HOH 93  393 93  HOH HOH A . 
C 3 HOH 94  394 94  HOH HOH A . 
C 3 HOH 95  395 95  HOH HOH A . 
C 3 HOH 96  396 96  HOH HOH A . 
C 3 HOH 97  397 97  HOH HOH A . 
C 3 HOH 98  398 98  HOH HOH A . 
C 3 HOH 99  399 99  HOH HOH A . 
C 3 HOH 100 400 100 HOH HOH A . 
C 3 HOH 101 401 101 HOH HOH A . 
C 3 HOH 102 402 102 HOH HOH A . 
C 3 HOH 103 403 103 HOH HOH A . 
C 3 HOH 104 404 104 HOH HOH A . 
C 3 HOH 105 405 105 HOH HOH A . 
C 3 HOH 106 406 106 HOH HOH A . 
C 3 HOH 107 407 107 HOH HOH A . 
C 3 HOH 108 408 108 HOH HOH A . 
C 3 HOH 109 409 109 HOH HOH A . 
C 3 HOH 110 410 110 HOH HOH A . 
C 3 HOH 111 411 111 HOH HOH A . 
C 3 HOH 112 412 112 HOH HOH A . 
C 3 HOH 113 413 113 HOH HOH A . 
C 3 HOH 114 414 114 HOH HOH A . 
C 3 HOH 115 415 115 HOH HOH A . 
C 3 HOH 116 416 116 HOH HOH A . 
C 3 HOH 117 417 117 HOH HOH A . 
C 3 HOH 118 418 118 HOH HOH A . 
C 3 HOH 119 419 119 HOH HOH A . 
C 3 HOH 120 420 120 HOH HOH A . 
C 3 HOH 121 421 121 HOH HOH A . 
C 3 HOH 122 422 122 HOH HOH A . 
C 3 HOH 123 423 123 HOH HOH A . 
C 3 HOH 124 424 124 HOH HOH A . 
C 3 HOH 125 425 125 HOH HOH A . 
C 3 HOH 126 426 126 HOH HOH A . 
C 3 HOH 127 427 127 HOH HOH A . 
C 3 HOH 128 428 128 HOH HOH A . 
C 3 HOH 129 429 129 HOH HOH A . 
C 3 HOH 130 430 130 HOH HOH A . 
C 3 HOH 131 431 131 HOH HOH A . 
C 3 HOH 132 432 132 HOH HOH A . 
C 3 HOH 133 433 133 HOH HOH A . 
C 3 HOH 134 434 134 HOH HOH A . 
C 3 HOH 135 435 135 HOH HOH A . 
C 3 HOH 136 436 136 HOH HOH A . 
C 3 HOH 137 437 137 HOH HOH A . 
C 3 HOH 138 438 138 HOH HOH A . 
C 3 HOH 139 439 139 HOH HOH A . 
C 3 HOH 140 440 140 HOH HOH A . 
C 3 HOH 141 441 141 HOH HOH A . 
C 3 HOH 142 442 142 HOH HOH A . 
C 3 HOH 143 443 143 HOH HOH A . 
C 3 HOH 144 444 144 HOH HOH A . 
C 3 HOH 145 445 145 HOH HOH A . 
C 3 HOH 146 446 146 HOH HOH A . 
C 3 HOH 147 447 147 HOH HOH A . 
C 3 HOH 148 448 148 HOH HOH A . 
C 3 HOH 149 449 149 HOH HOH A . 
C 3 HOH 150 450 150 HOH HOH A . 
C 3 HOH 151 451 151 HOH HOH A . 
C 3 HOH 152 452 152 HOH HOH A . 
# 
loop_
_pdbx_unobs_or_zero_occ_atoms.id 
_pdbx_unobs_or_zero_occ_atoms.PDB_model_num 
_pdbx_unobs_or_zero_occ_atoms.polymer_flag 
_pdbx_unobs_or_zero_occ_atoms.occupancy_flag 
_pdbx_unobs_or_zero_occ_atoms.auth_asym_id 
_pdbx_unobs_or_zero_occ_atoms.auth_comp_id 
_pdbx_unobs_or_zero_occ_atoms.auth_seq_id 
_pdbx_unobs_or_zero_occ_atoms.PDB_ins_code 
_pdbx_unobs_or_zero_occ_atoms.auth_atom_id 
_pdbx_unobs_or_zero_occ_atoms.label_alt_id 
_pdbx_unobs_or_zero_occ_atoms.label_asym_id 
_pdbx_unobs_or_zero_occ_atoms.label_comp_id 
_pdbx_unobs_or_zero_occ_atoms.label_seq_id 
_pdbx_unobs_or_zero_occ_atoms.label_atom_id 
1 1 Y 1 A GLU 167 ? CG  ? A GLU 125 CG  
2 1 Y 1 A GLU 167 ? CD  ? A GLU 125 CD  
3 1 Y 1 A GLU 167 ? OE1 ? A GLU 125 OE1 
4 1 Y 1 A GLU 167 ? OE2 ? A GLU 125 OE2 
# 
loop_
_software.pdbx_ordinal 
_software.name 
_software.version 
_software.date 
_software.type 
_software.contact_author 
_software.contact_author_email 
_software.classification 
_software.location 
_software.language 
_software.citation_id 
1 XSCALE      .        ?                          package 'Wolfgang Kabsch' ?                           'data scaling'    
http://www.mpimf-heidelberg.mpg.de/~kabsch/xds/html_doc/xscale_program.html ?   ? 
2 PHASER      2.1.4    'Wed Jun 24 14:00:05 2009' program 'Randy J. Read'   cimr-phaser@lists.cam.ac.uk phasing           
http://www-structmed.cimr.cam.ac.uk/phaser/                                 ?   ? 
3 PHENIX      1.8_1069 ?                          package 'Paul D. Adams'   PDAdams@lbl.gov             refinement        
http://www.phenix-online.org/                                               C++ ? 
4 PDB_EXTRACT 3.11     'April 22, 2011'           package PDB               deposit@deposit.rcsb.org    'data extraction' 
http://sw-tools.pdb.org/apps/PDB_EXTRACT/                                   C++ ? 
5 Blu-Ice     .        ?                          ?       ?                 ?                           'data collection' ? ?   ? 
6 XDS         .        ?                          ?       ?                 ?                           'data reduction'  ? ?   ? 
# 
_cell.length_a           32.100 
_cell.length_b           47.110 
_cell.length_c           79.050 
_cell.angle_alpha        90.000 
_cell.angle_beta         90.000 
_cell.angle_gamma        90.000 
_cell.entry_id           4HXL 
_cell.pdbx_unique_axis   ? 
_cell.Z_PDB              4 
_cell.length_a_esd       ? 
_cell.length_b_esd       ? 
_cell.length_c_esd       ? 
_cell.angle_alpha_esd    ? 
_cell.angle_beta_esd     ? 
_cell.angle_gamma_esd    ? 
# 
_symmetry.space_group_name_H-M             'P 21 21 21' 
_symmetry.entry_id                         4HXL 
_symmetry.Int_Tables_number                19 
_symmetry.pdbx_full_space_group_name_H-M   ? 
_symmetry.cell_setting                     ? 
_symmetry.space_group_name_Hall            ? 
# 
_exptl.crystals_number   1 
_exptl.entry_id          4HXL 
_exptl.method            'X-RAY DIFFRACTION' 
# 
_exptl_crystal.id                    1 
_exptl_crystal.density_Matthews      2.01 
_exptl_crystal.density_meas          ? 
_exptl_crystal.density_percent_sol   38.74 
_exptl_crystal.description           ? 
_exptl_crystal.F_000                 ? 
_exptl_crystal.preparation           ? 
# 
_exptl_crystal_grow.crystal_id      1 
_exptl_crystal_grow.method          'VAPOR DIFFUSION, HANGING DROP' 
_exptl_crystal_grow.pH              ? 
_exptl_crystal_grow.temp            293 
_exptl_crystal_grow.pdbx_details    '3.6M Na formate, 10% glycerol, vapor diffusion, hanging drop, temperature 293K' 
_exptl_crystal_grow.temp_details    ? 
_exptl_crystal_grow.pdbx_pH_range   ? 
# 
_diffrn.id                     1 
_diffrn.ambient_temp           100 
_diffrn.ambient_temp_details   ? 
_diffrn.crystal_id             1 
# 
_diffrn_detector.diffrn_id              1 
_diffrn_detector.detector               CCD 
_diffrn_detector.type                   'ADSC QUANTUM 315r' 
_diffrn_detector.pdbx_collection_date   2012-10-21 
_diffrn_detector.details                ? 
# 
_diffrn_radiation.diffrn_id                        1 
_diffrn_radiation.pdbx_diffrn_protocol             'SINGLE WAVELENGTH' 
_diffrn_radiation.monochromator                    ? 
_diffrn_radiation.wavelength_id                    1 
_diffrn_radiation.pdbx_monochromatic_or_laue_m_l   M 
_diffrn_radiation.pdbx_scattering_type             x-ray 
# 
_diffrn_radiation_wavelength.id           1 
_diffrn_radiation_wavelength.wavelength   0.979 
_diffrn_radiation_wavelength.wt           1.0 
# 
_diffrn_source.diffrn_id                   1 
_diffrn_source.source                      SYNCHROTRON 
_diffrn_source.type                        'SSRF BEAMLINE BL17U' 
_diffrn_source.pdbx_wavelength_list        0.979 
_diffrn_source.pdbx_wavelength             ? 
_diffrn_source.pdbx_synchrotron_site       SSRF 
_diffrn_source.pdbx_synchrotron_beamline   BL17U 
# 
_reflns.entry_id                     4HXL 
_reflns.d_resolution_high            1.520 
_reflns.number_obs                   ? 
_reflns.pdbx_Rmerge_I_obs            0.040 
_reflns.pdbx_netI_over_sigmaI        21.490 
_reflns.percent_possible_obs         99.100 
_reflns.B_iso_Wilson_estimate        18.987 
_reflns.observed_criterion_sigma_I   -3.000 
_reflns.observed_criterion_sigma_F   ? 
_reflns.d_resolution_low             30.2790 
_reflns.number_all                   ? 
_reflns.pdbx_Rsym_value              ? 
_reflns.pdbx_redundancy              ? 
_reflns.R_free_details               ? 
_reflns.limit_h_max                  ? 
_reflns.limit_h_min                  ? 
_reflns.limit_k_max                  ? 
_reflns.limit_k_min                  ? 
_reflns.limit_l_max                  ? 
_reflns.limit_l_min                  ? 
_reflns.observed_criterion_F_max     ? 
_reflns.observed_criterion_F_min     ? 
_reflns.pdbx_chi_squared             ? 
_reflns.pdbx_scaling_rejects         ? 
_reflns.pdbx_ordinal                 1 
_reflns.pdbx_diffrn_id               1 
# 
loop_
_reflns_shell.d_res_high 
_reflns_shell.d_res_low 
_reflns_shell.number_measured_obs 
_reflns_shell.number_measured_all 
_reflns_shell.number_unique_obs 
_reflns_shell.Rmerge_I_obs 
_reflns_shell.meanI_over_sigI_obs 
_reflns_shell.pdbx_Rsym_value 
_reflns_shell.pdbx_chi_squared 
_reflns_shell.pdbx_redundancy 
_reflns_shell.percent_possible_obs 
_reflns_shell.number_unique_all 
_reflns_shell.percent_possible_all 
_reflns_shell.pdbx_ordinal 
_reflns_shell.pdbx_diffrn_id 
1.520 1.560 9746 ? 2597 0.132 9.420  ? ? ? ? ? 99.400 1  1 
1.560 1.600 9704 ? 2579 0.113 10.850 ? ? ? ? ? 98.900 2  1 
1.600 1.650 9239 ? 2457 0.104 11.620 ? ? ? ? ? 98.900 3  1 
1.650 1.700 9097 ? 2416 0.094 13.220 ? ? ? ? ? 99.100 4  1 
1.700 1.760 8771 ? 2336 0.084 14.070 ? ? ? ? ? 99.400 5  1 
1.760 1.820 8483 ? 2265 0.069 16.190 ? ? ? ? ? 99.500 6  1 
1.820 1.890 8194 ? 2188 0.066 17.210 ? ? ? ? ? 99.600 7  1 
1.890 1.960 7852 ? 2098 0.054 20.620 ? ? ? ? ? 99.600 8  1 
1.960 2.050 7588 ? 2028 0.046 23.280 ? ? ? ? ? 99.600 9  1 
2.050 2.150 7211 ? 1930 0.043 25.790 ? ? ? ? ? 99.500 10 1 
2.150 2.270 6866 ? 1833 0.039 27.830 ? ? ? ? ? 99.700 11 1 
2.270 2.400 6428 ? 1715 0.039 28.530 ? ? ? ? ? 99.700 12 1 
2.400 2.570 6183 ? 1640 0.037 29.910 ? ? ? ? ? 99.600 13 1 
2.570 2.780 5652 ? 1513 0.036 31.620 ? ? ? ? ? 99.500 14 1 
2.780 3.040 5220 ? 1395 0.035 33.030 ? ? ? ? ? 99.700 15 1 
3.040 3.400 4632 ? 1266 0.033 34.150 ? ? ? ? ? 99.300 16 1 
3.400 3.920 4102 ? 1104 0.030 37.210 ? ? ? ? ? 99.000 17 1 
3.920 4.810 3339 ? 891  0.029 37.280 ? ? ? ? ? 94.900 18 1 
4.810 6.800 2666 ? 718  0.030 36.350 ? ? ? ? ? 98.000 19 1 
6.800 ?     1133 ? 333  0.033 35.360 ? ? ? ? ? 83.000 20 1 
# 
_refine.entry_id                                 4HXL 
_refine.ls_d_res_high                            1.5200 
_refine.ls_d_res_low                             30.2790 
_refine.pdbx_ls_sigma_F                          2.010 
_refine.pdbx_data_cutoff_high_absF               ? 
_refine.pdbx_data_cutoff_low_absF                ? 
_refine.ls_percent_reflns_obs                    99.1200 
_refine.ls_number_reflns_obs                     18944 
_refine.ls_number_reflns_all                     ? 
_refine.pdbx_ls_cross_valid_method               ? 
_refine.pdbx_R_Free_selection_details            ? 
_refine.details                                  ? 
_refine.ls_R_factor_all                          ? 
_refine.ls_R_factor_obs                          0.1710 
_refine.ls_R_factor_R_work                       0.1703 
_refine.ls_wR_factor_R_work                      ? 
_refine.ls_R_factor_R_free                       0.1914 
_refine.ls_wR_factor_R_free                      ? 
_refine.ls_percent_reflns_R_free                 3.0000 
_refine.ls_number_reflns_R_free                  568 
_refine.ls_R_factor_R_free_error                 ? 
_refine.B_iso_mean                               17.6099 
_refine.solvent_model_param_bsol                 ? 
_refine.solvent_model_param_ksol                 ? 
_refine.pdbx_isotropic_thermal_model             ? 
_refine.aniso_B[1][1]                            ? 
_refine.aniso_B[2][2]                            ? 
_refine.aniso_B[3][3]                            ? 
_refine.aniso_B[1][2]                            ? 
_refine.aniso_B[1][3]                            ? 
_refine.aniso_B[2][3]                            ? 
_refine.correlation_coeff_Fo_to_Fc               ? 
_refine.correlation_coeff_Fo_to_Fc_free          ? 
_refine.overall_SU_R_Cruickshank_DPI             ? 
_refine.overall_SU_R_free                        ? 
_refine.pdbx_overall_ESU_R                       ? 
_refine.pdbx_overall_ESU_R_Free                  ? 
_refine.overall_SU_ML                            0.0800 
_refine.overall_SU_B                             ? 
_refine.solvent_model_details                    'FLAT BULK SOLVENT MODEL' 
_refine.pdbx_solvent_vdw_probe_radii             1.1100 
_refine.pdbx_solvent_ion_probe_radii             ? 
_refine.pdbx_solvent_shrinkage_radii             0.9000 
_refine.ls_number_parameters                     ? 
_refine.ls_number_restraints                     ? 
_refine.pdbx_starting_model                      ? 
_refine.pdbx_method_to_determine_struct          'MOLECULAR REPLACEMENT' 
_refine.pdbx_stereochemistry_target_values       MLHL 
_refine.pdbx_stereochem_target_val_spec_case     ? 
_refine.overall_FOM_work_R_set                   0.8748 
_refine.B_iso_max                                44.170 
_refine.B_iso_min                                9.650 
_refine.pdbx_overall_phase_error                 18.9800 
_refine.occupancy_max                            1.000 
_refine.occupancy_min                            1.000 
_refine.pdbx_ls_sigma_I                          ? 
_refine.ls_redundancy_reflns_obs                 ? 
_refine.ls_R_factor_R_free_error_details         ? 
_refine.pdbx_data_cutoff_high_rms_absF           ? 
_refine.overall_FOM_free_R_set                   ? 
_refine.pdbx_diffrn_id                           1 
_refine.pdbx_refine_id                           'X-RAY DIFFRACTION' 
_refine.pdbx_TLS_residual_ADP_flag               ? 
_refine.pdbx_overall_SU_R_free_Cruickshank_DPI   ? 
_refine.pdbx_overall_SU_R_Blow_DPI               ? 
_refine.pdbx_overall_SU_R_free_Blow_DPI          ? 
# 
_refine_hist.pdbx_refine_id                   'X-RAY DIFFRACTION' 
_refine_hist.cycle_id                         LAST 
_refine_hist.pdbx_number_atoms_protein        1042 
_refine_hist.pdbx_number_atoms_nucleic_acid   0 
_refine_hist.pdbx_number_atoms_ligand         32 
_refine_hist.number_atoms_solvent             152 
_refine_hist.number_atoms_total               1226 
_refine_hist.d_res_high                       1.5200 
_refine_hist.d_res_low                        30.2790 
# 
loop_
_refine_ls_restr.type 
_refine_ls_restr.number 
_refine_ls_restr.dev_ideal 
_refine_ls_restr.dev_ideal_target 
_refine_ls_restr.weight 
_refine_ls_restr.pdbx_restraint_function 
_refine_ls_restr.pdbx_refine_id 
f_bond_d           1107 0.006  ? ? ? 'X-RAY DIFFRACTION' 
f_angle_d          1508 1.144  ? ? ? 'X-RAY DIFFRACTION' 
f_chiral_restr     157  0.074  ? ? ? 'X-RAY DIFFRACTION' 
f_plane_restr      192  0.005  ? ? ? 'X-RAY DIFFRACTION' 
f_dihedral_angle_d 434  15.561 ? ? ? 'X-RAY DIFFRACTION' 
# 
loop_
_refine_ls_shell.d_res_high 
_refine_ls_shell.d_res_low 
_refine_ls_shell.pdbx_total_number_of_bins_used 
_refine_ls_shell.percent_reflns_obs 
_refine_ls_shell.number_reflns_R_work 
_refine_ls_shell.R_factor_all 
_refine_ls_shell.R_factor_R_work 
_refine_ls_shell.R_factor_R_free 
_refine_ls_shell.percent_reflns_R_free 
_refine_ls_shell.number_reflns_R_free 
_refine_ls_shell.R_factor_R_free_error 
_refine_ls_shell.number_reflns_all 
_refine_ls_shell.number_reflns_obs 
_refine_ls_shell.redundancy_reflns_obs 
_refine_ls_shell.pdbx_refine_id 
1.5201 1.6730  4 99.0000  4515 . 0.1624 0.1930 . 139 . 4654 . . 'X-RAY DIFFRACTION' 
1.6730 1.9151  4 99.0000  4527 . 0.1639 0.2091 . 140 . 4667 . . 'X-RAY DIFFRACTION' 
1.9151 2.4126  4 100.0000 4600 . 0.1704 0.1924 . 142 . 4742 . . 'X-RAY DIFFRACTION' 
2.4126 30.2855 4 98.0000  4734 . 0.1739 0.1860 . 147 . 4881 . . 'X-RAY DIFFRACTION' 
# 
_struct.entry_id                  4HXL 
_struct.title                     
;Brd4 Bromodomain 1 complex with 3-CYCLOHEXYL-N-{3-(2-OXO-2,3-DIHYDRO-1,3-THIAZOL-4-YL)-5-[(THIOPHEN-2-YLSULFONYL)AMINO]PHENYL}PROPANAMIDE inhibitor
;
_struct.pdbx_model_details        ? 
_struct.pdbx_CASP_flag            ? 
_struct.pdbx_model_type_details   ? 
# 
_struct_keywords.entry_id        4HXL 
_struct_keywords.text            'BRD4, Bromodomain, four alpha helices, PROTEIN BINDING-INHIBITOR complex' 
_struct_keywords.pdbx_keywords   'PROTEIN BINDING/INHIBITOR' 
# 
loop_
_struct_asym.id 
_struct_asym.pdbx_blank_PDB_chainid_flag 
_struct_asym.pdbx_modified 
_struct_asym.entity_id 
_struct_asym.details 
A N N 1 ? 
B N N 2 ? 
C N N 3 ? 
# 
_struct_ref.id                         1 
_struct_ref.db_name                    UNP 
_struct_ref.db_code                    BRD4_HUMAN 
_struct_ref.pdbx_db_accession          O60885 
_struct_ref.entity_id                  1 
_struct_ref.pdbx_seq_one_letter_code   
;NPPPPETSNPNKPKRQTNQLQYLLRVVLKTLWKHQFAWPFQQPVDAVKLNLPDYYKIIKTPMDMGTIKKRLENNYYWNAQ
ECIQDFNTMFTNCYIYNKPGDDIVLMAEALEKLFLQKINELPTE
;
_struct_ref.pdbx_align_begin           44 
_struct_ref.pdbx_db_isoform            ? 
# 
_struct_ref_seq.align_id                      1 
_struct_ref_seq.ref_id                        1 
_struct_ref_seq.pdbx_PDB_id_code              4HXL 
_struct_ref_seq.pdbx_strand_id                A 
_struct_ref_seq.seq_align_beg                 2 
_struct_ref_seq.pdbx_seq_align_beg_ins_code   ? 
_struct_ref_seq.seq_align_end                 125 
_struct_ref_seq.pdbx_seq_align_end_ins_code   ? 
_struct_ref_seq.pdbx_db_accession             O60885 
_struct_ref_seq.db_align_beg                  44 
_struct_ref_seq.pdbx_db_align_beg_ins_code    ? 
_struct_ref_seq.db_align_end                  167 
_struct_ref_seq.pdbx_db_align_end_ins_code    ? 
_struct_ref_seq.pdbx_auth_seq_align_beg       44 
_struct_ref_seq.pdbx_auth_seq_align_end       167 
# 
_struct_ref_seq_dif.align_id                     1 
_struct_ref_seq_dif.pdbx_pdb_id_code             4HXL 
_struct_ref_seq_dif.mon_id                       MET 
_struct_ref_seq_dif.pdbx_pdb_strand_id           A 
_struct_ref_seq_dif.seq_num                      1 
_struct_ref_seq_dif.pdbx_pdb_ins_code            ? 
_struct_ref_seq_dif.pdbx_seq_db_name             UNP 
_struct_ref_seq_dif.pdbx_seq_db_accession_code   O60885 
_struct_ref_seq_dif.db_mon_id                    ? 
_struct_ref_seq_dif.pdbx_seq_db_seq_num          ? 
_struct_ref_seq_dif.details                      'expression tag' 
_struct_ref_seq_dif.pdbx_auth_seq_num            43 
_struct_ref_seq_dif.pdbx_ordinal                 1 
# 
_pdbx_struct_assembly.id                   1 
_pdbx_struct_assembly.details              author_and_software_defined_assembly 
_pdbx_struct_assembly.method_details       PISA 
_pdbx_struct_assembly.oligomeric_details   monomeric 
_pdbx_struct_assembly.oligomeric_count     1 
# 
_pdbx_struct_assembly_gen.assembly_id       1 
_pdbx_struct_assembly_gen.oper_expression   1 
_pdbx_struct_assembly_gen.asym_id_list      A,B,C 
# 
_pdbx_struct_oper_list.id                   1 
_pdbx_struct_oper_list.type                 'identity operation' 
_pdbx_struct_oper_list.name                 1_555 
_pdbx_struct_oper_list.symmetry_operation   x,y,z 
_pdbx_struct_oper_list.matrix[1][1]         1.0000000000 
_pdbx_struct_oper_list.matrix[1][2]         0.0000000000 
_pdbx_struct_oper_list.matrix[1][3]         0.0000000000 
_pdbx_struct_oper_list.vector[1]            0.0000000000 
_pdbx_struct_oper_list.matrix[2][1]         0.0000000000 
_pdbx_struct_oper_list.matrix[2][2]         1.0000000000 
_pdbx_struct_oper_list.matrix[2][3]         0.0000000000 
_pdbx_struct_oper_list.vector[2]            0.0000000000 
_pdbx_struct_oper_list.matrix[3][1]         0.0000000000 
_pdbx_struct_oper_list.matrix[3][2]         0.0000000000 
_pdbx_struct_oper_list.matrix[3][3]         1.0000000000 
_pdbx_struct_oper_list.vector[3]            0.0000000000 
# 
_struct_biol.id        1 
_struct_biol.details   ? 
# 
loop_
_struct_conf.conf_type_id 
_struct_conf.id 
_struct_conf.pdbx_PDB_helix_id 
_struct_conf.beg_label_comp_id 
_struct_conf.beg_label_asym_id 
_struct_conf.beg_label_seq_id 
_struct_conf.pdbx_beg_PDB_ins_code 
_struct_conf.end_label_comp_id 
_struct_conf.end_label_asym_id 
_struct_conf.end_label_seq_id 
_struct_conf.pdbx_end_PDB_ins_code 
_struct_conf.beg_auth_comp_id 
_struct_conf.beg_auth_asym_id 
_struct_conf.beg_auth_seq_id 
_struct_conf.end_auth_comp_id 
_struct_conf.end_auth_asym_id 
_struct_conf.end_auth_seq_id 
_struct_conf.pdbx_PDB_helix_class 
_struct_conf.details 
_struct_conf.pdbx_PDB_helix_length 
HELX_P HELX_P1 1 THR A 18  ? VAL A 27  ? THR A 60  VAL A 69  1 ? 10 
HELX_P HELX_P2 2 VAL A 27  ? TRP A 33  ? VAL A 69  TRP A 75  1 ? 7  
HELX_P HELX_P3 3 ALA A 38  ? GLN A 42  ? ALA A 80  GLN A 84  5 ? 5  
HELX_P HELX_P4 4 ASP A 54  ? ILE A 59  ? ASP A 96  ILE A 101 1 ? 6  
HELX_P HELX_P5 5 ASP A 64  ? ASN A 74  ? ASP A 106 ASN A 116 1 ? 11 
HELX_P HELX_P6 6 ASN A 79  ? ASN A 98  ? ASN A 121 ASN A 140 1 ? 20 
HELX_P HELX_P7 7 ASP A 102 ? ASN A 120 ? ASP A 144 ASN A 162 1 ? 19 
# 
_struct_conf_type.id          HELX_P 
_struct_conf_type.criteria    ? 
_struct_conf_type.reference   ? 
# 
_struct_site.id                   AC1 
_struct_site.pdbx_evidence_code   Software 
_struct_site.pdbx_auth_asym_id    A 
_struct_site.pdbx_auth_comp_id    1A9 
_struct_site.pdbx_auth_seq_id     201 
_struct_site.pdbx_auth_ins_code   ? 
_struct_site.pdbx_num_residues    15 
_struct_site.details              'BINDING SITE FOR RESIDUE 1A9 A 201' 
# 
loop_
_struct_site_gen.id 
_struct_site_gen.site_id 
_struct_site_gen.pdbx_num_res 
_struct_site_gen.label_comp_id 
_struct_site_gen.label_asym_id 
_struct_site_gen.label_seq_id 
_struct_site_gen.pdbx_auth_ins_code 
_struct_site_gen.auth_comp_id 
_struct_site_gen.auth_asym_id 
_struct_site_gen.auth_seq_id 
_struct_site_gen.label_atom_id 
_struct_site_gen.label_alt_id 
_struct_site_gen.symmetry 
_struct_site_gen.details 
1  AC1 15 TRP A 39  ? TRP A 81  . ? 1_555 ? 
2  AC1 15 PRO A 40  ? PRO A 82  . ? 1_555 ? 
3  AC1 15 GLN A 43  ? GLN A 85  . ? 1_555 ? 
4  AC1 15 LEU A 50  ? LEU A 92  . ? 1_555 ? 
5  AC1 15 ASN A 51  ? ASN A 93  . ? 4_545 ? 
6  AC1 15 ASP A 54  ? ASP A 96  . ? 4_545 ? 
7  AC1 15 LYS A 57  ? LYS A 99  . ? 4_545 ? 
8  AC1 15 ILE A 58  ? ILE A 100 . ? 4_545 ? 
9  AC1 15 ASN A 98  ? ASN A 140 . ? 1_555 ? 
10 AC1 15 ILE A 104 ? ILE A 146 . ? 1_555 ? 
11 AC1 15 HOH C .   ? HOH A 307 . ? 1_555 ? 
12 AC1 15 HOH C .   ? HOH A 325 . ? 1_555 ? 
13 AC1 15 HOH C .   ? HOH A 364 . ? 1_555 ? 
14 AC1 15 HOH C .   ? HOH A 374 . ? 1_555 ? 
15 AC1 15 HOH C .   ? HOH A 380 . ? 4_545 ? 
# 
loop_
_pdbx_validate_torsion.id 
_pdbx_validate_torsion.PDB_model_num 
_pdbx_validate_torsion.auth_comp_id 
_pdbx_validate_torsion.auth_asym_id 
_pdbx_validate_torsion.auth_seq_id 
_pdbx_validate_torsion.PDB_ins_code 
_pdbx_validate_torsion.label_alt_id 
_pdbx_validate_torsion.phi 
_pdbx_validate_torsion.psi 
1 1 ASN A 52  ? ? -161.12 107.29  
2 1 ASN A 140 ? ? -112.56 -147.34 
# 
_pdbx_phasing_MR.entry_id                     4HXL 
_pdbx_phasing_MR.method_rotation              ? 
_pdbx_phasing_MR.method_translation           ? 
_pdbx_phasing_MR.model_details                'Phaser MODE: MR_AUTO' 
_pdbx_phasing_MR.R_factor                     ? 
_pdbx_phasing_MR.R_rigid_body                 ? 
_pdbx_phasing_MR.correlation_coeff_Fo_to_Fc   ? 
_pdbx_phasing_MR.correlation_coeff_Io_to_Ic   ? 
_pdbx_phasing_MR.d_res_high_rotation          1.520 
_pdbx_phasing_MR.d_res_low_rotation           40.470 
_pdbx_phasing_MR.d_res_high_translation       1.520 
_pdbx_phasing_MR.d_res_low_translation        40.470 
_pdbx_phasing_MR.packing                      ? 
_pdbx_phasing_MR.reflns_percent_rotation      ? 
_pdbx_phasing_MR.reflns_percent_translation   ? 
_pdbx_phasing_MR.sigma_F_rotation             ? 
_pdbx_phasing_MR.sigma_F_translation          ? 
_pdbx_phasing_MR.sigma_I_rotation             ? 
_pdbx_phasing_MR.sigma_I_translation          ? 
# 
_phasing.method   MR 
# 
loop_
_chem_comp_atom.comp_id 
_chem_comp_atom.atom_id 
_chem_comp_atom.type_symbol 
_chem_comp_atom.pdbx_aromatic_flag 
_chem_comp_atom.pdbx_stereo_config 
_chem_comp_atom.pdbx_ordinal 
1A9 CAP  C N N 1   
1A9 CAM  C N N 2   
1A9 CAL  C N N 3   
1A9 CAN  C N N 4   
1A9 CAQ  C N N 5   
1A9 CBE  C N N 6   
1A9 CAR  C N N 7   
1A9 CAO  C N N 8   
1A9 CAX  C N N 9   
1A9 OAA  O N N 10  
1A9 NAS  N N N 11  
1A9 CAY  C Y N 12  
1A9 CAI  C Y N 13  
1A9 CAJ  C Y N 14  
1A9 CBA  C Y N 15  
1A9 CBB  C N N 16  
1A9 CAH  C N N 17  
1A9 SAW  S N N 18  
1A9 CBD  C N N 19  
1A9 OAB  O N N 20  
1A9 NAU  N N N 21  
1A9 CAK  C Y N 22  
1A9 CAZ  C Y N 23  
1A9 NAT  N N N 24  
1A9 SBF  S N N 25  
1A9 OAC  O N N 26  
1A9 OAD  O N N 27  
1A9 CBC  C Y N 28  
1A9 SAV  S Y N 29  
1A9 CAF  C Y N 30  
1A9 CAE  C Y N 31  
1A9 CAG  C Y N 32  
1A9 H1   H N N 33  
1A9 H2   H N N 34  
1A9 H3   H N N 35  
1A9 H4   H N N 36  
1A9 H5   H N N 37  
1A9 H6   H N N 38  
1A9 H7   H N N 39  
1A9 H8   H N N 40  
1A9 H9   H N N 41  
1A9 H10  H N N 42  
1A9 H11  H N N 43  
1A9 H12  H N N 44  
1A9 H13  H N N 45  
1A9 H14  H N N 46  
1A9 H15  H N N 47  
1A9 H16  H N N 48  
1A9 H17  H N N 49  
1A9 H18  H N N 50  
1A9 H19  H N N 51  
1A9 H20  H N N 52  
1A9 H21  H N N 53  
1A9 H22  H N N 54  
1A9 H23  H N N 55  
1A9 H24  H N N 56  
1A9 H25  H N N 57  
ALA N    N N N 58  
ALA CA   C N S 59  
ALA C    C N N 60  
ALA O    O N N 61  
ALA CB   C N N 62  
ALA OXT  O N N 63  
ALA H    H N N 64  
ALA H2   H N N 65  
ALA HA   H N N 66  
ALA HB1  H N N 67  
ALA HB2  H N N 68  
ALA HB3  H N N 69  
ALA HXT  H N N 70  
ARG N    N N N 71  
ARG CA   C N S 72  
ARG C    C N N 73  
ARG O    O N N 74  
ARG CB   C N N 75  
ARG CG   C N N 76  
ARG CD   C N N 77  
ARG NE   N N N 78  
ARG CZ   C N N 79  
ARG NH1  N N N 80  
ARG NH2  N N N 81  
ARG OXT  O N N 82  
ARG H    H N N 83  
ARG H2   H N N 84  
ARG HA   H N N 85  
ARG HB2  H N N 86  
ARG HB3  H N N 87  
ARG HG2  H N N 88  
ARG HG3  H N N 89  
ARG HD2  H N N 90  
ARG HD3  H N N 91  
ARG HE   H N N 92  
ARG HH11 H N N 93  
ARG HH12 H N N 94  
ARG HH21 H N N 95  
ARG HH22 H N N 96  
ARG HXT  H N N 97  
ASN N    N N N 98  
ASN CA   C N S 99  
ASN C    C N N 100 
ASN O    O N N 101 
ASN CB   C N N 102 
ASN CG   C N N 103 
ASN OD1  O N N 104 
ASN ND2  N N N 105 
ASN OXT  O N N 106 
ASN H    H N N 107 
ASN H2   H N N 108 
ASN HA   H N N 109 
ASN HB2  H N N 110 
ASN HB3  H N N 111 
ASN HD21 H N N 112 
ASN HD22 H N N 113 
ASN HXT  H N N 114 
ASP N    N N N 115 
ASP CA   C N S 116 
ASP C    C N N 117 
ASP O    O N N 118 
ASP CB   C N N 119 
ASP CG   C N N 120 
ASP OD1  O N N 121 
ASP OD2  O N N 122 
ASP OXT  O N N 123 
ASP H    H N N 124 
ASP H2   H N N 125 
ASP HA   H N N 126 
ASP HB2  H N N 127 
ASP HB3  H N N 128 
ASP HD2  H N N 129 
ASP HXT  H N N 130 
CYS N    N N N 131 
CYS CA   C N R 132 
CYS C    C N N 133 
CYS O    O N N 134 
CYS CB   C N N 135 
CYS SG   S N N 136 
CYS OXT  O N N 137 
CYS H    H N N 138 
CYS H2   H N N 139 
CYS HA   H N N 140 
CYS HB2  H N N 141 
CYS HB3  H N N 142 
CYS HG   H N N 143 
CYS HXT  H N N 144 
GLN N    N N N 145 
GLN CA   C N S 146 
GLN C    C N N 147 
GLN O    O N N 148 
GLN CB   C N N 149 
GLN CG   C N N 150 
GLN CD   C N N 151 
GLN OE1  O N N 152 
GLN NE2  N N N 153 
GLN OXT  O N N 154 
GLN H    H N N 155 
GLN H2   H N N 156 
GLN HA   H N N 157 
GLN HB2  H N N 158 
GLN HB3  H N N 159 
GLN HG2  H N N 160 
GLN HG3  H N N 161 
GLN HE21 H N N 162 
GLN HE22 H N N 163 
GLN HXT  H N N 164 
GLU N    N N N 165 
GLU CA   C N S 166 
GLU C    C N N 167 
GLU O    O N N 168 
GLU CB   C N N 169 
GLU CG   C N N 170 
GLU CD   C N N 171 
GLU OE1  O N N 172 
GLU OE2  O N N 173 
GLU OXT  O N N 174 
GLU H    H N N 175 
GLU H2   H N N 176 
GLU HA   H N N 177 
GLU HB2  H N N 178 
GLU HB3  H N N 179 
GLU HG2  H N N 180 
GLU HG3  H N N 181 
GLU HE2  H N N 182 
GLU HXT  H N N 183 
GLY N    N N N 184 
GLY CA   C N N 185 
GLY C    C N N 186 
GLY O    O N N 187 
GLY OXT  O N N 188 
GLY H    H N N 189 
GLY H2   H N N 190 
GLY HA2  H N N 191 
GLY HA3  H N N 192 
GLY HXT  H N N 193 
HIS N    N N N 194 
HIS CA   C N S 195 
HIS C    C N N 196 
HIS O    O N N 197 
HIS CB   C N N 198 
HIS CG   C Y N 199 
HIS ND1  N Y N 200 
HIS CD2  C Y N 201 
HIS CE1  C Y N 202 
HIS NE2  N Y N 203 
HIS OXT  O N N 204 
HIS H    H N N 205 
HIS H2   H N N 206 
HIS HA   H N N 207 
HIS HB2  H N N 208 
HIS HB3  H N N 209 
HIS HD1  H N N 210 
HIS HD2  H N N 211 
HIS HE1  H N N 212 
HIS HE2  H N N 213 
HIS HXT  H N N 214 
HOH O    O N N 215 
HOH H1   H N N 216 
HOH H2   H N N 217 
ILE N    N N N 218 
ILE CA   C N S 219 
ILE C    C N N 220 
ILE O    O N N 221 
ILE CB   C N S 222 
ILE CG1  C N N 223 
ILE CG2  C N N 224 
ILE CD1  C N N 225 
ILE OXT  O N N 226 
ILE H    H N N 227 
ILE H2   H N N 228 
ILE HA   H N N 229 
ILE HB   H N N 230 
ILE HG12 H N N 231 
ILE HG13 H N N 232 
ILE HG21 H N N 233 
ILE HG22 H N N 234 
ILE HG23 H N N 235 
ILE HD11 H N N 236 
ILE HD12 H N N 237 
ILE HD13 H N N 238 
ILE HXT  H N N 239 
LEU N    N N N 240 
LEU CA   C N S 241 
LEU C    C N N 242 
LEU O    O N N 243 
LEU CB   C N N 244 
LEU CG   C N N 245 
LEU CD1  C N N 246 
LEU CD2  C N N 247 
LEU OXT  O N N 248 
LEU H    H N N 249 
LEU H2   H N N 250 
LEU HA   H N N 251 
LEU HB2  H N N 252 
LEU HB3  H N N 253 
LEU HG   H N N 254 
LEU HD11 H N N 255 
LEU HD12 H N N 256 
LEU HD13 H N N 257 
LEU HD21 H N N 258 
LEU HD22 H N N 259 
LEU HD23 H N N 260 
LEU HXT  H N N 261 
LYS N    N N N 262 
LYS CA   C N S 263 
LYS C    C N N 264 
LYS O    O N N 265 
LYS CB   C N N 266 
LYS CG   C N N 267 
LYS CD   C N N 268 
LYS CE   C N N 269 
LYS NZ   N N N 270 
LYS OXT  O N N 271 
LYS H    H N N 272 
LYS H2   H N N 273 
LYS HA   H N N 274 
LYS HB2  H N N 275 
LYS HB3  H N N 276 
LYS HG2  H N N 277 
LYS HG3  H N N 278 
LYS HD2  H N N 279 
LYS HD3  H N N 280 
LYS HE2  H N N 281 
LYS HE3  H N N 282 
LYS HZ1  H N N 283 
LYS HZ2  H N N 284 
LYS HZ3  H N N 285 
LYS HXT  H N N 286 
MET N    N N N 287 
MET CA   C N S 288 
MET C    C N N 289 
MET O    O N N 290 
MET CB   C N N 291 
MET CG   C N N 292 
MET SD   S N N 293 
MET CE   C N N 294 
MET OXT  O N N 295 
MET H    H N N 296 
MET H2   H N N 297 
MET HA   H N N 298 
MET HB2  H N N 299 
MET HB3  H N N 300 
MET HG2  H N N 301 
MET HG3  H N N 302 
MET HE1  H N N 303 
MET HE2  H N N 304 
MET HE3  H N N 305 
MET HXT  H N N 306 
PHE N    N N N 307 
PHE CA   C N S 308 
PHE C    C N N 309 
PHE O    O N N 310 
PHE CB   C N N 311 
PHE CG   C Y N 312 
PHE CD1  C Y N 313 
PHE CD2  C Y N 314 
PHE CE1  C Y N 315 
PHE CE2  C Y N 316 
PHE CZ   C Y N 317 
PHE OXT  O N N 318 
PHE H    H N N 319 
PHE H2   H N N 320 
PHE HA   H N N 321 
PHE HB2  H N N 322 
PHE HB3  H N N 323 
PHE HD1  H N N 324 
PHE HD2  H N N 325 
PHE HE1  H N N 326 
PHE HE2  H N N 327 
PHE HZ   H N N 328 
PHE HXT  H N N 329 
PRO N    N N N 330 
PRO CA   C N S 331 
PRO C    C N N 332 
PRO O    O N N 333 
PRO CB   C N N 334 
PRO CG   C N N 335 
PRO CD   C N N 336 
PRO OXT  O N N 337 
PRO H    H N N 338 
PRO HA   H N N 339 
PRO HB2  H N N 340 
PRO HB3  H N N 341 
PRO HG2  H N N 342 
PRO HG3  H N N 343 
PRO HD2  H N N 344 
PRO HD3  H N N 345 
PRO HXT  H N N 346 
SER N    N N N 347 
SER CA   C N S 348 
SER C    C N N 349 
SER O    O N N 350 
SER CB   C N N 351 
SER OG   O N N 352 
SER OXT  O N N 353 
SER H    H N N 354 
SER H2   H N N 355 
SER HA   H N N 356 
SER HB2  H N N 357 
SER HB3  H N N 358 
SER HG   H N N 359 
SER HXT  H N N 360 
THR N    N N N 361 
THR CA   C N S 362 
THR C    C N N 363 
THR O    O N N 364 
THR CB   C N R 365 
THR OG1  O N N 366 
THR CG2  C N N 367 
THR OXT  O N N 368 
THR H    H N N 369 
THR H2   H N N 370 
THR HA   H N N 371 
THR HB   H N N 372 
THR HG1  H N N 373 
THR HG21 H N N 374 
THR HG22 H N N 375 
THR HG23 H N N 376 
THR HXT  H N N 377 
TRP N    N N N 378 
TRP CA   C N S 379 
TRP C    C N N 380 
TRP O    O N N 381 
TRP CB   C N N 382 
TRP CG   C Y N 383 
TRP CD1  C Y N 384 
TRP CD2  C Y N 385 
TRP NE1  N Y N 386 
TRP CE2  C Y N 387 
TRP CE3  C Y N 388 
TRP CZ2  C Y N 389 
TRP CZ3  C Y N 390 
TRP CH2  C Y N 391 
TRP OXT  O N N 392 
TRP H    H N N 393 
TRP H2   H N N 394 
TRP HA   H N N 395 
TRP HB2  H N N 396 
TRP HB3  H N N 397 
TRP HD1  H N N 398 
TRP HE1  H N N 399 
TRP HE3  H N N 400 
TRP HZ2  H N N 401 
TRP HZ3  H N N 402 
TRP HH2  H N N 403 
TRP HXT  H N N 404 
TYR N    N N N 405 
TYR CA   C N S 406 
TYR C    C N N 407 
TYR O    O N N 408 
TYR CB   C N N 409 
TYR CG   C Y N 410 
TYR CD1  C Y N 411 
TYR CD2  C Y N 412 
TYR CE1  C Y N 413 
TYR CE2  C Y N 414 
TYR CZ   C Y N 415 
TYR OH   O N N 416 
TYR OXT  O N N 417 
TYR H    H N N 418 
TYR H2   H N N 419 
TYR HA   H N N 420 
TYR HB2  H N N 421 
TYR HB3  H N N 422 
TYR HD1  H N N 423 
TYR HD2  H N N 424 
TYR HE1  H N N 425 
TYR HE2  H N N 426 
TYR HH   H N N 427 
TYR HXT  H N N 428 
VAL N    N N N 429 
VAL CA   C N S 430 
VAL C    C N N 431 
VAL O    O N N 432 
VAL CB   C N N 433 
VAL CG1  C N N 434 
VAL CG2  C N N 435 
VAL OXT  O N N 436 
VAL H    H N N 437 
VAL H2   H N N 438 
VAL HA   H N N 439 
VAL HB   H N N 440 
VAL HG11 H N N 441 
VAL HG12 H N N 442 
VAL HG13 H N N 443 
VAL HG21 H N N 444 
VAL HG22 H N N 445 
VAL HG23 H N N 446 
VAL HXT  H N N 447 
# 
loop_
_chem_comp_bond.comp_id 
_chem_comp_bond.atom_id_1 
_chem_comp_bond.atom_id_2 
_chem_comp_bond.value_order 
_chem_comp_bond.pdbx_aromatic_flag 
_chem_comp_bond.pdbx_stereo_config 
_chem_comp_bond.pdbx_ordinal 
1A9 CBE CAR  sing N N 1   
1A9 CBE CAQ  sing N N 2   
1A9 CBE CAP  sing N N 3   
1A9 CAR CAO  sing N N 4   
1A9 CAQ CAN  sing N N 5   
1A9 OAA CAX  doub N N 6   
1A9 CAL CAN  sing N N 7   
1A9 CAL CAM  sing N N 8   
1A9 SAW CAH  sing N N 9   
1A9 SAW CBD  sing N N 10  
1A9 CAM CAP  sing N N 11  
1A9 CAH CBB  doub N N 12  
1A9 CAO CAX  sing N N 13  
1A9 CAX NAS  sing N N 14  
1A9 CBD OAB  doub N N 15  
1A9 CBD NAU  sing N N 16  
1A9 CBB NAU  sing N N 17  
1A9 CBB CBA  sing N N 18  
1A9 CAJ CBA  doub Y N 19  
1A9 CAJ CAY  sing Y N 20  
1A9 NAS CAY  sing N N 21  
1A9 CBA CAK  sing Y N 22  
1A9 CAY CAI  doub Y N 23  
1A9 CAK CAZ  doub Y N 24  
1A9 CAI CAZ  sing Y N 25  
1A9 CAZ NAT  sing N N 26  
1A9 NAT SBF  sing N N 27  
1A9 SAV CBC  sing Y N 28  
1A9 SAV CAF  sing Y N 29  
1A9 OAD SBF  doub N N 30  
1A9 SBF CBC  sing N N 31  
1A9 SBF OAC  doub N N 32  
1A9 CBC CAG  doub Y N 33  
1A9 CAF CAE  doub Y N 34  
1A9 CAG CAE  sing Y N 35  
1A9 CAP H1   sing N N 36  
1A9 CAP H2   sing N N 37  
1A9 CAM H3   sing N N 38  
1A9 CAM H4   sing N N 39  
1A9 CAL H5   sing N N 40  
1A9 CAL H6   sing N N 41  
1A9 CAN H7   sing N N 42  
1A9 CAQ H8   sing N N 43  
1A9 CBE H9   sing N N 44  
1A9 CAR H10  sing N N 45  
1A9 CAR H11  sing N N 46  
1A9 CAO H12  sing N N 47  
1A9 CAO H13  sing N N 48  
1A9 NAS H14  sing N N 49  
1A9 CAI H15  sing N N 50  
1A9 CAJ H16  sing N N 51  
1A9 CAH H17  sing N N 52  
1A9 CAK H18  sing N N 53  
1A9 NAT H19  sing N N 54  
1A9 CAF H20  sing N N 55  
1A9 CAE H21  sing N N 56  
1A9 CAG H22  sing N N 57  
1A9 CAN H23  sing N N 58  
1A9 CAQ H24  sing N N 59  
1A9 NAU H25  sing N N 60  
ALA N   CA   sing N N 61  
ALA N   H    sing N N 62  
ALA N   H2   sing N N 63  
ALA CA  C    sing N N 64  
ALA CA  CB   sing N N 65  
ALA CA  HA   sing N N 66  
ALA C   O    doub N N 67  
ALA C   OXT  sing N N 68  
ALA CB  HB1  sing N N 69  
ALA CB  HB2  sing N N 70  
ALA CB  HB3  sing N N 71  
ALA OXT HXT  sing N N 72  
ARG N   CA   sing N N 73  
ARG N   H    sing N N 74  
ARG N   H2   sing N N 75  
ARG CA  C    sing N N 76  
ARG CA  CB   sing N N 77  
ARG CA  HA   sing N N 78  
ARG C   O    doub N N 79  
ARG C   OXT  sing N N 80  
ARG CB  CG   sing N N 81  
ARG CB  HB2  sing N N 82  
ARG CB  HB3  sing N N 83  
ARG CG  CD   sing N N 84  
ARG CG  HG2  sing N N 85  
ARG CG  HG3  sing N N 86  
ARG CD  NE   sing N N 87  
ARG CD  HD2  sing N N 88  
ARG CD  HD3  sing N N 89  
ARG NE  CZ   sing N N 90  
ARG NE  HE   sing N N 91  
ARG CZ  NH1  sing N N 92  
ARG CZ  NH2  doub N N 93  
ARG NH1 HH11 sing N N 94  
ARG NH1 HH12 sing N N 95  
ARG NH2 HH21 sing N N 96  
ARG NH2 HH22 sing N N 97  
ARG OXT HXT  sing N N 98  
ASN N   CA   sing N N 99  
ASN N   H    sing N N 100 
ASN N   H2   sing N N 101 
ASN CA  C    sing N N 102 
ASN CA  CB   sing N N 103 
ASN CA  HA   sing N N 104 
ASN C   O    doub N N 105 
ASN C   OXT  sing N N 106 
ASN CB  CG   sing N N 107 
ASN CB  HB2  sing N N 108 
ASN CB  HB3  sing N N 109 
ASN CG  OD1  doub N N 110 
ASN CG  ND2  sing N N 111 
ASN ND2 HD21 sing N N 112 
ASN ND2 HD22 sing N N 113 
ASN OXT HXT  sing N N 114 
ASP N   CA   sing N N 115 
ASP N   H    sing N N 116 
ASP N   H2   sing N N 117 
ASP CA  C    sing N N 118 
ASP CA  CB   sing N N 119 
ASP CA  HA   sing N N 120 
ASP C   O    doub N N 121 
ASP C   OXT  sing N N 122 
ASP CB  CG   sing N N 123 
ASP CB  HB2  sing N N 124 
ASP CB  HB3  sing N N 125 
ASP CG  OD1  doub N N 126 
ASP CG  OD2  sing N N 127 
ASP OD2 HD2  sing N N 128 
ASP OXT HXT  sing N N 129 
CYS N   CA   sing N N 130 
CYS N   H    sing N N 131 
CYS N   H2   sing N N 132 
CYS CA  C    sing N N 133 
CYS CA  CB   sing N N 134 
CYS CA  HA   sing N N 135 
CYS C   O    doub N N 136 
CYS C   OXT  sing N N 137 
CYS CB  SG   sing N N 138 
CYS CB  HB2  sing N N 139 
CYS CB  HB3  sing N N 140 
CYS SG  HG   sing N N 141 
CYS OXT HXT  sing N N 142 
GLN N   CA   sing N N 143 
GLN N   H    sing N N 144 
GLN N   H2   sing N N 145 
GLN CA  C    sing N N 146 
GLN CA  CB   sing N N 147 
GLN CA  HA   sing N N 148 
GLN C   O    doub N N 149 
GLN C   OXT  sing N N 150 
GLN CB  CG   sing N N 151 
GLN CB  HB2  sing N N 152 
GLN CB  HB3  sing N N 153 
GLN CG  CD   sing N N 154 
GLN CG  HG2  sing N N 155 
GLN CG  HG3  sing N N 156 
GLN CD  OE1  doub N N 157 
GLN CD  NE2  sing N N 158 
GLN NE2 HE21 sing N N 159 
GLN NE2 HE22 sing N N 160 
GLN OXT HXT  sing N N 161 
GLU N   CA   sing N N 162 
GLU N   H    sing N N 163 
GLU N   H2   sing N N 164 
GLU CA  C    sing N N 165 
GLU CA  CB   sing N N 166 
GLU CA  HA   sing N N 167 
GLU C   O    doub N N 168 
GLU C   OXT  sing N N 169 
GLU CB  CG   sing N N 170 
GLU CB  HB2  sing N N 171 
GLU CB  HB3  sing N N 172 
GLU CG  CD   sing N N 173 
GLU CG  HG2  sing N N 174 
GLU CG  HG3  sing N N 175 
GLU CD  OE1  doub N N 176 
GLU CD  OE2  sing N N 177 
GLU OE2 HE2  sing N N 178 
GLU OXT HXT  sing N N 179 
GLY N   CA   sing N N 180 
GLY N   H    sing N N 181 
GLY N   H2   sing N N 182 
GLY CA  C    sing N N 183 
GLY CA  HA2  sing N N 184 
GLY CA  HA3  sing N N 185 
GLY C   O    doub N N 186 
GLY C   OXT  sing N N 187 
GLY OXT HXT  sing N N 188 
HIS N   CA   sing N N 189 
HIS N   H    sing N N 190 
HIS N   H2   sing N N 191 
HIS CA  C    sing N N 192 
HIS CA  CB   sing N N 193 
HIS CA  HA   sing N N 194 
HIS C   O    doub N N 195 
HIS C   OXT  sing N N 196 
HIS CB  CG   sing N N 197 
HIS CB  HB2  sing N N 198 
HIS CB  HB3  sing N N 199 
HIS CG  ND1  sing Y N 200 
HIS CG  CD2  doub Y N 201 
HIS ND1 CE1  doub Y N 202 
HIS ND1 HD1  sing N N 203 
HIS CD2 NE2  sing Y N 204 
HIS CD2 HD2  sing N N 205 
HIS CE1 NE2  sing Y N 206 
HIS CE1 HE1  sing N N 207 
HIS NE2 HE2  sing N N 208 
HIS OXT HXT  sing N N 209 
HOH O   H1   sing N N 210 
HOH O   H2   sing N N 211 
ILE N   CA   sing N N 212 
ILE N   H    sing N N 213 
ILE N   H2   sing N N 214 
ILE CA  C    sing N N 215 
ILE CA  CB   sing N N 216 
ILE CA  HA   sing N N 217 
ILE C   O    doub N N 218 
ILE C   OXT  sing N N 219 
ILE CB  CG1  sing N N 220 
ILE CB  CG2  sing N N 221 
ILE CB  HB   sing N N 222 
ILE CG1 CD1  sing N N 223 
ILE CG1 HG12 sing N N 224 
ILE CG1 HG13 sing N N 225 
ILE CG2 HG21 sing N N 226 
ILE CG2 HG22 sing N N 227 
ILE CG2 HG23 sing N N 228 
ILE CD1 HD11 sing N N 229 
ILE CD1 HD12 sing N N 230 
ILE CD1 HD13 sing N N 231 
ILE OXT HXT  sing N N 232 
LEU N   CA   sing N N 233 
LEU N   H    sing N N 234 
LEU N   H2   sing N N 235 
LEU CA  C    sing N N 236 
LEU CA  CB   sing N N 237 
LEU CA  HA   sing N N 238 
LEU C   O    doub N N 239 
LEU C   OXT  sing N N 240 
LEU CB  CG   sing N N 241 
LEU CB  HB2  sing N N 242 
LEU CB  HB3  sing N N 243 
LEU CG  CD1  sing N N 244 
LEU CG  CD2  sing N N 245 
LEU CG  HG   sing N N 246 
LEU CD1 HD11 sing N N 247 
LEU CD1 HD12 sing N N 248 
LEU CD1 HD13 sing N N 249 
LEU CD2 HD21 sing N N 250 
LEU CD2 HD22 sing N N 251 
LEU CD2 HD23 sing N N 252 
LEU OXT HXT  sing N N 253 
LYS N   CA   sing N N 254 
LYS N   H    sing N N 255 
LYS N   H2   sing N N 256 
LYS CA  C    sing N N 257 
LYS CA  CB   sing N N 258 
LYS CA  HA   sing N N 259 
LYS C   O    doub N N 260 
LYS C   OXT  sing N N 261 
LYS CB  CG   sing N N 262 
LYS CB  HB2  sing N N 263 
LYS CB  HB3  sing N N 264 
LYS CG  CD   sing N N 265 
LYS CG  HG2  sing N N 266 
LYS CG  HG3  sing N N 267 
LYS CD  CE   sing N N 268 
LYS CD  HD2  sing N N 269 
LYS CD  HD3  sing N N 270 
LYS CE  NZ   sing N N 271 
LYS CE  HE2  sing N N 272 
LYS CE  HE3  sing N N 273 
LYS NZ  HZ1  sing N N 274 
LYS NZ  HZ2  sing N N 275 
LYS NZ  HZ3  sing N N 276 
LYS OXT HXT  sing N N 277 
MET N   CA   sing N N 278 
MET N   H    sing N N 279 
MET N   H2   sing N N 280 
MET CA  C    sing N N 281 
MET CA  CB   sing N N 282 
MET CA  HA   sing N N 283 
MET C   O    doub N N 284 
MET C   OXT  sing N N 285 
MET CB  CG   sing N N 286 
MET CB  HB2  sing N N 287 
MET CB  HB3  sing N N 288 
MET CG  SD   sing N N 289 
MET CG  HG2  sing N N 290 
MET CG  HG3  sing N N 291 
MET SD  CE   sing N N 292 
MET CE  HE1  sing N N 293 
MET CE  HE2  sing N N 294 
MET CE  HE3  sing N N 295 
MET OXT HXT  sing N N 296 
PHE N   CA   sing N N 297 
PHE N   H    sing N N 298 
PHE N   H2   sing N N 299 
PHE CA  C    sing N N 300 
PHE CA  CB   sing N N 301 
PHE CA  HA   sing N N 302 
PHE C   O    doub N N 303 
PHE C   OXT  sing N N 304 
PHE CB  CG   sing N N 305 
PHE CB  HB2  sing N N 306 
PHE CB  HB3  sing N N 307 
PHE CG  CD1  doub Y N 308 
PHE CG  CD2  sing Y N 309 
PHE CD1 CE1  sing Y N 310 
PHE CD1 HD1  sing N N 311 
PHE CD2 CE2  doub Y N 312 
PHE CD2 HD2  sing N N 313 
PHE CE1 CZ   doub Y N 314 
PHE CE1 HE1  sing N N 315 
PHE CE2 CZ   sing Y N 316 
PHE CE2 HE2  sing N N 317 
PHE CZ  HZ   sing N N 318 
PHE OXT HXT  sing N N 319 
PRO N   CA   sing N N 320 
PRO N   CD   sing N N 321 
PRO N   H    sing N N 322 
PRO CA  C    sing N N 323 
PRO CA  CB   sing N N 324 
PRO CA  HA   sing N N 325 
PRO C   O    doub N N 326 
PRO C   OXT  sing N N 327 
PRO CB  CG   sing N N 328 
PRO CB  HB2  sing N N 329 
PRO CB  HB3  sing N N 330 
PRO CG  CD   sing N N 331 
PRO CG  HG2  sing N N 332 
PRO CG  HG3  sing N N 333 
PRO CD  HD2  sing N N 334 
PRO CD  HD3  sing N N 335 
PRO OXT HXT  sing N N 336 
SER N   CA   sing N N 337 
SER N   H    sing N N 338 
SER N   H2   sing N N 339 
SER CA  C    sing N N 340 
SER CA  CB   sing N N 341 
SER CA  HA   sing N N 342 
SER C   O    doub N N 343 
SER C   OXT  sing N N 344 
SER CB  OG   sing N N 345 
SER CB  HB2  sing N N 346 
SER CB  HB3  sing N N 347 
SER OG  HG   sing N N 348 
SER OXT HXT  sing N N 349 
THR N   CA   sing N N 350 
THR N   H    sing N N 351 
THR N   H2   sing N N 352 
THR CA  C    sing N N 353 
THR CA  CB   sing N N 354 
THR CA  HA   sing N N 355 
THR C   O    doub N N 356 
THR C   OXT  sing N N 357 
THR CB  OG1  sing N N 358 
THR CB  CG2  sing N N 359 
THR CB  HB   sing N N 360 
THR OG1 HG1  sing N N 361 
THR CG2 HG21 sing N N 362 
THR CG2 HG22 sing N N 363 
THR CG2 HG23 sing N N 364 
THR OXT HXT  sing N N 365 
TRP N   CA   sing N N 366 
TRP N   H    sing N N 367 
TRP N   H2   sing N N 368 
TRP CA  C    sing N N 369 
TRP CA  CB   sing N N 370 
TRP CA  HA   sing N N 371 
TRP C   O    doub N N 372 
TRP C   OXT  sing N N 373 
TRP CB  CG   sing N N 374 
TRP CB  HB2  sing N N 375 
TRP CB  HB3  sing N N 376 
TRP CG  CD1  doub Y N 377 
TRP CG  CD2  sing Y N 378 
TRP CD1 NE1  sing Y N 379 
TRP CD1 HD1  sing N N 380 
TRP CD2 CE2  doub Y N 381 
TRP CD2 CE3  sing Y N 382 
TRP NE1 CE2  sing Y N 383 
TRP NE1 HE1  sing N N 384 
TRP CE2 CZ2  sing Y N 385 
TRP CE3 CZ3  doub Y N 386 
TRP CE3 HE3  sing N N 387 
TRP CZ2 CH2  doub Y N 388 
TRP CZ2 HZ2  sing N N 389 
TRP CZ3 CH2  sing Y N 390 
TRP CZ3 HZ3  sing N N 391 
TRP CH2 HH2  sing N N 392 
TRP OXT HXT  sing N N 393 
TYR N   CA   sing N N 394 
TYR N   H    sing N N 395 
TYR N   H2   sing N N 396 
TYR CA  C    sing N N 397 
TYR CA  CB   sing N N 398 
TYR CA  HA   sing N N 399 
TYR C   O    doub N N 400 
TYR C   OXT  sing N N 401 
TYR CB  CG   sing N N 402 
TYR CB  HB2  sing N N 403 
TYR CB  HB3  sing N N 404 
TYR CG  CD1  doub Y N 405 
TYR CG  CD2  sing Y N 406 
TYR CD1 CE1  sing Y N 407 
TYR CD1 HD1  sing N N 408 
TYR CD2 CE2  doub Y N 409 
TYR CD2 HD2  sing N N 410 
TYR CE1 CZ   doub Y N 411 
TYR CE1 HE1  sing N N 412 
TYR CE2 CZ   sing Y N 413 
TYR CE2 HE2  sing N N 414 
TYR CZ  OH   sing N N 415 
TYR OH  HH   sing N N 416 
TYR OXT HXT  sing N N 417 
VAL N   CA   sing N N 418 
VAL N   H    sing N N 419 
VAL N   H2   sing N N 420 
VAL CA  C    sing N N 421 
VAL CA  CB   sing N N 422 
VAL CA  HA   sing N N 423 
VAL C   O    doub N N 424 
VAL C   OXT  sing N N 425 
VAL CB  CG1  sing N N 426 
VAL CB  CG2  sing N N 427 
VAL CB  HB   sing N N 428 
VAL CG1 HG11 sing N N 429 
VAL CG1 HG12 sing N N 430 
VAL CG1 HG13 sing N N 431 
VAL CG2 HG21 sing N N 432 
VAL CG2 HG22 sing N N 433 
VAL CG2 HG23 sing N N 434 
VAL OXT HXT  sing N N 435 
# 
_atom_sites.entry_id                    4HXL 
_atom_sites.fract_transf_matrix[1][1]   0.01181546 
_atom_sites.fract_transf_matrix[1][2]   -0.01865202 
_atom_sites.fract_transf_matrix[1][3]   -0.02197741 
_atom_sites.fract_transf_matrix[2][1]   -0.01541315 
_atom_sites.fract_transf_matrix[2][2]   -0.01411934 
_atom_sites.fract_transf_matrix[2][3]   0.00369656 
_atom_sites.fract_transf_matrix[3][1]   -0.00725493 
_atom_sites.fract_transf_matrix[3][2]   0.00564442 
_atom_sites.fract_transf_matrix[3][3]   -0.00869075 
_atom_sites.fract_transf_vector[1]      -0.296806 
_atom_sites.fract_transf_vector[2]      0.070642 
_atom_sites.fract_transf_vector[3]      -0.110700 
# 
loop_
_atom_type.symbol 
C 
N 
O 
S 
# 
loop_
_atom_site.group_PDB 
_atom_site.id 
_atom_site.type_symbol 
_atom_site.label_atom_id 
_atom_site.label_alt_id 
_atom_site.label_comp_id 
_atom_site.label_asym_id 
_atom_site.label_entity_id 
_atom_site.label_seq_id 
_atom_site.pdbx_PDB_ins_code 
_atom_site.Cartn_x 
_atom_site.Cartn_y 
_atom_site.Cartn_z 
_atom_site.occupancy 
_atom_site.B_iso_or_equiv 
_atom_site.pdbx_formal_charge 
_atom_site.auth_seq_id 
_atom_site.auth_comp_id 
_atom_site.auth_asym_id 
_atom_site.auth_atom_id 
_atom_site.pdbx_PDB_model_num 
ATOM   1    N N   . MET A 1 1   ? 13.614  16.003  -0.645  1.00 26.39 ? 43  MET A N   1 
ATOM   2    C CA  . MET A 1 1   ? 14.296  15.064  0.256   1.00 24.09 ? 43  MET A CA  1 
ATOM   3    C C   . MET A 1 1   ? 13.414  13.898  0.670   1.00 20.18 ? 43  MET A C   1 
ATOM   4    O O   . MET A 1 1   ? 12.225  14.058  1.014   1.00 17.03 ? 43  MET A O   1 
ATOM   5    C CB  . MET A 1 1   ? 14.863  15.756  1.497   1.00 27.16 ? 43  MET A CB  1 
ATOM   6    C CG  . MET A 1 1   ? 15.538  14.846  2.534   1.00 20.17 ? 43  MET A CG  1 
ATOM   7    S SD  . MET A 1 1   ? 17.182  14.342  1.991   1.00 41.36 ? 43  MET A SD  1 
ATOM   8    C CE  . MET A 1 1   ? 18.134  14.624  3.481   1.00 29.08 ? 43  MET A CE  1 
ATOM   9    N N   . ASN A 1 2   ? 14.028  12.725  0.624   1.00 17.46 ? 44  ASN A N   1 
ATOM   10   C CA  . ASN A 1 2   ? 13.359  11.468  0.891   1.00 17.34 ? 44  ASN A CA  1 
ATOM   11   C C   . ASN A 1 2   ? 13.790  10.913  2.230   1.00 19.06 ? 44  ASN A C   1 
ATOM   12   O O   . ASN A 1 2   ? 14.983  10.756  2.480   1.00 19.88 ? 44  ASN A O   1 
ATOM   13   C CB  . ASN A 1 2   ? 13.730  10.436  -0.173  1.00 18.39 ? 44  ASN A CB  1 
ATOM   14   C CG  . ASN A 1 2   ? 13.170  10.769  -1.535  1.00 18.01 ? 44  ASN A CG  1 
ATOM   15   O OD1 . ASN A 1 2   ? 12.033  11.221  -1.661  1.00 17.86 ? 44  ASN A OD1 1 
ATOM   16   N ND2 . ASN A 1 2   ? 13.969  10.542  -2.565  1.00 19.04 ? 44  ASN A ND2 1 
ATOM   17   N N   . PRO A 1 3   ? 12.819  10.603  3.093   1.00 16.02 ? 45  PRO A N   1 
ATOM   18   C CA  . PRO A 1 3   ? 13.139  9.861   4.312   1.00 16.09 ? 45  PRO A CA  1 
ATOM   19   C C   . PRO A 1 3   ? 13.386  8.399   3.956   1.00 18.20 ? 45  PRO A C   1 
ATOM   20   O O   . PRO A 1 3   ? 13.100  7.989   2.831   1.00 16.83 ? 45  PRO A O   1 
ATOM   21   C CB  . PRO A 1 3   ? 11.863  10.010  5.144   1.00 17.89 ? 45  PRO A CB  1 
ATOM   22   C CG  . PRO A 1 3   ? 10.787  10.139  4.140   1.00 20.14 ? 45  PRO A CG  1 
ATOM   23   C CD  . PRO A 1 3   ? 11.384  10.918  2.999   1.00 16.40 ? 45  PRO A CD  1 
ATOM   24   N N   . PRO A 1 4   ? 13.926  7.610   4.893   1.00 17.72 ? 46  PRO A N   1 
ATOM   25   C CA  . PRO A 1 4   ? 14.039  6.182   4.583   1.00 15.76 ? 46  PRO A CA  1 
ATOM   26   C C   . PRO A 1 4   ? 12.660  5.595   4.314   1.00 15.81 ? 46  PRO A C   1 
ATOM   27   O O   . PRO A 1 4   ? 11.675  6.099   4.858   1.00 17.72 ? 46  PRO A O   1 
ATOM   28   C CB  . PRO A 1 4   ? 14.641  5.586   5.863   1.00 19.42 ? 46  PRO A CB  1 
ATOM   29   C CG  . PRO A 1 4   ? 14.373  6.600   6.929   1.00 21.16 ? 46  PRO A CG  1 
ATOM   30   C CD  . PRO A 1 4   ? 14.397  7.929   6.252   1.00 20.03 ? 46  PRO A CD  1 
ATOM   31   N N   . PRO A 1 5   ? 12.589  4.560   3.466   1.00 19.21 ? 47  PRO A N   1 
ATOM   32   C CA  . PRO A 1 5   ? 11.298  3.934   3.191   1.00 17.23 ? 47  PRO A CA  1 
ATOM   33   C C   . PRO A 1 5   ? 10.777  3.254   4.454   1.00 18.87 ? 47  PRO A C   1 
ATOM   34   O O   . PRO A 1 5   ? 11.535  3.038   5.409   1.00 18.09 ? 47  PRO A O   1 
ATOM   35   C CB  . PRO A 1 5   ? 11.642  2.907   2.115   1.00 18.64 ? 47  PRO A CB  1 
ATOM   36   C CG  . PRO A 1 5   ? 13.060  2.554   2.392   1.00 20.15 ? 47  PRO A CG  1 
ATOM   37   C CD  . PRO A 1 5   ? 13.695  3.852   2.803   1.00 20.69 ? 47  PRO A CD  1 
ATOM   38   N N   . PRO A 1 6   ? 9.482   2.928   4.479   1.00 15.98 ? 48  PRO A N   1 
ATOM   39   C CA  . PRO A 1 6   ? 8.935   2.293   5.678   1.00 15.24 ? 48  PRO A CA  1 
ATOM   40   C C   . PRO A 1 6   ? 9.599   0.948   5.911   1.00 15.88 ? 48  PRO A C   1 
ATOM   41   O O   . PRO A 1 6   ? 9.974   0.276   4.944   1.00 14.87 ? 48  PRO A O   1 
ATOM   42   C CB  . PRO A 1 6   ? 7.460   2.110   5.328   1.00 14.85 ? 48  PRO A CB  1 
ATOM   43   C CG  . PRO A 1 6   ? 7.198   3.155   4.275   1.00 15.58 ? 48  PRO A CG  1 
ATOM   44   C CD  . PRO A 1 6   ? 8.444   3.199   3.471   1.00 15.93 ? 48  PRO A CD  1 
ATOM   45   N N   . GLU A 1 7   ? 9.779   0.575   7.172   1.00 14.21 ? 49  GLU A N   1 
ATOM   46   C CA  . GLU A 1 7   ? 10.415  -0.699  7.490   1.00 14.34 ? 49  GLU A CA  1 
ATOM   47   C C   . GLU A 1 7   ? 9.642   -1.868  6.898   1.00 15.10 ? 49  GLU A C   1 
ATOM   48   O O   . GLU A 1 7   ? 8.414   -1.828  6.790   1.00 14.29 ? 49  GLU A O   1 
ATOM   49   C CB  . GLU A 1 7   ? 10.534  -0.872  9.009   1.00 14.84 ? 49  GLU A CB  1 
ATOM   50   C CG  . GLU A 1 7   ? 9.212   -1.022  9.724   1.00 15.52 ? 49  GLU A CG  1 
ATOM   51   C CD  . GLU A 1 7   ? 9.356   -1.097  11.232  1.00 14.67 ? 49  GLU A CD  1 
ATOM   52   O OE1 . GLU A 1 7   ? 8.409   -1.578  11.891  1.00 16.55 ? 49  GLU A OE1 1 
ATOM   53   O OE2 . GLU A 1 7   ? 10.410  -0.672  11.761  1.00 17.54 ? 49  GLU A OE2 1 
ATOM   54   N N   . THR A 1 8   ? 10.365  -2.913  6.508   1.00 15.47 ? 50  THR A N   1 
ATOM   55   C CA  . THR A 1 8   ? 9.733   -4.130  6.014   1.00 14.53 ? 50  THR A CA  1 
ATOM   56   C C   . THR A 1 8   ? 10.101  -5.305  6.906   1.00 15.33 ? 50  THR A C   1 
ATOM   57   O O   . THR A 1 8   ? 9.698   -6.435  6.660   1.00 17.29 ? 50  THR A O   1 
ATOM   58   C CB  . THR A 1 8   ? 10.116  -4.418  4.557   1.00 16.35 ? 50  THR A CB  1 
ATOM   59   O OG1 . THR A 1 8   ? 11.542  -4.442  4.434   1.00 18.02 ? 50  THR A OG1 1 
ATOM   60   C CG2 . THR A 1 8   ? 9.563   -3.329  3.650   1.00 16.95 ? 50  THR A CG2 1 
ATOM   61   N N   . SER A 1 9   ? 10.886  -5.014  7.937   1.00 16.48 ? 51  SER A N   1 
ATOM   62   C CA  . SER A 1 9   ? 11.203  -5.971  8.987   1.00 14.11 ? 51  SER A CA  1 
ATOM   63   C C   . SER A 1 9   ? 11.402  -5.193  10.282  1.00 15.27 ? 51  SER A C   1 
ATOM   64   O O   . SER A 1 9   ? 11.766  -4.015  10.253  1.00 17.23 ? 51  SER A O   1 
ATOM   65   C CB  . SER A 1 9   ? 12.465  -6.775  8.645   1.00 16.67 ? 51  SER A CB  1 
ATOM   66   O OG  . SER A 1 9   ? 13.594  -5.932  8.564   1.00 22.22 ? 51  SER A OG  1 
ATOM   67   N N   . ASN A 1 10  ? 11.162  -5.846  11.412  1.00 14.96 ? 52  ASN A N   1 
ATOM   68   C CA  . ASN A 1 10  ? 11.369  -5.233  12.713  1.00 15.83 ? 52  ASN A CA  1 
ATOM   69   C C   . ASN A 1 10  ? 11.464  -6.335  13.748  1.00 15.55 ? 52  ASN A C   1 
ATOM   70   O O   . ASN A 1 10  ? 10.460  -6.955  14.087  1.00 13.45 ? 52  ASN A O   1 
ATOM   71   C CB  . ASN A 1 10  ? 10.218  -4.287  13.056  1.00 14.39 ? 52  ASN A CB  1 
ATOM   72   C CG  . ASN A 1 10  ? 10.458  -3.513  14.339  1.00 18.09 ? 52  ASN A CG  1 
ATOM   73   O OD1 . ASN A 1 10  ? 11.160  -3.975  15.246  1.00 18.05 ? 52  ASN A OD1 1 
ATOM   74   N ND2 . ASN A 1 10  ? 9.868   -2.331  14.427  1.00 24.50 ? 52  ASN A ND2 1 
ATOM   75   N N   . PRO A 1 11  ? 12.675  -6.583  14.259  1.00 13.66 ? 53  PRO A N   1 
ATOM   76   C CA  . PRO A 1 11  ? 12.834  -7.709  15.186  1.00 14.84 ? 53  PRO A CA  1 
ATOM   77   C C   . PRO A 1 11  ? 12.117  -7.515  16.522  1.00 16.51 ? 53  PRO A C   1 
ATOM   78   O O   . PRO A 1 11  ? 11.979  -8.496  17.255  1.00 17.69 ? 53  PRO A O   1 
ATOM   79   C CB  . PRO A 1 11  ? 14.346  -7.772  15.397  1.00 15.55 ? 53  PRO A CB  1 
ATOM   80   C CG  . PRO A 1 11  ? 14.929  -7.123  14.173  1.00 15.81 ? 53  PRO A CG  1 
ATOM   81   C CD  . PRO A 1 11  ? 13.970  -5.995  13.882  1.00 15.56 ? 53  PRO A CD  1 
ATOM   82   N N   . ASN A 1 12  ? 11.666  -6.302  16.830  1.00 16.22 ? 54  ASN A N   1 
ATOM   83   C CA  . ASN A 1 12  ? 10.909  -6.066  18.065  1.00 16.86 ? 54  ASN A CA  1 
ATOM   84   C C   . ASN A 1 12  ? 9.456   -6.497  17.908  1.00 18.57 ? 54  ASN A C   1 
ATOM   85   O O   . ASN A 1 12  ? 8.760   -6.710  18.888  1.00 20.94 ? 54  ASN A O   1 
ATOM   86   C CB  . ASN A 1 12  ? 10.951  -4.590  18.478  1.00 20.27 ? 54  ASN A CB  1 
ATOM   87   C CG  . ASN A 1 12  ? 12.335  -4.132  18.891  1.00 19.87 ? 54  ASN A CG  1 
ATOM   88   O OD1 . ASN A 1 12  ? 12.826  -3.099  18.422  1.00 26.01 ? 54  ASN A OD1 1 
ATOM   89   N ND2 . ASN A 1 12  ? 12.973  -4.894  19.767  1.00 20.22 ? 54  ASN A ND2 1 
ATOM   90   N N   . LYS A 1 13  ? 9.021   -6.651  16.666  1.00 15.23 ? 55  LYS A N   1 
ATOM   91   C CA  . LYS A 1 13  ? 7.619   -6.862  16.347  1.00 13.26 ? 55  LYS A CA  1 
ATOM   92   C C   . LYS A 1 13  ? 7.381   -8.335  16.011  1.00 12.85 ? 55  LYS A C   1 
ATOM   93   O O   . LYS A 1 13  ? 8.160   -8.948  15.271  1.00 14.48 ? 55  LYS A O   1 
ATOM   94   C CB  . LYS A 1 13  ? 7.272   -5.970  15.153  1.00 12.03 ? 55  LYS A CB  1 
ATOM   95   C CG  . LYS A 1 13  ? 5.808   -5.886  14.778  1.00 13.12 ? 55  LYS A CG  1 
ATOM   96   C CD  . LYS A 1 13  ? 5.661   -4.970  13.561  1.00 14.74 ? 55  LYS A CD  1 
ATOM   97   C CE  . LYS A 1 13  ? 4.211   -4.687  13.224  1.00 13.76 ? 55  LYS A CE  1 
ATOM   98   N NZ  . LYS A 1 13  ? 3.460   -5.880  12.748  1.00 15.34 ? 55  LYS A NZ  1 
ATOM   99   N N   . PRO A 1 14  ? 6.306   -8.926  16.555  1.00 13.77 ? 56  PRO A N   1 
ATOM   100  C CA  . PRO A 1 14  ? 6.120   -10.355 16.288  1.00 13.56 ? 56  PRO A CA  1 
ATOM   101  C C   . PRO A 1 14  ? 5.606   -10.587 14.873  1.00 14.47 ? 56  PRO A C   1 
ATOM   102  O O   . PRO A 1 14  ? 4.899   -9.737  14.321  1.00 14.80 ? 56  PRO A O   1 
ATOM   103  C CB  . PRO A 1 14  ? 5.063   -10.769 17.314  1.00 15.03 ? 56  PRO A CB  1 
ATOM   104  C CG  . PRO A 1 14  ? 4.257   -9.525  17.526  1.00 13.93 ? 56  PRO A CG  1 
ATOM   105  C CD  . PRO A 1 14  ? 5.263   -8.387  17.448  1.00 15.09 ? 56  PRO A CD  1 
ATOM   106  N N   . LYS A 1 15  ? 5.975   -11.727 14.300  1.00 14.58 ? 57  LYS A N   1 
ATOM   107  C CA  . LYS A 1 15  ? 5.562   -12.104 12.958  1.00 14.12 ? 57  LYS A CA  1 
ATOM   108  C C   . LYS A 1 15  ? 4.344   -13.009 13.026  1.00 16.45 ? 57  LYS A C   1 
ATOM   109  O O   . LYS A 1 15  ? 4.099   -13.656 14.044  1.00 16.79 ? 57  LYS A O   1 
ATOM   110  C CB  . LYS A 1 15  ? 6.688   -12.849 12.255  1.00 15.43 ? 57  LYS A CB  1 
ATOM   111  C CG  . LYS A 1 15  ? 7.881   -12.011 11.857  1.00 16.60 ? 57  LYS A CG  1 
ATOM   112  C CD  . LYS A 1 15  ? 8.741   -12.848 10.928  1.00 19.13 ? 57  LYS A CD  1 
ATOM   113  C CE  . LYS A 1 15  ? 9.950   -12.118 10.448  1.00 23.61 ? 57  LYS A CE  1 
ATOM   114  N NZ  . LYS A 1 15  ? 10.689  -12.997 9.495   1.00 23.51 ? 57  LYS A NZ  1 
ATOM   115  N N   . ARG A 1 16  ? 3.575   -13.064 11.946  1.00 13.56 ? 58  ARG A N   1 
ATOM   116  C CA  . ARG A 1 16  ? 2.520   -14.064 11.871  1.00 15.64 ? 58  ARG A CA  1 
ATOM   117  C C   . ARG A 1 16  ? 2.187   -14.406 10.430  1.00 16.41 ? 58  ARG A C   1 
ATOM   118  O O   . ARG A 1 16  ? 2.422   -13.607 9.527   1.00 16.40 ? 58  ARG A O   1 
ATOM   119  C CB  . ARG A 1 16  ? 1.270   -13.620 12.637  1.00 16.55 ? 58  ARG A CB  1 
ATOM   120  C CG  . ARG A 1 16  ? 0.410   -14.798 13.080  1.00 18.29 ? 58  ARG A CG  1 
ATOM   121  C CD  . ARG A 1 16  ? -0.512  -14.417 14.214  1.00 20.63 ? 58  ARG A CD  1 
ATOM   122  N NE  . ARG A 1 16  ? -1.621  -13.622 13.727  1.00 25.07 ? 58  ARG A NE  1 
ATOM   123  C CZ  . ARG A 1 16  ? -2.873  -13.741 14.151  1.00 19.09 ? 58  ARG A CZ  1 
ATOM   124  N NH1 . ARG A 1 16  ? -3.196  -14.625 15.088  1.00 21.45 ? 58  ARG A NH1 1 
ATOM   125  N NH2 . ARG A 1 16  ? -3.802  -12.968 13.633  1.00 22.57 ? 58  ARG A NH2 1 
ATOM   126  N N   . GLN A 1 17  ? 1.676   -15.615 10.229  1.00 15.58 ? 59  GLN A N   1 
ATOM   127  C CA  . GLN A 1 17  ? 1.094   -16.000 8.956   1.00 17.86 ? 59  GLN A CA  1 
ATOM   128  C C   . GLN A 1 17  ? -0.322  -16.518 9.178   1.00 19.48 ? 59  GLN A C   1 
ATOM   129  O O   . GLN A 1 17  ? -0.586  -17.272 10.122  1.00 20.08 ? 59  GLN A O   1 
ATOM   130  C CB  . GLN A 1 17  ? 1.949   -17.057 8.260   1.00 21.11 ? 59  GLN A CB  1 
ATOM   131  C CG  . GLN A 1 17  ? 1.444   -17.456 6.865   1.00 25.54 ? 59  GLN A CG  1 
ATOM   132  C CD  . GLN A 1 17  ? 1.516   -16.324 5.841   1.00 26.03 ? 59  GLN A CD  1 
ATOM   133  O OE1 . GLN A 1 17  ? 0.826   -15.303 5.958   1.00 22.94 ? 59  GLN A OE1 1 
ATOM   134  N NE2 . GLN A 1 17  ? 2.353   -16.509 4.821   1.00 26.92 ? 59  GLN A NE2 1 
ATOM   135  N N   . THR A 1 18  ? -1.238  -16.091 8.316   1.00 16.99 ? 60  THR A N   1 
ATOM   136  C CA  . THR A 1 18  ? -2.622  -16.532 8.377   1.00 17.29 ? 60  THR A CA  1 
ATOM   137  C C   . THR A 1 18  ? -3.109  -16.791 6.962   1.00 18.81 ? 60  THR A C   1 
ATOM   138  O O   . THR A 1 18  ? -2.508  -16.321 5.994   1.00 17.69 ? 60  THR A O   1 
ATOM   139  C CB  . THR A 1 18  ? -3.550  -15.471 9.020   1.00 16.53 ? 60  THR A CB  1 
ATOM   140  O OG1 . THR A 1 18  ? -3.644  -14.328 8.159   1.00 16.56 ? 60  THR A OG1 1 
ATOM   141  C CG2 . THR A 1 18  ? -3.052  -15.045 10.408  1.00 17.79 ? 60  THR A CG2 1 
ATOM   142  N N   . ASN A 1 19  ? -4.207  -17.531 6.842   1.00 20.21 ? 61  ASN A N   1 
ATOM   143  C CA  . ASN A 1 19  ? -4.819  -17.763 5.546   1.00 18.44 ? 61  ASN A CA  1 
ATOM   144  C C   . ASN A 1 19  ? -5.201  -16.459 4.858   1.00 17.33 ? 61  ASN A C   1 
ATOM   145  O O   . ASN A 1 19  ? -5.048  -16.324 3.647   1.00 18.69 ? 61  ASN A O   1 
ATOM   146  C CB  . ASN A 1 19  ? -6.063  -18.633 5.695   1.00 21.48 ? 61  ASN A CB  1 
ATOM   147  C CG  . ASN A 1 19  ? -5.740  -20.049 6.113   1.00 26.10 ? 61  ASN A CG  1 
ATOM   148  O OD1 . ASN A 1 19  ? -4.633  -20.540 5.896   1.00 25.73 ? 61  ASN A OD1 1 
ATOM   149  N ND2 . ASN A 1 19  ? -6.719  -20.722 6.709   1.00 28.82 ? 61  ASN A ND2 1 
ATOM   150  N N   . GLN A 1 20  ? -5.704  -15.504 5.636   1.00 16.79 ? 62  GLN A N   1 
ATOM   151  C CA  . GLN A 1 20  ? -6.096  -14.215 5.082   1.00 16.17 ? 62  GLN A CA  1 
ATOM   152  C C   . GLN A 1 20  ? -4.883  -13.426 4.587   1.00 13.82 ? 62  GLN A C   1 
ATOM   153  O O   . GLN A 1 20  ? -4.939  -12.783 3.535   1.00 15.65 ? 62  GLN A O   1 
ATOM   154  C CB  . GLN A 1 20  ? -6.902  -13.408 6.099   1.00 17.79 ? 62  GLN A CB  1 
ATOM   155  C CG  . GLN A 1 20  ? -8.240  -14.051 6.433   1.00 18.45 ? 62  GLN A CG  1 
ATOM   156  C CD  . GLN A 1 20  ? -9.170  -13.147 7.212   1.00 25.69 ? 62  GLN A CD  1 
ATOM   157  O OE1 . GLN A 1 20  ? -8.779  -12.073 7.675   1.00 27.53 ? 62  GLN A OE1 1 
ATOM   158  N NE2 . GLN A 1 20  ? -10.418 -13.575 7.356   1.00 26.45 ? 62  GLN A NE2 1 
ATOM   159  N N   . LEU A 1 21  ? -3.784  -13.484 5.330   1.00 15.06 ? 63  LEU A N   1 
ATOM   160  C CA  . LEU A 1 21  ? -2.583  -12.778 4.902   1.00 14.39 ? 63  LEU A CA  1 
ATOM   161  C C   . LEU A 1 21  ? -2.009  -13.389 3.636   1.00 14.94 ? 63  LEU A C   1 
ATOM   162  O O   . LEU A 1 21  ? -1.553  -12.667 2.756   1.00 14.51 ? 63  LEU A O   1 
ATOM   163  C CB  . LEU A 1 21  ? -1.534  -12.743 6.012   1.00 15.30 ? 63  LEU A CB  1 
ATOM   164  C CG  . LEU A 1 21  ? -1.791  -11.680 7.082   1.00 12.58 ? 63  LEU A CG  1 
ATOM   165  C CD1 . LEU A 1 21  ? -0.976  -11.999 8.327   1.00 15.08 ? 63  LEU A CD1 1 
ATOM   166  C CD2 . LEU A 1 21  ? -1.466  -10.280 6.573   1.00 13.90 ? 63  LEU A CD2 1 
ATOM   167  N N   . GLN A 1 22  ? -2.030  -14.715 3.546   1.00 17.71 ? 64  GLN A N   1 
ATOM   168  C CA  . GLN A 1 22  ? -1.546  -15.387 2.353   1.00 16.79 ? 64  GLN A CA  1 
ATOM   169  C C   . GLN A 1 22  ? -2.359  -14.947 1.144   1.00 17.15 ? 64  GLN A C   1 
ATOM   170  O O   . GLN A 1 22  ? -1.809  -14.709 0.066   1.00 16.85 ? 64  GLN A O   1 
ATOM   171  C CB  . GLN A 1 22  ? -1.649  -16.903 2.506   1.00 18.22 ? 64  GLN A CB  1 
ATOM   172  C CG  . GLN A 1 22  ? -0.640  -17.495 3.460   1.00 21.11 ? 64  GLN A CG  1 
ATOM   173  C CD  . GLN A 1 22  ? -0.871  -18.973 3.681   1.00 28.20 ? 64  GLN A CD  1 
ATOM   174  O OE1 . GLN A 1 22  ? -1.697  -19.367 4.505   1.00 31.91 ? 64  GLN A OE1 1 
ATOM   175  N NE2 . GLN A 1 22  ? -0.152  -19.802 2.933   1.00 37.18 ? 64  GLN A NE2 1 
ATOM   176  N N   . TYR A 1 23  ? -3.670  -14.843 1.342   1.00 15.27 ? 65  TYR A N   1 
ATOM   177  C CA  . TYR A 1 23  ? -4.592  -14.439 0.292   1.00 15.91 ? 65  TYR A CA  1 
ATOM   178  C C   . TYR A 1 23  ? -4.338  -12.994 -0.116  1.00 15.10 ? 65  TYR A C   1 
ATOM   179  O O   . TYR A 1 23  ? -4.410  -12.647 -1.301  1.00 15.07 ? 65  TYR A O   1 
ATOM   180  C CB  . TYR A 1 23  ? -6.017  -14.600 0.802   1.00 15.53 ? 65  TYR A CB  1 
ATOM   181  C CG  . TYR A 1 23  ? -7.117  -14.200 -0.156  1.00 17.71 ? 65  TYR A CG  1 
ATOM   182  C CD1 . TYR A 1 23  ? -7.626  -15.109 -1.077  1.00 21.28 ? 65  TYR A CD1 1 
ATOM   183  C CD2 . TYR A 1 23  ? -7.691  -12.929 -0.098  1.00 16.83 ? 65  TYR A CD2 1 
ATOM   184  C CE1 . TYR A 1 23  ? -8.653  -14.754 -1.933  1.00 19.66 ? 65  TYR A CE1 1 
ATOM   185  C CE2 . TYR A 1 23  ? -8.717  -12.564 -0.949  1.00 17.62 ? 65  TYR A CE2 1 
ATOM   186  C CZ  . TYR A 1 23  ? -9.194  -13.483 -1.866  1.00 18.06 ? 65  TYR A CZ  1 
ATOM   187  O OH  . TYR A 1 23  ? -10.216 -13.138 -2.720  1.00 21.50 ? 65  TYR A OH  1 
ATOM   188  N N   . LEU A 1 24  ? -4.051  -12.145 0.867   1.00 14.23 ? 66  LEU A N   1 
ATOM   189  C CA  . LEU A 1 24  ? -3.744  -10.747 0.585   1.00 13.32 ? 66  LEU A CA  1 
ATOM   190  C C   . LEU A 1 24  ? -2.532  -10.599 -0.335  1.00 14.68 ? 66  LEU A C   1 
ATOM   191  O O   . LEU A 1 24  ? -2.488  -9.697  -1.170  1.00 15.55 ? 66  LEU A O   1 
ATOM   192  C CB  . LEU A 1 24  ? -3.566  -9.949  1.887   1.00 12.48 ? 66  LEU A CB  1 
ATOM   193  C CG  . LEU A 1 24  ? -4.861  -9.510  2.578   1.00 14.60 ? 66  LEU A CG  1 
ATOM   194  C CD1 . LEU A 1 24  ? -4.556  -8.924  3.937   1.00 15.86 ? 66  LEU A CD1 1 
ATOM   195  C CD2 . LEU A 1 24  ? -5.619  -8.496  1.731   1.00 18.47 ? 66  LEU A CD2 1 
ATOM   196  N N   . LEU A 1 25  ? -1.558  -11.490 -0.195  1.00 14.98 ? 67  LEU A N   1 
ATOM   197  C CA  . LEU A 1 25  ? -0.394  -11.468 -1.074  1.00 14.40 ? 67  LEU A CA  1 
ATOM   198  C C   . LEU A 1 25  ? -0.681  -12.125 -2.421  1.00 14.86 ? 67  LEU A C   1 
ATOM   199  O O   . LEU A 1 25  ? -0.501  -11.500 -3.473  1.00 16.66 ? 67  LEU A O   1 
ATOM   200  C CB  . LEU A 1 25  ? 0.791   -12.161 -0.411  1.00 15.19 ? 67  LEU A CB  1 
ATOM   201  C CG  . LEU A 1 25  ? 2.054   -12.238 -1.276  1.00 15.86 ? 67  LEU A CG  1 
ATOM   202  C CD1 . LEU A 1 25  ? 2.550   -10.856 -1.682  1.00 16.42 ? 67  LEU A CD1 1 
ATOM   203  C CD2 . LEU A 1 25  ? 3.138   -12.984 -0.533  1.00 17.36 ? 67  LEU A CD2 1 
ATOM   204  N N   . ARG A 1 26  ? -1.137  -13.378 -2.373  1.00 16.09 ? 68  ARG A N   1 
ATOM   205  C CA  . ARG A 1 26  ? -1.310  -14.201 -3.572  1.00 18.67 ? 68  ARG A CA  1 
ATOM   206  C C   . ARG A 1 26  ? -2.381  -13.666 -4.514  1.00 17.60 ? 68  ARG A C   1 
ATOM   207  O O   . ARG A 1 26  ? -2.197  -13.651 -5.731  1.00 20.68 ? 68  ARG A O   1 
ATOM   208  C CB  . ARG A 1 26  ? -1.657  -15.635 -3.178  1.00 20.35 ? 68  ARG A CB  1 
ATOM   209  C CG  . ARG A 1 26  ? -1.735  -16.594 -4.359  1.00 23.07 ? 68  ARG A CG  1 
ATOM   210  C CD  . ARG A 1 26  ? -2.136  -17.985 -3.897  1.00 26.86 ? 68  ARG A CD  1 
ATOM   211  N NE  . ARG A 1 26  ? -3.521  -18.022 -3.433  1.00 30.14 ? 68  ARG A NE  1 
ATOM   212  C CZ  . ARG A 1 26  ? -4.566  -18.154 -4.242  1.00 29.15 ? 68  ARG A CZ  1 
ATOM   213  N NH1 . ARG A 1 26  ? -5.797  -18.178 -3.749  1.00 28.18 ? 68  ARG A NH1 1 
ATOM   214  N NH2 . ARG A 1 26  ? -4.379  -18.257 -5.553  1.00 31.46 ? 68  ARG A NH2 1 
ATOM   215  N N   . VAL A 1 27  ? -3.498  -13.225 -3.945  1.00 16.03 ? 69  VAL A N   1 
ATOM   216  C CA  . VAL A 1 27  ? -4.630  -12.784 -4.736  1.00 17.07 ? 69  VAL A CA  1 
ATOM   217  C C   . VAL A 1 27  ? -4.775  -11.265 -4.777  1.00 17.34 ? 69  VAL A C   1 
ATOM   218  O O   . VAL A 1 27  ? -4.747  -10.665 -5.845  1.00 17.36 ? 69  VAL A O   1 
ATOM   219  C CB  . VAL A 1 27  ? -5.946  -13.420 -4.243  1.00 17.68 ? 69  VAL A CB  1 
ATOM   220  C CG1 . VAL A 1 27  ? -7.135  -12.832 -4.985  1.00 20.18 ? 69  VAL A CG1 1 
ATOM   221  C CG2 . VAL A 1 27  ? -5.896  -14.933 -4.411  1.00 19.01 ? 69  VAL A CG2 1 
ATOM   222  N N   . VAL A 1 28  ? -4.936  -10.631 -3.621  1.00 16.27 ? 70  VAL A N   1 
ATOM   223  C CA  . VAL A 1 28  ? -5.249  -9.207  -3.627  1.00 14.76 ? 70  VAL A CA  1 
ATOM   224  C C   . VAL A 1 28  ? -4.110  -8.343  -4.161  1.00 13.71 ? 70  VAL A C   1 
ATOM   225  O O   . VAL A 1 28  ? -4.281  -7.638  -5.162  1.00 15.08 ? 70  VAL A O   1 
ATOM   226  C CB  . VAL A 1 28  ? -5.715  -8.702  -2.255  1.00 13.43 ? 70  VAL A CB  1 
ATOM   227  C CG1 . VAL A 1 28  ? -6.085  -7.226  -2.344  1.00 15.07 ? 70  VAL A CG1 1 
ATOM   228  C CG2 . VAL A 1 28  ? -6.914  -9.526  -1.779  1.00 14.72 ? 70  VAL A CG2 1 
ATOM   229  N N   . LEU A 1 29  ? -2.947  -8.406  -3.525  1.00 14.13 ? 71  LEU A N   1 
ATOM   230  C CA  . LEU A 1 29  ? -1.846  -7.561  -3.967  1.00 15.28 ? 71  LEU A CA  1 
ATOM   231  C C   . LEU A 1 29  ? -1.384  -7.905  -5.375  1.00 15.55 ? 71  LEU A C   1 
ATOM   232  O O   . LEU A 1 29  ? -1.187  -7.018  -6.209  1.00 15.10 ? 71  LEU A O   1 
ATOM   233  C CB  . LEU A 1 29  ? -0.667  -7.620  -2.996  1.00 14.99 ? 71  LEU A CB  1 
ATOM   234  C CG  . LEU A 1 29  ? 0.449   -6.624  -3.337  1.00 16.74 ? 71  LEU A CG  1 
ATOM   235  C CD1 . LEU A 1 29  ? 1.027   -6.010  -2.078  1.00 20.74 ? 71  LEU A CD1 1 
ATOM   236  C CD2 . LEU A 1 29  ? 1.539   -7.299  -4.154  1.00 16.87 ? 71  LEU A CD2 1 
ATOM   237  N N   . LYS A 1 30  ? -1.196  -9.192  -5.635  1.00 16.41 ? 72  LYS A N   1 
ATOM   238  C CA  . LYS A 1 30  ? -0.617  -9.579  -6.915  1.00 18.18 ? 72  LYS A CA  1 
ATOM   239  C C   . LYS A 1 30  ? -1.543  -9.331  -8.102  1.00 17.29 ? 72  LYS A C   1 
ATOM   240  O O   . LYS A 1 30  ? -1.066  -9.157  -9.229  1.00 18.88 ? 72  LYS A O   1 
ATOM   241  C CB  . LYS A 1 30  ? -0.060  -11.001 -6.874  1.00 19.10 ? 72  LYS A CB  1 
ATOM   242  C CG  . LYS A 1 30  ? 1.258   -11.062 -6.095  1.00 18.41 ? 72  LYS A CG  1 
ATOM   243  C CD  . LYS A 1 30  ? 1.814   -12.467 -5.997  1.00 24.22 ? 72  LYS A CD  1 
ATOM   244  C CE  . LYS A 1 30  ? 3.142   -12.463 -5.247  1.00 25.92 ? 72  LYS A CE  1 
ATOM   245  N NZ  . LYS A 1 30  ? 3.656   -13.842 -5.027  1.00 31.71 ? 72  LYS A NZ  1 
ATOM   246  N N   . THR A 1 31  ? -2.849  -9.268  -7.851  1.00 16.16 ? 73  THR A N   1 
ATOM   247  C CA  . THR A 1 31  ? -3.794  -8.902  -8.898  1.00 15.40 ? 73  THR A CA  1 
ATOM   248  C C   . THR A 1 31  ? -3.841  -7.381  -9.095  1.00 15.61 ? 73  THR A C   1 
ATOM   249  O O   . THR A 1 31  ? -3.748  -6.908  -10.223 1.00 16.64 ? 73  THR A O   1 
ATOM   250  C CB  . THR A 1 31  ? -5.198  -9.486  -8.638  1.00 18.17 ? 73  THR A CB  1 
ATOM   251  O OG1 . THR A 1 31  ? -5.091  -10.907 -8.450  1.00 19.98 ? 73  THR A OG1 1 
ATOM   252  C CG2 . THR A 1 31  ? -6.101  -9.221  -9.818  1.00 20.51 ? 73  THR A CG2 1 
ATOM   253  N N   . LEU A 1 32  ? -3.956  -6.617  -8.003  1.00 16.32 ? 74  LEU A N   1 
ATOM   254  C CA  . LEU A 1 32  ? -3.908  -5.149  -8.081  1.00 15.24 ? 74  LEU A CA  1 
ATOM   255  C C   . LEU A 1 32  ? -2.653  -4.660  -8.787  1.00 14.22 ? 74  LEU A C   1 
ATOM   256  O O   . LEU A 1 32  ? -2.689  -3.684  -9.538  1.00 14.09 ? 74  LEU A O   1 
ATOM   257  C CB  . LEU A 1 32  ? -3.939  -4.517  -6.683  1.00 17.07 ? 74  LEU A CB  1 
ATOM   258  C CG  . LEU A 1 32  ? -5.288  -4.294  -6.009  1.00 21.56 ? 74  LEU A CG  1 
ATOM   259  C CD1 . LEU A 1 32  ? -5.065  -3.649  -4.652  1.00 22.28 ? 74  LEU A CD1 1 
ATOM   260  C CD2 . LEU A 1 32  ? -6.149  -3.412  -6.881  1.00 23.13 ? 74  LEU A CD2 1 
ATOM   261  N N   . TRP A 1 33  ? -1.549  -5.352  -8.540  1.00 13.70 ? 75  TRP A N   1 
ATOM   262  C CA  . TRP A 1 33  ? -0.253  -4.989  -9.098  1.00 12.94 ? 75  TRP A CA  1 
ATOM   263  C C   . TRP A 1 33  ? -0.272  -4.934  -10.619 1.00 15.27 ? 75  TRP A C   1 
ATOM   264  O O   . TRP A 1 33  ? 0.447   -4.142  -11.222 1.00 15.75 ? 75  TRP A O   1 
ATOM   265  C CB  . TRP A 1 33  ? 0.791   -5.991  -8.634  1.00 14.28 ? 75  TRP A CB  1 
ATOM   266  C CG  . TRP A 1 33  ? 2.200   -5.573  -8.867  1.00 16.01 ? 75  TRP A CG  1 
ATOM   267  C CD1 . TRP A 1 33  ? 2.927   -5.725  -10.012 1.00 16.58 ? 75  TRP A CD1 1 
ATOM   268  C CD2 . TRP A 1 33  ? 3.072   -4.955  -7.918  1.00 13.79 ? 75  TRP A CD2 1 
ATOM   269  N NE1 . TRP A 1 33  ? 4.197   -5.229  -9.833  1.00 16.62 ? 75  TRP A NE1 1 
ATOM   270  C CE2 . TRP A 1 33  ? 4.308   -4.754  -8.552  1.00 14.85 ? 75  TRP A CE2 1 
ATOM   271  C CE3 . TRP A 1 33  ? 2.922   -4.542  -6.589  1.00 13.50 ? 75  TRP A CE3 1 
ATOM   272  C CZ2 . TRP A 1 33  ? 5.388   -4.158  -7.907  1.00 15.99 ? 75  TRP A CZ2 1 
ATOM   273  C CZ3 . TRP A 1 33  ? 4.001   -3.965  -5.951  1.00 14.75 ? 75  TRP A CZ3 1 
ATOM   274  C CH2 . TRP A 1 33  ? 5.214   -3.778  -6.607  1.00 15.41 ? 75  TRP A CH2 1 
ATOM   275  N N   . LYS A 1 34  ? -1.101  -5.774  -11.232 1.00 14.70 ? 76  LYS A N   1 
ATOM   276  C CA  . LYS A 1 34  ? -1.173  -5.865  -12.688 1.00 17.70 ? 76  LYS A CA  1 
ATOM   277  C C   . LYS A 1 34  ? -2.120  -4.856  -13.336 1.00 16.21 ? 76  LYS A C   1 
ATOM   278  O O   . LYS A 1 34  ? -2.156  -4.722  -14.559 1.00 17.67 ? 76  LYS A O   1 
ATOM   279  C CB  . LYS A 1 34  ? -1.571  -7.280  -13.097 1.00 16.61 ? 76  LYS A CB  1 
ATOM   280  C CG  . LYS A 1 34  ? -0.548  -8.318  -12.693 1.00 18.63 ? 76  LYS A CG  1 
ATOM   281  C CD  . LYS A 1 34  ? -1.030  -9.721  -12.982 1.00 21.99 ? 76  LYS A CD  1 
ATOM   282  C CE  . LYS A 1 34  ? -0.044  -10.744 -12.458 1.00 22.32 ? 76  LYS A CE  1 
ATOM   283  N NZ  . LYS A 1 34  ? 1.290   -10.560 -13.081 1.00 27.33 ? 76  LYS A NZ  1 
ATOM   284  N N   . HIS A 1 35  ? -2.898  -4.156  -12.521 1.00 15.19 ? 77  HIS A N   1 
ATOM   285  C CA  . HIS A 1 35  ? -3.835  -3.170  -13.034 1.00 15.93 ? 77  HIS A CA  1 
ATOM   286  C C   . HIS A 1 35  ? -3.087  -2.047  -13.759 1.00 15.11 ? 77  HIS A C   1 
ATOM   287  O O   . HIS A 1 35  ? -1.977  -1.694  -13.374 1.00 15.07 ? 77  HIS A O   1 
ATOM   288  C CB  . HIS A 1 35  ? -4.665  -2.604  -11.880 1.00 15.87 ? 77  HIS A CB  1 
ATOM   289  C CG  . HIS A 1 35  ? -5.852  -1.811  -12.321 1.00 16.73 ? 77  HIS A CG  1 
ATOM   290  N ND1 . HIS A 1 35  ? -5.761  -0.505  -12.757 1.00 16.34 ? 77  HIS A ND1 1 
ATOM   291  C CD2 . HIS A 1 35  ? -7.164  -2.137  -12.381 1.00 19.53 ? 77  HIS A CD2 1 
ATOM   292  C CE1 . HIS A 1 35  ? -6.965  -0.067  -13.079 1.00 17.71 ? 77  HIS A CE1 1 
ATOM   293  N NE2 . HIS A 1 35  ? -7.835  -1.035  -12.850 1.00 17.24 ? 77  HIS A NE2 1 
ATOM   294  N N   . GLN A 1 36  ? -3.693  -1.491  -14.806 1.00 15.12 ? 78  GLN A N   1 
ATOM   295  C CA  . GLN A 1 36  ? -3.055  -0.427  -15.594 1.00 15.81 ? 78  GLN A CA  1 
ATOM   296  C C   . GLN A 1 36  ? -2.714  0.830   -14.794 1.00 16.78 ? 78  GLN A C   1 
ATOM   297  O O   . GLN A 1 36  ? -1.849  1.617   -15.204 1.00 18.36 ? 78  GLN A O   1 
ATOM   298  C CB  . GLN A 1 36  ? -3.927  -0.048  -16.800 1.00 18.72 ? 78  GLN A CB  1 
ATOM   299  C CG  . GLN A 1 36  ? -5.250  0.594   -16.429 1.00 21.53 ? 78  GLN A CG  1 
ATOM   300  C CD  . GLN A 1 36  ? -5.956  1.239   -17.617 1.00 26.82 ? 78  GLN A CD  1 
ATOM   301  O OE1 . GLN A 1 36  ? -5.346  1.497   -18.653 1.00 27.48 ? 78  GLN A OE1 1 
ATOM   302  N NE2 . GLN A 1 36  ? -7.249  1.503   -17.462 1.00 31.38 ? 78  GLN A NE2 1 
ATOM   303  N N   . PHE A 1 37  ? -3.383  1.021   -13.661 1.00 14.02 ? 79  PHE A N   1 
ATOM   304  C CA  . PHE A 1 37  ? -3.176  2.220   -12.840 1.00 14.60 ? 79  PHE A CA  1 
ATOM   305  C C   . PHE A 1 37  ? -2.313  1.957   -11.600 1.00 14.22 ? 79  PHE A C   1 
ATOM   306  O O   . PHE A 1 37  ? -2.195  2.824   -10.730 1.00 15.40 ? 79  PHE A O   1 
ATOM   307  C CB  . PHE A 1 37  ? -4.517  2.817   -12.395 1.00 16.17 ? 79  PHE A CB  1 
ATOM   308  C CG  . PHE A 1 37  ? -5.349  3.389   -13.512 1.00 16.01 ? 79  PHE A CG  1 
ATOM   309  C CD1 . PHE A 1 37  ? -4.796  3.693   -14.750 1.00 16.98 ? 79  PHE A CD1 1 
ATOM   310  C CD2 . PHE A 1 37  ? -6.697  3.649   -13.307 1.00 16.45 ? 79  PHE A CD2 1 
ATOM   311  C CE1 . PHE A 1 37  ? -5.591  4.230   -15.764 1.00 17.88 ? 79  PHE A CE1 1 
ATOM   312  C CE2 . PHE A 1 37  ? -7.483  4.184   -14.315 1.00 18.28 ? 79  PHE A CE2 1 
ATOM   313  C CZ  . PHE A 1 37  ? -6.928  4.472   -15.538 1.00 18.18 ? 79  PHE A CZ  1 
ATOM   314  N N   . ALA A 1 38  ? -1.726  0.769   -11.512 1.00 14.30 ? 80  ALA A N   1 
ATOM   315  C CA  . ALA A 1 38  ? -0.935  0.377   -10.340 1.00 14.38 ? 80  ALA A CA  1 
ATOM   316  C C   . ALA A 1 38  ? 0.436   1.059   -10.249 1.00 13.59 ? 80  ALA A C   1 
ATOM   317  O O   . ALA A 1 38  ? 0.962   1.257   -9.151  1.00 13.52 ? 80  ALA A O   1 
ATOM   318  C CB  . ALA A 1 38  ? -0.755  -1.130  -10.310 1.00 14.69 ? 80  ALA A CB  1 
ATOM   319  N N   . TRP A 1 39  ? 1.020   1.403   -11.396 1.00 13.54 ? 81  TRP A N   1 
ATOM   320  C CA  . TRP A 1 39  ? 2.415   1.839   -11.426 1.00 11.88 ? 81  TRP A CA  1 
ATOM   321  C C   . TRP A 1 39  ? 2.839   2.998   -10.488 1.00 13.11 ? 81  TRP A C   1 
ATOM   322  O O   . TRP A 1 39  ? 3.940   2.957   -9.947  1.00 13.72 ? 81  TRP A O   1 
ATOM   323  C CB  . TRP A 1 39  ? 2.907   2.071   -12.873 1.00 14.26 ? 81  TRP A CB  1 
ATOM   324  C CG  . TRP A 1 39  ? 2.134   3.097   -13.638 1.00 14.99 ? 81  TRP A CG  1 
ATOM   325  C CD1 . TRP A 1 39  ? 1.084   2.873   -14.480 1.00 13.33 ? 81  TRP A CD1 1 
ATOM   326  C CD2 . TRP A 1 39  ? 2.365   4.512   -13.653 1.00 13.16 ? 81  TRP A CD2 1 
ATOM   327  N NE1 . TRP A 1 39  ? 0.645   4.059   -15.015 1.00 14.30 ? 81  TRP A NE1 1 
ATOM   328  C CE2 . TRP A 1 39  ? 1.405   5.084   -14.511 1.00 13.53 ? 81  TRP A CE2 1 
ATOM   329  C CE3 . TRP A 1 39  ? 3.277   5.357   -13.004 1.00 16.37 ? 81  TRP A CE3 1 
ATOM   330  C CZ2 . TRP A 1 39  ? 1.339   6.458   -14.751 1.00 14.69 ? 81  TRP A CZ2 1 
ATOM   331  C CZ3 . TRP A 1 39  ? 3.209   6.724   -13.243 1.00 15.59 ? 81  TRP A CZ3 1 
ATOM   332  C CH2 . TRP A 1 39  ? 2.248   7.261   -14.110 1.00 15.03 ? 81  TRP A CH2 1 
ATOM   333  N N   . PRO A 1 40  ? 1.980   4.015   -10.267 1.00 12.51 ? 82  PRO A N   1 
ATOM   334  C CA  . PRO A 1 40  ? 2.445   5.070   -9.353  1.00 12.62 ? 82  PRO A CA  1 
ATOM   335  C C   . PRO A 1 40  ? 2.597   4.585   -7.910  1.00 13.30 ? 82  PRO A C   1 
ATOM   336  O O   . PRO A 1 40  ? 3.236   5.255   -7.090  1.00 13.70 ? 82  PRO A O   1 
ATOM   337  C CB  . PRO A 1 40  ? 1.322   6.113   -9.421  1.00 12.95 ? 82  PRO A CB  1 
ATOM   338  C CG  . PRO A 1 40  ? 0.629   5.849   -10.712 1.00 13.57 ? 82  PRO A CG  1 
ATOM   339  C CD  . PRO A 1 40  ? 0.670   4.355   -10.852 1.00 12.56 ? 82  PRO A CD  1 
ATOM   340  N N   . PHE A 1 41  ? 2.020   3.424   -7.615  1.00 12.17 ? 83  PHE A N   1 
ATOM   341  C CA  . PHE A 1 41  ? 1.892   2.950   -6.248  1.00 12.02 ? 83  PHE A CA  1 
ATOM   342  C C   . PHE A 1 41  ? 2.751   1.723   -5.970  1.00 13.46 ? 83  PHE A C   1 
ATOM   343  O O   . PHE A 1 41  ? 2.626   1.111   -4.911  1.00 13.75 ? 83  PHE A O   1 
ATOM   344  C CB  . PHE A 1 41  ? 0.418   2.644   -5.965  1.00 11.59 ? 83  PHE A CB  1 
ATOM   345  C CG  . PHE A 1 41  ? -0.483  3.794   -6.265  1.00 11.97 ? 83  PHE A CG  1 
ATOM   346  C CD1 . PHE A 1 41  ? -0.550  4.874   -5.399  1.00 13.55 ? 83  PHE A CD1 1 
ATOM   347  C CD2 . PHE A 1 41  ? -1.230  3.824   -7.437  1.00 13.36 ? 83  PHE A CD2 1 
ATOM   348  C CE1 . PHE A 1 41  ? -1.356  5.963   -5.682  1.00 13.01 ? 83  PHE A CE1 1 
ATOM   349  C CE2 . PHE A 1 41  ? -2.046  4.912   -7.724  1.00 12.93 ? 83  PHE A CE2 1 
ATOM   350  C CZ  . PHE A 1 41  ? -2.107  5.982   -6.844  1.00 12.98 ? 83  PHE A CZ  1 
ATOM   351  N N   . GLN A 1 42  ? 3.630   1.371   -6.907  1.00 11.62 ? 84  GLN A N   1 
ATOM   352  C CA  . GLN A 1 42  ? 4.438   0.151   -6.777  1.00 12.94 ? 84  GLN A CA  1 
ATOM   353  C C   . GLN A 1 42  ? 5.754   0.334   -6.017  1.00 11.99 ? 84  GLN A C   1 
ATOM   354  O O   . GLN A 1 42  ? 6.491   -0.628  -5.796  1.00 14.22 ? 84  GLN A O   1 
ATOM   355  C CB  . GLN A 1 42  ? 4.700   -0.472  -8.151  1.00 14.09 ? 84  GLN A CB  1 
ATOM   356  C CG  . GLN A 1 42  ? 3.457   -1.060  -8.794  1.00 13.78 ? 84  GLN A CG  1 
ATOM   357  C CD  . GLN A 1 42  ? 3.692   -1.522  -10.210 1.00 16.36 ? 84  GLN A CD  1 
ATOM   358  O OE1 . GLN A 1 42  ? 4.596   -1.040  -10.895 1.00 16.47 ? 84  GLN A OE1 1 
ATOM   359  N NE2 . GLN A 1 42  ? 2.873   -2.468  -10.664 1.00 16.67 ? 84  GLN A NE2 1 
ATOM   360  N N   . GLN A 1 43  ? 6.037   1.562   -5.600  1.00 13.69 ? 85  GLN A N   1 
ATOM   361  C CA  . GLN A 1 43  ? 7.274   1.866   -4.881  1.00 12.30 ? 85  GLN A CA  1 
ATOM   362  C C   . GLN A 1 43  ? 7.058   3.138   -4.081  1.00 14.43 ? 85  GLN A C   1 
ATOM   363  O O   . GLN A 1 43  ? 6.138   3.899   -4.376  1.00 13.68 ? 85  GLN A O   1 
ATOM   364  C CB  . GLN A 1 43  ? 8.425   2.089   -5.870  1.00 13.84 ? 85  GLN A CB  1 
ATOM   365  C CG  . GLN A 1 43  ? 8.177   3.230   -6.843  1.00 14.59 ? 85  GLN A CG  1 
ATOM   366  C CD  . GLN A 1 43  ? 7.248   2.827   -7.970  1.00 16.57 ? 85  GLN A CD  1 
ATOM   367  O OE1 . GLN A 1 43  ? 7.410   1.758   -8.562  1.00 18.06 ? 85  GLN A OE1 1 
ATOM   368  N NE2 . GLN A 1 43  ? 6.248   3.656   -8.242  1.00 16.09 ? 85  GLN A NE2 1 
ATOM   369  N N   . PRO A 1 44  ? 7.908   3.379   -3.068  1.00 13.41 ? 86  PRO A N   1 
ATOM   370  C CA  . PRO A 1 44  ? 7.805   4.636   -2.327  1.00 13.32 ? 86  PRO A CA  1 
ATOM   371  C C   . PRO A 1 44  ? 7.957   5.838   -3.247  1.00 14.03 ? 86  PRO A C   1 
ATOM   372  O O   . PRO A 1 44  ? 8.739   5.791   -4.195  1.00 15.17 ? 86  PRO A O   1 
ATOM   373  C CB  . PRO A 1 44  ? 8.997   4.568   -1.366  1.00 14.94 ? 86  PRO A CB  1 
ATOM   374  C CG  . PRO A 1 44  ? 9.213   3.111   -1.154  1.00 15.45 ? 86  PRO A CG  1 
ATOM   375  C CD  . PRO A 1 44  ? 8.901   2.464   -2.472  1.00 14.94 ? 86  PRO A CD  1 
ATOM   376  N N   . VAL A 1 45  ? 7.201   6.894   -2.972  1.00 12.70 ? 87  VAL A N   1 
ATOM   377  C CA  . VAL A 1 45  ? 7.357   8.140   -3.699  1.00 12.54 ? 87  VAL A CA  1 
ATOM   378  C C   . VAL A 1 45  ? 8.790   8.647   -3.554  1.00 15.73 ? 87  VAL A C   1 
ATOM   379  O O   . VAL A 1 45  ? 9.299   8.817   -2.440  1.00 14.68 ? 87  VAL A O   1 
ATOM   380  C CB  . VAL A 1 45  ? 6.377   9.204   -3.186  1.00 12.72 ? 87  VAL A CB  1 
ATOM   381  C CG1 . VAL A 1 45  ? 6.750   10.584  -3.723  1.00 17.07 ? 87  VAL A CG1 1 
ATOM   382  C CG2 . VAL A 1 45  ? 4.943   8.825   -3.560  1.00 15.18 ? 87  VAL A CG2 1 
ATOM   383  N N   . ASP A 1 46  ? 9.453   8.853   -4.687  1.00 14.72 ? 88  ASP A N   1 
ATOM   384  C CA  . ASP A 1 46  ? 10.783  9.445   -4.696  1.00 15.43 ? 88  ASP A CA  1 
ATOM   385  C C   . ASP A 1 46  ? 10.625  10.918  -5.042  1.00 14.39 ? 88  ASP A C   1 
ATOM   386  O O   . ASP A 1 46  ? 10.416  11.277  -6.202  1.00 15.48 ? 88  ASP A O   1 
ATOM   387  C CB  . ASP A 1 46  ? 11.678  8.726   -5.704  1.00 16.48 ? 88  ASP A CB  1 
ATOM   388  C CG  . ASP A 1 46  ? 13.108  9.241   -5.708  1.00 17.82 ? 88  ASP A CG  1 
ATOM   389  O OD1 . ASP A 1 46  ? 13.340  10.422  -5.373  1.00 16.27 ? 88  ASP A OD1 1 
ATOM   390  O OD2 . ASP A 1 46  ? 14.009  8.454   -6.067  1.00 21.31 ? 88  ASP A OD2 1 
ATOM   391  N N   . ALA A 1 47  ? 10.736  11.772  -4.026  1.00 13.73 ? 89  ALA A N   1 
ATOM   392  C CA  . ALA A 1 47  ? 10.460  13.199  -4.186  1.00 14.37 ? 89  ALA A CA  1 
ATOM   393  C C   . ALA A 1 47  ? 11.491  13.911  -5.054  1.00 15.36 ? 89  ALA A C   1 
ATOM   394  O O   . ALA A 1 47  ? 11.207  14.979  -5.602  1.00 16.95 ? 89  ALA A O   1 
ATOM   395  C CB  . ALA A 1 47  ? 10.359  13.879  -2.825  1.00 15.55 ? 89  ALA A CB  1 
ATOM   396  N N   . VAL A 1 48  ? 12.690  13.340  -5.149  1.00 14.71 ? 90  VAL A N   1 
ATOM   397  C CA  . VAL A 1 48  ? 13.725  13.910  -6.006  1.00 17.38 ? 90  VAL A CA  1 
ATOM   398  C C   . VAL A 1 48  ? 13.453  13.559  -7.470  1.00 16.69 ? 90  VAL A C   1 
ATOM   399  O O   . VAL A 1 48  ? 13.464  14.437  -8.347  1.00 16.55 ? 90  VAL A O   1 
ATOM   400  C CB  . VAL A 1 48  ? 15.127  13.410  -5.608  1.00 17.96 ? 90  VAL A CB  1 
ATOM   401  C CG1 . VAL A 1 48  ? 16.182  14.008  -6.531  1.00 18.20 ? 90  VAL A CG1 1 
ATOM   402  C CG2 . VAL A 1 48  ? 15.427  13.750  -4.152  1.00 17.82 ? 90  VAL A CG2 1 
ATOM   403  N N   . LYS A 1 49  ? 13.192  12.277  -7.728  1.00 15.72 ? 91  LYS A N   1 
ATOM   404  C CA  . LYS A 1 49  ? 12.906  11.800  -9.079  1.00 15.19 ? 91  LYS A CA  1 
ATOM   405  C C   . LYS A 1 49  ? 11.662  12.473  -9.646  1.00 16.43 ? 91  LYS A C   1 
ATOM   406  O O   . LYS A 1 49  ? 11.676  12.984  -10.773 1.00 16.23 ? 91  LYS A O   1 
ATOM   407  C CB  . LYS A 1 49  ? 12.700  10.283  -9.063  1.00 16.36 ? 91  LYS A CB  1 
ATOM   408  C CG  . LYS A 1 49  ? 12.249  9.672   -10.394 1.00 20.99 ? 91  LYS A CG  1 
ATOM   409  C CD  . LYS A 1 49  ? 13.389  9.538   -11.385 1.00 23.17 ? 91  LYS A CD  1 
ATOM   410  C CE  . LYS A 1 49  ? 13.066  8.516   -12.483 1.00 24.29 ? 91  LYS A CE  1 
ATOM   411  N NZ  . LYS A 1 49  ? 11.899  8.886   -13.334 1.00 23.90 ? 91  LYS A NZ  1 
ATOM   412  N N   . LEU A 1 50  ? 10.599  12.482  -8.846  1.00 14.92 ? 92  LEU A N   1 
ATOM   413  C CA  . LEU A 1 50  ? 9.279   12.944  -9.281  1.00 15.35 ? 92  LEU A CA  1 
ATOM   414  C C   . LEU A 1 50  ? 9.097   14.452  -9.157  1.00 16.11 ? 92  LEU A C   1 
ATOM   415  O O   . LEU A 1 50  ? 8.069   14.987  -9.579  1.00 16.66 ? 92  LEU A O   1 
ATOM   416  C CB  . LEU A 1 50  ? 8.181   12.238  -8.475  1.00 15.74 ? 92  LEU A CB  1 
ATOM   417  C CG  . LEU A 1 50  ? 8.191   10.720  -8.593  1.00 16.54 ? 92  LEU A CG  1 
ATOM   418  C CD1 . LEU A 1 50  ? 7.037   10.101  -7.806  1.00 15.99 ? 92  LEU A CD1 1 
ATOM   419  C CD2 . LEU A 1 50  ? 8.160   10.311  -10.057 1.00 17.05 ? 92  LEU A CD2 1 
ATOM   420  N N   . ASN A 1 51  ? 10.085  15.127  -8.572  1.00 16.20 ? 93  ASN A N   1 
ATOM   421  C CA  . ASN A 1 51  ? 10.036  16.574  -8.380  1.00 16.58 ? 93  ASN A CA  1 
ATOM   422  C C   . ASN A 1 51  ? 8.834   16.998  -7.538  1.00 18.15 ? 93  ASN A C   1 
ATOM   423  O O   . ASN A 1 51  ? 8.069   17.903  -7.900  1.00 17.41 ? 93  ASN A O   1 
ATOM   424  C CB  . ASN A 1 51  ? 10.062  17.283  -9.732  1.00 18.74 ? 93  ASN A CB  1 
ATOM   425  C CG  . ASN A 1 51  ? 11.084  16.684  -10.665 1.00 15.23 ? 93  ASN A CG  1 
ATOM   426  O OD1 . ASN A 1 51  ? 12.192  16.346  -10.251 1.00 17.75 ? 93  ASN A OD1 1 
ATOM   427  N ND2 . ASN A 1 51  ? 10.713  16.527  -11.929 1.00 16.90 ? 93  ASN A ND2 1 
ATOM   428  N N   . LEU A 1 52  ? 8.688   16.315  -6.405  1.00 16.05 ? 94  LEU A N   1 
ATOM   429  C CA  . LEU A 1 52  ? 7.621   16.585  -5.444  1.00 15.90 ? 94  LEU A CA  1 
ATOM   430  C C   . LEU A 1 52  ? 8.289   16.950  -4.132  1.00 15.91 ? 94  LEU A C   1 
ATOM   431  O O   . LEU A 1 52  ? 8.222   16.188  -3.166  1.00 14.04 ? 94  LEU A O   1 
ATOM   432  C CB  . LEU A 1 52  ? 6.752   15.340  -5.257  1.00 14.03 ? 94  LEU A CB  1 
ATOM   433  C CG  . LEU A 1 52  ? 6.115   14.773  -6.529  1.00 15.20 ? 94  LEU A CG  1 
ATOM   434  C CD1 . LEU A 1 52  ? 5.367   13.476  -6.247  1.00 15.36 ? 94  LEU A CD1 1 
ATOM   435  C CD2 . LEU A 1 52  ? 5.183   15.802  -7.117  1.00 17.21 ? 94  LEU A CD2 1 
ATOM   436  N N   . PRO A 1 53  ? 8.949   18.115  -4.091  1.00 15.35 ? 95  PRO A N   1 
ATOM   437  C CA  . PRO A 1 53  ? 9.813   18.443  -2.954  1.00 15.01 ? 95  PRO A CA  1 
ATOM   438  C C   . PRO A 1 53  ? 9.060   18.520  -1.629  1.00 15.36 ? 95  PRO A C   1 
ATOM   439  O O   . PRO A 1 53  ? 9.670   18.372  -0.571  1.00 16.54 ? 95  PRO A O   1 
ATOM   440  C CB  . PRO A 1 53  ? 10.398  19.814  -3.339  1.00 14.43 ? 95  PRO A CB  1 
ATOM   441  C CG  . PRO A 1 53  ? 9.452   20.369  -4.333  1.00 15.98 ? 95  PRO A CG  1 
ATOM   442  C CD  . PRO A 1 53  ? 8.923   19.198  -5.094  1.00 16.62 ? 95  PRO A CD  1 
ATOM   443  N N   . ASP A 1 54  ? 7.750   18.735  -1.684  1.00 13.24 ? 96  ASP A N   1 
ATOM   444  C CA  . ASP A 1 54  ? 6.949   18.816  -0.470  1.00 16.10 ? 96  ASP A CA  1 
ATOM   445  C C   . ASP A 1 54  ? 6.234   17.515  -0.108  1.00 13.72 ? 96  ASP A C   1 
ATOM   446  O O   . ASP A 1 54  ? 5.456   17.507  0.848   1.00 13.97 ? 96  ASP A O   1 
ATOM   447  C CB  . ASP A 1 54  ? 5.919   19.952  -0.573  1.00 16.35 ? 96  ASP A CB  1 
ATOM   448  C CG  . ASP A 1 54  ? 4.924   19.750  -1.711  1.00 15.19 ? 96  ASP A CG  1 
ATOM   449  O OD1 . ASP A 1 54  ? 5.116   18.827  -2.522  1.00 15.43 ? 96  ASP A OD1 1 
ATOM   450  O OD2 . ASP A 1 54  ? 3.942   20.519  -1.798  1.00 15.97 ? 96  ASP A OD2 1 
ATOM   451  N N   . TYR A 1 55  ? 6.489   16.438  -0.852  1.00 14.08 ? 97  TYR A N   1 
ATOM   452  C CA  . TYR A 1 55  ? 5.737   15.204  -0.631  1.00 14.04 ? 97  TYR A CA  1 
ATOM   453  C C   . TYR A 1 55  ? 5.760   14.776  0.825   1.00 13.24 ? 97  TYR A C   1 
ATOM   454  O O   . TYR A 1 55  ? 4.709   14.530  1.423   1.00 13.11 ? 97  TYR A O   1 
ATOM   455  C CB  . TYR A 1 55  ? 6.191   14.041  -1.523  1.00 13.54 ? 97  TYR A CB  1 
ATOM   456  C CG  . TYR A 1 55  ? 5.234   12.875  -1.347  1.00 12.35 ? 97  TYR A CG  1 
ATOM   457  C CD1 . TYR A 1 55  ? 4.003   12.869  -1.993  1.00 13.28 ? 97  TYR A CD1 1 
ATOM   458  C CD2 . TYR A 1 55  ? 5.526   11.829  -0.478  1.00 13.06 ? 97  TYR A CD2 1 
ATOM   459  C CE1 . TYR A 1 55  ? 3.102   11.838  -1.811  1.00 12.69 ? 97  TYR A CE1 1 
ATOM   460  C CE2 . TYR A 1 55  ? 4.625   10.787  -0.280  1.00 12.55 ? 97  TYR A CE2 1 
ATOM   461  C CZ  . TYR A 1 55  ? 3.413   10.802  -0.954  1.00 13.30 ? 97  TYR A CZ  1 
ATOM   462  O OH  . TYR A 1 55  ? 2.515   9.777   -0.762  1.00 14.45 ? 97  TYR A OH  1 
ATOM   463  N N   . TYR A 1 56  ? 6.957   14.713  1.398   1.00 13.46 ? 98  TYR A N   1 
ATOM   464  C CA  . TYR A 1 56  ? 7.107   14.219  2.760   1.00 12.32 ? 98  TYR A CA  1 
ATOM   465  C C   . TYR A 1 56  ? 6.944   15.320  3.799   1.00 12.92 ? 98  TYR A C   1 
ATOM   466  O O   . TYR A 1 56  ? 6.923   15.052  4.994   1.00 14.30 ? 98  TYR A O   1 
ATOM   467  C CB  . TYR A 1 56  ? 8.421   13.458  2.910   1.00 13.96 ? 98  TYR A CB  1 
ATOM   468  C CG  . TYR A 1 56  ? 8.411   12.173  2.116   1.00 11.80 ? 98  TYR A CG  1 
ATOM   469  C CD1 . TYR A 1 56  ? 7.725   11.059  2.580   1.00 12.50 ? 98  TYR A CD1 1 
ATOM   470  C CD2 . TYR A 1 56  ? 9.048   12.082  0.881   1.00 12.32 ? 98  TYR A CD2 1 
ATOM   471  C CE1 . TYR A 1 56  ? 7.688   9.880   1.862   1.00 14.84 ? 98  TYR A CE1 1 
ATOM   472  C CE2 . TYR A 1 56  ? 9.029   10.896  0.145   1.00 12.49 ? 98  TYR A CE2 1 
ATOM   473  C CZ  . TYR A 1 56  ? 8.333   9.800   0.643   1.00 12.39 ? 98  TYR A CZ  1 
ATOM   474  O OH  . TYR A 1 56  ? 8.297   8.609   -0.061  1.00 14.16 ? 98  TYR A OH  1 
ATOM   475  N N   . LYS A 1 57  ? 6.799   16.551  3.325   1.00 14.44 ? 99  LYS A N   1 
ATOM   476  C CA  . LYS A 1 57  ? 6.383   17.640  4.186   1.00 14.29 ? 99  LYS A CA  1 
ATOM   477  C C   . LYS A 1 57  ? 4.888   17.535  4.455   1.00 15.11 ? 99  LYS A C   1 
ATOM   478  O O   . LYS A 1 57  ? 4.394   17.999  5.482   1.00 15.93 ? 99  LYS A O   1 
ATOM   479  C CB  . LYS A 1 57  ? 6.696   18.977  3.537   1.00 14.32 ? 99  LYS A CB  1 
ATOM   480  C CG  . LYS A 1 57  ? 8.157   19.170  3.207   1.00 15.80 ? 99  LYS A CG  1 
ATOM   481  C CD  . LYS A 1 57  ? 8.392   20.599  2.772   1.00 15.31 ? 99  LYS A CD  1 
ATOM   482  C CE  . LYS A 1 57  ? 9.789   20.803  2.224   1.00 15.06 ? 99  LYS A CE  1 
ATOM   483  N NZ  . LYS A 1 57  ? 10.852  20.416  3.195   1.00 15.12 ? 99  LYS A NZ  1 
ATOM   484  N N   . ILE A 1 58  ? 4.167   16.916  3.524   1.00 14.13 ? 100 ILE A N   1 
ATOM   485  C CA  . ILE A 1 58  ? 2.727   16.740  3.651   1.00 14.87 ? 100 ILE A CA  1 
ATOM   486  C C   . ILE A 1 58  ? 2.365   15.358  4.201   1.00 14.90 ? 100 ILE A C   1 
ATOM   487  O O   . ILE A 1 58  ? 1.525   15.228  5.096   1.00 16.78 ? 100 ILE A O   1 
ATOM   488  C CB  . ILE A 1 58  ? 2.044   16.916  2.280   1.00 13.63 ? 100 ILE A CB  1 
ATOM   489  C CG1 . ILE A 1 58  ? 2.319   18.320  1.716   1.00 17.36 ? 100 ILE A CG1 1 
ATOM   490  C CG2 . ILE A 1 58  ? 0.544   16.660  2.382   1.00 15.91 ? 100 ILE A CG2 1 
ATOM   491  C CD1 . ILE A 1 58  ? 1.537   19.432  2.375   1.00 21.24 ? 100 ILE A CD1 1 
ATOM   492  N N   . ILE A 1 59  ? 2.992   14.323  3.655   1.00 13.04 ? 101 ILE A N   1 
ATOM   493  C CA  . ILE A 1 59  ? 2.638   12.953  4.005   1.00 12.77 ? 101 ILE A CA  1 
ATOM   494  C C   . ILE A 1 59  ? 3.586   12.411  5.069   1.00 13.19 ? 101 ILE A C   1 
ATOM   495  O O   . ILE A 1 59  ? 4.780   12.214  4.809   1.00 14.78 ? 101 ILE A O   1 
ATOM   496  C CB  . ILE A 1 59  ? 2.651   12.067  2.745   1.00 14.05 ? 101 ILE A CB  1 
ATOM   497  C CG1 . ILE A 1 59  ? 1.556   12.520  1.770   1.00 14.78 ? 101 ILE A CG1 1 
ATOM   498  C CG2 . ILE A 1 59  ? 2.476   10.601  3.107   1.00 14.43 ? 101 ILE A CG2 1 
ATOM   499  C CD1 . ILE A 1 59  ? 0.134   12.488  2.353   1.00 13.42 ? 101 ILE A CD1 1 
ATOM   500  N N   . LYS A 1 60  ? 3.047   12.183  6.270   1.00 12.12 ? 102 LYS A N   1 
ATOM   501  C CA  . LYS A 1 60  ? 3.876   11.755  7.399   1.00 13.20 ? 102 LYS A CA  1 
ATOM   502  C C   . LYS A 1 60  ? 3.825   10.262  7.656   1.00 14.13 ? 102 LYS A C   1 
ATOM   503  O O   . LYS A 1 60  ? 4.642   9.748   8.407   1.00 14.55 ? 102 LYS A O   1 
ATOM   504  C CB  . LYS A 1 60  ? 3.504   12.503  8.680   1.00 14.30 ? 102 LYS A CB  1 
ATOM   505  C CG  . LYS A 1 60  ? 3.578   14.020  8.557   1.00 14.15 ? 102 LYS A CG  1 
ATOM   506  C CD  . LYS A 1 60  ? 4.933   14.488  8.038   1.00 15.10 ? 102 LYS A CD  1 
ATOM   507  C CE  . LYS A 1 60  ? 4.975   15.995  7.947   1.00 14.96 ? 102 LYS A CE  1 
ATOM   508  N NZ  . LYS A 1 60  ? 6.276   16.517  7.447   1.00 14.11 ? 102 LYS A NZ  1 
ATOM   509  N N   . THR A 1 61  ? 2.858   9.572   7.058   1.00 13.97 ? 103 THR A N   1 
ATOM   510  C CA  . THR A 1 61  ? 2.805   8.113   7.131   1.00 14.61 ? 103 THR A CA  1 
ATOM   511  C C   . THR A 1 61  ? 2.751   7.524   5.718   1.00 13.22 ? 103 THR A C   1 
ATOM   512  O O   . THR A 1 61  ? 1.712   7.011   5.296   1.00 12.71 ? 103 THR A O   1 
ATOM   513  C CB  . THR A 1 61  ? 1.597   7.619   7.954   1.00 15.69 ? 103 THR A CB  1 
ATOM   514  O OG1 . THR A 1 61  ? 1.577   8.295   9.219   1.00 22.36 ? 103 THR A OG1 1 
ATOM   515  C CG2 . THR A 1 61  ? 1.695   6.127   8.219   1.00 20.87 ? 103 THR A CG2 1 
ATOM   516  N N   . PRO A 1 62  ? 3.863   7.629   4.963   1.00 12.27 ? 104 PRO A N   1 
ATOM   517  C CA  . PRO A 1 62  ? 3.878   7.133   3.580   1.00 13.10 ? 104 PRO A CA  1 
ATOM   518  C C   . PRO A 1 62  ? 3.665   5.626   3.514   1.00 14.02 ? 104 PRO A C   1 
ATOM   519  O O   . PRO A 1 62  ? 3.999   4.880   4.442   1.00 14.01 ? 104 PRO A O   1 
ATOM   520  C CB  . PRO A 1 62  ? 5.287   7.502   3.083   1.00 13.47 ? 104 PRO A CB  1 
ATOM   521  C CG  . PRO A 1 62  ? 6.091   7.655   4.304   1.00 15.96 ? 104 PRO A CG  1 
ATOM   522  C CD  . PRO A 1 62  ? 5.170   8.183   5.357   1.00 14.27 ? 104 PRO A CD  1 
ATOM   523  N N   . MET A 1 63  ? 3.074   5.178   2.417   1.00 12.49 ? 105 MET A N   1 
ATOM   524  C CA  . MET A 1 63  ? 2.887   3.754   2.191   1.00 11.78 ? 105 MET A CA  1 
ATOM   525  C C   . MET A 1 63  ? 2.709   3.509   0.709   1.00 12.97 ? 105 MET A C   1 
ATOM   526  O O   . MET A 1 63  ? 2.201   4.362   -0.016  1.00 13.76 ? 105 MET A O   1 
ATOM   527  C CB  . MET A 1 63  ? 1.686   3.217   2.976   1.00 12.49 ? 105 MET A CB  1 
ATOM   528  C CG  . MET A 1 63  ? 1.543   1.693   2.956   1.00 12.84 ? 105 MET A CG  1 
ATOM   529  S SD  . MET A 1 63  ? 3.027   0.770   3.423   1.00 14.06 ? 105 MET A SD  1 
ATOM   530  C CE  . MET A 1 63  ? 3.385   1.474   5.028   1.00 15.64 ? 105 MET A CE  1 
ATOM   531  N N   . ASP A 1 64  ? 3.141   2.338   0.269   1.00 11.48 ? 106 ASP A N   1 
ATOM   532  C CA  . ASP A 1 64  ? 3.079   1.968   -1.134  1.00 11.45 ? 106 ASP A CA  1 
ATOM   533  C C   . ASP A 1 64  ? 2.988   0.450   -1.233  1.00 11.93 ? 106 ASP A C   1 
ATOM   534  O O   . ASP A 1 64  ? 3.260   -0.257  -0.254  1.00 12.51 ? 106 ASP A O   1 
ATOM   535  C CB  . ASP A 1 64  ? 4.332   2.457   -1.846  1.00 12.90 ? 106 ASP A CB  1 
ATOM   536  C CG  . ASP A 1 64  ? 5.571   1.750   -1.353  1.00 13.82 ? 106 ASP A CG  1 
ATOM   537  O OD1 . ASP A 1 64  ? 6.120   2.162   -0.304  1.00 13.09 ? 106 ASP A OD1 1 
ATOM   538  O OD2 . ASP A 1 64  ? 5.971   0.764   -1.999  1.00 13.27 ? 106 ASP A OD2 1 
ATOM   539  N N   . MET A 1 65  ? 2.635   -0.054  -2.414  1.00 11.69 ? 107 MET A N   1 
ATOM   540  C CA  . MET A 1 65  ? 2.442   -1.491  -2.589  1.00 13.29 ? 107 MET A CA  1 
ATOM   541  C C   . MET A 1 65  ? 3.734   -2.299  -2.607  1.00 12.06 ? 107 MET A C   1 
ATOM   542  O O   . MET A 1 65  ? 3.709   -3.498  -2.325  1.00 12.96 ? 107 MET A O   1 
ATOM   543  C CB  . MET A 1 65  ? 1.626   -1.790  -3.854  1.00 12.74 ? 107 MET A CB  1 
ATOM   544  C CG  . MET A 1 65  ? 0.193   -1.331  -3.749  1.00 13.81 ? 107 MET A CG  1 
ATOM   545  S SD  . MET A 1 65  ? -0.930  -2.149  -4.893  1.00 16.09 ? 107 MET A SD  1 
ATOM   546  C CE  . MET A 1 65  ? -0.279  -1.568  -6.452  1.00 13.80 ? 107 MET A CE  1 
ATOM   547  N N   . GLY A 1 66  ? 4.849   -1.665  -2.953  1.00 12.28 ? 108 GLY A N   1 
ATOM   548  C CA  . GLY A 1 66  ? 6.133   -2.339  -2.908  1.00 12.90 ? 108 GLY A CA  1 
ATOM   549  C C   . GLY A 1 66  ? 6.461   -2.695  -1.470  1.00 12.93 ? 108 GLY A C   1 
ATOM   550  O O   . GLY A 1 66  ? 6.867   -3.817  -1.165  1.00 13.70 ? 108 GLY A O   1 
ATOM   551  N N   . THR A 1 67  ? 6.265   -1.728  -0.584  1.00 12.12 ? 109 THR A N   1 
ATOM   552  C CA  . THR A 1 67  ? 6.442   -1.939  0.849   1.00 11.63 ? 109 THR A CA  1 
ATOM   553  C C   . THR A 1 67  ? 5.491   -3.003  1.393   1.00 13.33 ? 109 THR A C   1 
ATOM   554  O O   . THR A 1 67  ? 5.890   -3.884  2.159   1.00 12.41 ? 109 THR A O   1 
ATOM   555  C CB  . THR A 1 67  ? 6.234   -0.621  1.593   1.00 13.22 ? 109 THR A CB  1 
ATOM   556  O OG1 . THR A 1 67  ? 7.241   0.303   1.177   1.00 13.82 ? 109 THR A OG1 1 
ATOM   557  C CG2 . THR A 1 67  ? 6.330   -0.823  3.096   1.00 13.50 ? 109 THR A CG2 1 
ATOM   558  N N   . ILE A 1 68  ? 4.225   -2.923  0.994   1.00 12.15 ? 110 ILE A N   1 
ATOM   559  C CA  . ILE A 1 68  ? 3.233   -3.887  1.458   1.00 12.88 ? 110 ILE A CA  1 
ATOM   560  C C   . ILE A 1 68  ? 3.603   -5.289  0.995   1.00 13.28 ? 110 ILE A C   1 
ATOM   561  O O   . ILE A 1 68  ? 3.547   -6.234  1.781   1.00 13.45 ? 110 ILE A O   1 
ATOM   562  C CB  . ILE A 1 68  ? 1.820   -3.535  0.963   1.00 13.25 ? 110 ILE A CB  1 
ATOM   563  C CG1 . ILE A 1 68  ? 1.381   -2.216  1.587   1.00 12.50 ? 110 ILE A CG1 1 
ATOM   564  C CG2 . ILE A 1 68  ? 0.836   -4.641  1.323   1.00 12.93 ? 110 ILE A CG2 1 
ATOM   565  C CD1 . ILE A 1 68  ? 0.106   -1.634  0.983   1.00 13.46 ? 110 ILE A CD1 1 
ATOM   566  N N   . LYS A 1 69  ? 4.005   -5.418  -0.267  1.00 13.22 ? 111 LYS A N   1 
ATOM   567  C CA  . LYS A 1 69  ? 4.425   -6.712  -0.806  1.00 12.60 ? 111 LYS A CA  1 
ATOM   568  C C   . LYS A 1 69  ? 5.562   -7.309  0.029   1.00 13.79 ? 111 LYS A C   1 
ATOM   569  O O   . LYS A 1 69  ? 5.504   -8.472  0.428   1.00 15.03 ? 111 LYS A O   1 
ATOM   570  C CB  . LYS A 1 69  ? 4.842   -6.572  -2.272  1.00 14.85 ? 111 LYS A CB  1 
ATOM   571  C CG  . LYS A 1 69  ? 5.178   -7.886  -2.958  1.00 15.85 ? 111 LYS A CG  1 
ATOM   572  C CD  . LYS A 1 69  ? 5.414   -7.650  -4.449  1.00 19.19 ? 111 LYS A CD  1 
ATOM   573  C CE  . LYS A 1 69  ? 5.931   -8.897  -5.137  1.00 25.67 ? 111 LYS A CE  1 
ATOM   574  N NZ  . LYS A 1 69  ? 7.343   -9.177  -4.754  1.00 32.59 ? 111 LYS A NZ  1 
ATOM   575  N N   . LYS A 1 70  ? 6.577   -6.500  0.320   1.00 12.97 ? 112 LYS A N   1 
ATOM   576  C CA  . LYS A 1 70  ? 7.713   -6.964  1.106   1.00 13.88 ? 112 LYS A CA  1 
ATOM   577  C C   . LYS A 1 70  ? 7.294   -7.344  2.525   1.00 13.84 ? 112 LYS A C   1 
ATOM   578  O O   . LYS A 1 70  ? 7.752   -8.354  3.064   1.00 14.31 ? 112 LYS A O   1 
ATOM   579  C CB  . LYS A 1 70  ? 8.814   -5.904  1.142   1.00 15.91 ? 112 LYS A CB  1 
ATOM   580  C CG  . LYS A 1 70  ? 9.471   -5.657  -0.200  1.00 19.62 ? 112 LYS A CG  1 
ATOM   581  C CD  . LYS A 1 70  ? 10.491  -4.535  -0.105  1.00 23.48 ? 112 LYS A CD  1 
ATOM   582  C CE  . LYS A 1 70  ? 11.229  -4.350  -1.423  1.00 31.41 ? 112 LYS A CE  1 
ATOM   583  N NZ  . LYS A 1 70  ? 12.243  -3.260  -1.351  1.00 36.69 ? 112 LYS A NZ  1 
ATOM   584  N N   . ARG A 1 71  ? 6.417   -6.548  3.127   1.00 13.17 ? 113 ARG A N   1 
ATOM   585  C CA  . ARG A 1 71  ? 5.908   -6.877  4.455   1.00 13.58 ? 113 ARG A CA  1 
ATOM   586  C C   . ARG A 1 71  ? 5.187   -8.226  4.462   1.00 13.42 ? 113 ARG A C   1 
ATOM   587  O O   . ARG A 1 71  ? 5.393   -9.045  5.366   1.00 13.52 ? 113 ARG A O   1 
ATOM   588  C CB  . ARG A 1 71  ? 4.996   -5.761  4.964   1.00 12.58 ? 113 ARG A CB  1 
ATOM   589  C CG  . ARG A 1 71  ? 5.766   -4.525  5.354   1.00 13.07 ? 113 ARG A CG  1 
ATOM   590  C CD  . ARG A 1 71  ? 4.861   -3.406  5.859   1.00 12.24 ? 113 ARG A CD  1 
ATOM   591  N NE  . ARG A 1 71  ? 5.668   -2.337  6.448   1.00 12.26 ? 113 ARG A NE  1 
ATOM   592  C CZ  . ARG A 1 71  ? 5.194   -1.316  7.161   1.00 11.65 ? 113 ARG A CZ  1 
ATOM   593  N NH1 . ARG A 1 71  ? 3.896   -1.188  7.402   1.00 12.35 ? 113 ARG A NH1 1 
ATOM   594  N NH2 . ARG A 1 71  ? 6.042   -0.424  7.649   1.00 13.15 ? 113 ARG A NH2 1 
ATOM   595  N N   . LEU A 1 72  ? 4.350   -8.462  3.459   1.00 12.88 ? 114 LEU A N   1 
ATOM   596  C CA  . LEU A 1 72  ? 3.641   -9.729  3.339   1.00 12.76 ? 114 LEU A CA  1 
ATOM   597  C C   . LEU A 1 72  ? 4.616   -10.887 3.140   1.00 15.16 ? 114 LEU A C   1 
ATOM   598  O O   . LEU A 1 72  ? 4.489   -11.928 3.782   1.00 15.99 ? 114 LEU A O   1 
ATOM   599  C CB  . LEU A 1 72  ? 2.623   -9.673  2.199   1.00 14.62 ? 114 LEU A CB  1 
ATOM   600  C CG  . LEU A 1 72  ? 1.367   -8.849  2.468   1.00 13.73 ? 114 LEU A CG  1 
ATOM   601  C CD1 . LEU A 1 72  ? 0.654   -8.554  1.166   1.00 14.54 ? 114 LEU A CD1 1 
ATOM   602  C CD2 . LEU A 1 72  ? 0.440   -9.584  3.436   1.00 15.21 ? 114 LEU A CD2 1 
ATOM   603  N N   . GLU A 1 73  ? 5.600   -10.692 2.271   1.00 15.89 ? 115 GLU A N   1 
ATOM   604  C CA  . GLU A 1 73  ? 6.602   -11.721 1.994   1.00 15.84 ? 115 GLU A CA  1 
ATOM   605  C C   . GLU A 1 73  ? 7.409   -12.067 3.240   1.00 17.53 ? 115 GLU A C   1 
ATOM   606  O O   . GLU A 1 73  ? 7.811   -13.214 3.433   1.00 18.56 ? 115 GLU A O   1 
ATOM   607  C CB  . GLU A 1 73  ? 7.530   -11.265 0.872   1.00 16.31 ? 115 GLU A CB  1 
ATOM   608  C CG  . GLU A 1 73  ? 6.856   -11.238 -0.483  1.00 17.35 ? 115 GLU A CG  1 
ATOM   609  C CD  . GLU A 1 73  ? 7.693   -10.578 -1.550  1.00 20.75 ? 115 GLU A CD  1 
ATOM   610  O OE1 . GLU A 1 73  ? 8.599   -9.787  -1.211  1.00 21.47 ? 115 GLU A OE1 1 
ATOM   611  O OE2 . GLU A 1 73  ? 7.435   -10.851 -2.737  1.00 25.20 ? 115 GLU A OE2 1 
ATOM   612  N N   . ASN A 1 74  ? 7.635   -11.067 4.086   1.00 14.98 ? 116 ASN A N   1 
ATOM   613  C CA  . ASN A 1 74  ? 8.426   -11.231 5.298   1.00 18.27 ? 116 ASN A CA  1 
ATOM   614  C C   . ASN A 1 74  ? 7.629   -11.621 6.545   1.00 16.87 ? 116 ASN A C   1 
ATOM   615  O O   . ASN A 1 74  ? 8.202   -11.742 7.630   1.00 17.91 ? 116 ASN A O   1 
ATOM   616  C CB  . ASN A 1 74  ? 9.178   -9.934  5.591   1.00 20.37 ? 116 ASN A CB  1 
ATOM   617  C CG  . ASN A 1 74  ? 10.178  -9.580  4.515   1.00 23.92 ? 116 ASN A CG  1 
ATOM   618  O OD1 . ASN A 1 74  ? 10.502  -10.399 3.655   1.00 27.92 ? 116 ASN A OD1 1 
ATOM   619  N ND2 . ASN A 1 74  ? 10.690  -8.356  4.564   1.00 23.44 ? 116 ASN A ND2 1 
ATOM   620  N N   . ASN A 1 75  ? 6.325   -11.821 6.393   1.00 16.74 ? 117 ASN A N   1 
ATOM   621  C CA  . ASN A 1 75  ? 5.437   -12.096 7.528   1.00 15.94 ? 117 ASN A CA  1 
ATOM   622  C C   . ASN A 1 75  ? 5.515   -11.029 8.623   1.00 15.72 ? 117 ASN A C   1 
ATOM   623  O O   . ASN A 1 75  ? 5.428   -11.322 9.809   1.00 14.36 ? 117 ASN A O   1 
ATOM   624  C CB  . ASN A 1 75  ? 5.690   -13.494 8.097   1.00 15.54 ? 117 ASN A CB  1 
ATOM   625  C CG  . ASN A 1 75  ? 5.548   -14.571 7.046   1.00 21.79 ? 117 ASN A CG  1 
ATOM   626  O OD1 . ASN A 1 75  ? 4.521   -14.664 6.374   1.00 23.39 ? 117 ASN A OD1 1 
ATOM   627  N ND2 . ASN A 1 75  ? 6.590   -15.369 6.875   1.00 24.43 ? 117 ASN A ND2 1 
ATOM   628  N N   . TYR A 1 76  ? 5.666   -9.786  8.189   1.00 14.00 ? 118 TYR A N   1 
ATOM   629  C CA  . TYR A 1 76  ? 5.780   -8.638  9.071   1.00 12.38 ? 118 TYR A CA  1 
ATOM   630  C C   . TYR A 1 76  ? 4.482   -8.343  9.827   1.00 13.34 ? 118 TYR A C   1 
ATOM   631  O O   . TYR A 1 76  ? 4.504   -7.800  10.934  1.00 13.56 ? 118 TYR A O   1 
ATOM   632  C CB  . TYR A 1 76  ? 6.155   -7.429  8.214   1.00 13.24 ? 118 TYR A CB  1 
ATOM   633  C CG  . TYR A 1 76  ? 6.154   -6.101  8.921   1.00 13.11 ? 118 TYR A CG  1 
ATOM   634  C CD1 . TYR A 1 76  ? 7.294   -5.639  9.566   1.00 13.11 ? 118 TYR A CD1 1 
ATOM   635  C CD2 . TYR A 1 76  ? 5.022   -5.288  8.920   1.00 13.66 ? 118 TYR A CD2 1 
ATOM   636  C CE1 . TYR A 1 76  ? 7.307   -4.409  10.200  1.00 13.22 ? 118 TYR A CE1 1 
ATOM   637  C CE2 . TYR A 1 76  ? 5.026   -4.051  9.551   1.00 13.08 ? 118 TYR A CE2 1 
ATOM   638  C CZ  . TYR A 1 76  ? 6.167   -3.621  10.187  1.00 13.58 ? 118 TYR A CZ  1 
ATOM   639  O OH  . TYR A 1 76  ? 6.183   -2.404  10.814  1.00 14.48 ? 118 TYR A OH  1 
ATOM   640  N N   . TYR A 1 77  ? 3.348   -8.666  9.218   1.00 13.45 ? 119 TYR A N   1 
ATOM   641  C CA  . TYR A 1 77  ? 2.054   -8.326  9.809   1.00 13.41 ? 119 TYR A CA  1 
ATOM   642  C C   . TYR A 1 77  ? 1.572   -9.356  10.818  1.00 13.57 ? 119 TYR A C   1 
ATOM   643  O O   . TYR A 1 77  ? 1.827   -10.551 10.660  1.00 15.58 ? 119 TYR A O   1 
ATOM   644  C CB  . TYR A 1 77  ? 0.983   -8.218  8.726   1.00 13.31 ? 119 TYR A CB  1 
ATOM   645  C CG  . TYR A 1 77  ? 1.195   -7.124  7.707   1.00 12.08 ? 119 TYR A CG  1 
ATOM   646  C CD1 . TYR A 1 77  ? 1.111   -5.784  8.063   1.00 13.52 ? 119 TYR A CD1 1 
ATOM   647  C CD2 . TYR A 1 77  ? 1.429   -7.436  6.372   1.00 12.38 ? 119 TYR A CD2 1 
ATOM   648  C CE1 . TYR A 1 77  ? 1.287   -4.772  7.114   1.00 12.00 ? 119 TYR A CE1 1 
ATOM   649  C CE2 . TYR A 1 77  ? 1.597   -6.435  5.418   1.00 12.79 ? 119 TYR A CE2 1 
ATOM   650  C CZ  . TYR A 1 77  ? 1.518   -5.111  5.794   1.00 12.60 ? 119 TYR A CZ  1 
ATOM   651  O OH  . TYR A 1 77  ? 1.678   -4.111  4.857   1.00 13.17 ? 119 TYR A OH  1 
ATOM   652  N N   . TRP A 1 78  ? 0.844   -8.890  11.830  1.00 13.13 ? 120 TRP A N   1 
ATOM   653  C CA  . TRP A 1 78  ? 0.156   -9.799  12.744  1.00 13.48 ? 120 TRP A CA  1 
ATOM   654  C C   . TRP A 1 78  ? -1.096  -10.389 12.112  1.00 15.07 ? 120 TRP A C   1 
ATOM   655  O O   . TRP A 1 78  ? -1.386  -11.576 12.283  1.00 15.49 ? 120 TRP A O   1 
ATOM   656  C CB  . TRP A 1 78  ? -0.231  -9.079  14.035  1.00 13.92 ? 120 TRP A CB  1 
ATOM   657  C CG  . TRP A 1 78  ? -0.818  -9.998  15.055  1.00 15.94 ? 120 TRP A CG  1 
ATOM   658  C CD1 . TRP A 1 78  ? -2.130  -10.086 15.432  1.00 16.08 ? 120 TRP A CD1 1 
ATOM   659  C CD2 . TRP A 1 78  ? -0.113  -10.974 15.824  1.00 15.88 ? 120 TRP A CD2 1 
ATOM   660  N NE1 . TRP A 1 78  ? -2.279  -11.055 16.394  1.00 17.13 ? 120 TRP A NE1 1 
ATOM   661  C CE2 . TRP A 1 78  ? -1.053  -11.614 16.653  1.00 15.48 ? 120 TRP A CE2 1 
ATOM   662  C CE3 . TRP A 1 78  ? 1.230   -11.360 15.901  1.00 15.62 ? 120 TRP A CE3 1 
ATOM   663  C CZ2 . TRP A 1 78  ? -0.694  -12.621 17.544  1.00 15.94 ? 120 TRP A CZ2 1 
ATOM   664  C CZ3 . TRP A 1 78  ? 1.581   -12.365 16.782  1.00 15.36 ? 120 TRP A CZ3 1 
ATOM   665  C CH2 . TRP A 1 78  ? 0.625   -12.980 17.589  1.00 14.66 ? 120 TRP A CH2 1 
ATOM   666  N N   . ASN A 1 79  ? -1.855  -9.564  11.397  1.00 13.66 ? 121 ASN A N   1 
ATOM   667  C CA  . ASN A 1 79  ? -3.098  -10.034 10.798  1.00 13.97 ? 121 ASN A CA  1 
ATOM   668  C C   . ASN A 1 79  ? -3.514  -9.252  9.554   1.00 14.16 ? 121 ASN A C   1 
ATOM   669  O O   . ASN A 1 79  ? -2.888  -8.253  9.198   1.00 13.29 ? 121 ASN A O   1 
ATOM   670  C CB  . ASN A 1 79  ? -4.233  -10.088 11.838  1.00 13.49 ? 121 ASN A CB  1 
ATOM   671  C CG  . ASN A 1 79  ? -4.586  -8.728  12.423  1.00 14.65 ? 121 ASN A CG  1 
ATOM   672  O OD1 . ASN A 1 79  ? -4.287  -7.681  11.852  1.00 15.48 ? 121 ASN A OD1 1 
ATOM   673  N ND2 . ASN A 1 79  ? -5.245  -8.747  13.575  1.00 16.71 ? 121 ASN A ND2 1 
ATOM   674  N N   . ALA A 1 80  ? -4.566  -9.729  8.899   1.00 14.22 ? 122 ALA A N   1 
ATOM   675  C CA  . ALA A 1 80  ? -5.034  -9.133  7.654   1.00 13.70 ? 122 ALA A CA  1 
ATOM   676  C C   . ALA A 1 80  ? -5.442  -7.679  7.841   1.00 12.86 ? 122 ALA A C   1 
ATOM   677  O O   . ALA A 1 80  ? -5.202  -6.844  6.963   1.00 13.46 ? 122 ALA A O   1 
ATOM   678  C CB  . ALA A 1 80  ? -6.190  -9.943  7.096   1.00 14.39 ? 122 ALA A CB  1 
ATOM   679  N N   . GLN A 1 81  ? -6.074  -7.362  8.966   1.00 13.50 ? 123 GLN A N   1 
ATOM   680  C CA  . GLN A 1 81  ? -6.534  -5.995  9.172   1.00 14.80 ? 123 GLN A CA  1 
ATOM   681  C C   . GLN A 1 81  ? -5.359  -5.020  9.184   1.00 12.27 ? 123 GLN A C   1 
ATOM   682  O O   . GLN A 1 81  ? -5.473  -3.888  8.700   1.00 14.78 ? 123 GLN A O   1 
ATOM   683  C CB  . GLN A 1 81  ? -7.350  -5.858  10.461  1.00 19.75 ? 123 GLN A CB  1 
ATOM   684  C CG  . GLN A 1 81  ? -7.928  -4.458  10.648  1.00 25.69 ? 123 GLN A CG  1 
ATOM   685  C CD  . GLN A 1 81  ? -8.651  -3.948  9.397   1.00 29.15 ? 123 GLN A CD  1 
ATOM   686  O OE1 . GLN A 1 81  ? -9.563  -4.603  8.877   1.00 32.75 ? 123 GLN A OE1 1 
ATOM   687  N NE2 . GLN A 1 81  ? -8.232  -2.780  8.900   1.00 27.89 ? 123 GLN A NE2 1 
ATOM   688  N N   . GLU A 1 82  ? -4.228  -5.460  9.730   1.00 12.96 ? 124 GLU A N   1 
ATOM   689  C CA  . GLU A 1 82  ? -3.056  -4.605  9.780   1.00 12.34 ? 124 GLU A CA  1 
ATOM   690  C C   . GLU A 1 82  ? -2.580  -4.291  8.369   1.00 12.58 ? 124 GLU A C   1 
ATOM   691  O O   . GLU A 1 82  ? -2.249  -3.151  8.064   1.00 12.98 ? 124 GLU A O   1 
ATOM   692  C CB  . GLU A 1 82  ? -1.941  -5.247  10.603  1.00 12.83 ? 124 GLU A CB  1 
ATOM   693  C CG  . GLU A 1 82  ? -0.754  -4.353  10.770  1.00 14.64 ? 124 GLU A CG  1 
ATOM   694  C CD  . GLU A 1 82  ? 0.380   -5.001  11.522  1.00 17.44 ? 124 GLU A CD  1 
ATOM   695  O OE1 . GLU A 1 82  ? 0.205   -6.122  12.054  1.00 15.65 ? 124 GLU A OE1 1 
ATOM   696  O OE2 . GLU A 1 82  ? 1.461   -4.383  11.563  1.00 18.63 ? 124 GLU A OE2 1 
ATOM   697  N N   . CYS A 1 83  ? -2.568  -5.309  7.511   1.00 12.09 ? 125 CYS A N   1 
ATOM   698  C CA  . CYS A 1 83  ? -2.189  -5.124  6.115   1.00 12.76 ? 125 CYS A CA  1 
ATOM   699  C C   . CYS A 1 83  ? -3.194  -4.222  5.384   1.00 11.85 ? 125 CYS A C   1 
ATOM   700  O O   . CYS A 1 83  ? -2.807  -3.320  4.632   1.00 11.97 ? 125 CYS A O   1 
ATOM   701  C CB  . CYS A 1 83  ? -2.081  -6.474  5.420   1.00 13.61 ? 125 CYS A CB  1 
ATOM   702  S SG  . CYS A 1 83  ? -1.777  -6.363  3.655   1.00 14.70 ? 125 CYS A SG  1 
ATOM   703  N N   . ILE A 1 84  ? -4.482  -4.483  5.597   1.00 12.96 ? 126 ILE A N   1 
ATOM   704  C CA  . ILE A 1 84  ? -5.547  -3.688  4.995   1.00 12.78 ? 126 ILE A CA  1 
ATOM   705  C C   . ILE A 1 84  ? -5.406  -2.206  5.362   1.00 14.56 ? 126 ILE A C   1 
ATOM   706  O O   . ILE A 1 84  ? -5.590  -1.329  4.509   1.00 13.77 ? 126 ILE A O   1 
ATOM   707  C CB  . ILE A 1 84  ? -6.941  -4.270  5.346   1.00 12.57 ? 126 ILE A CB  1 
ATOM   708  C CG1 . ILE A 1 84  ? -7.140  -5.584  4.581   1.00 13.47 ? 126 ILE A CG1 1 
ATOM   709  C CG2 . ILE A 1 84  ? -8.062  -3.288  5.021   1.00 15.11 ? 126 ILE A CG2 1 
ATOM   710  C CD1 . ILE A 1 84  ? -8.272  -6.453  5.114   1.00 15.29 ? 126 ILE A CD1 1 
ATOM   711  N N   . GLN A 1 85  ? -5.014  -1.929  6.605   1.00 12.02 ? 127 GLN A N   1 
ATOM   712  C CA  . GLN A 1 85  ? -4.770  -0.554  7.031   1.00 12.57 ? 127 GLN A CA  1 
ATOM   713  C C   . GLN A 1 85  ? -3.666  0.111   6.208   1.00 12.30 ? 127 GLN A C   1 
ATOM   714  O O   . GLN A 1 85  ? -3.763  1.295   5.885   1.00 13.95 ? 127 GLN A O   1 
ATOM   715  C CB  . GLN A 1 85  ? -4.422  -0.492  8.517   1.00 14.99 ? 127 GLN A CB  1 
ATOM   716  C CG  . GLN A 1 85  ? -4.105  0.923   8.994   1.00 20.85 ? 127 GLN A CG  1 
ATOM   717  C CD  . GLN A 1 85  ? -5.305  1.858   8.871   1.00 27.62 ? 127 GLN A CD  1 
ATOM   718  O OE1 . GLN A 1 85  ? -6.257  1.757   9.651   1.00 34.24 ? 127 GLN A OE1 1 
ATOM   719  N NE2 . GLN A 1 85  ? -5.268  2.771   7.887   1.00 24.44 ? 127 GLN A NE2 1 
ATOM   720  N N   . ASP A 1 86  ? -2.629  -0.644  5.845   1.00 11.49 ? 128 ASP A N   1 
ATOM   721  C CA  . ASP A 1 86  ? -1.582  -0.088  4.987   1.00 12.02 ? 128 ASP A CA  1 
ATOM   722  C C   . ASP A 1 86  ? -2.092  0.278   3.594   1.00 12.64 ? 128 ASP A C   1 
ATOM   723  O O   . ASP A 1 86  ? -1.747  1.341   3.082   1.00 12.75 ? 128 ASP A O   1 
ATOM   724  C CB  . ASP A 1 86  ? -0.385  -1.027  4.878   1.00 11.39 ? 128 ASP A CB  1 
ATOM   725  C CG  . ASP A 1 86  ? 0.548   -0.924  6.073   1.00 13.15 ? 128 ASP A CG  1 
ATOM   726  O OD1 . ASP A 1 86  ? 0.373   -0.009  6.910   1.00 14.52 ? 128 ASP A OD1 1 
ATOM   727  O OD2 . ASP A 1 86  ? 1.464   -1.758  6.150   1.00 13.03 ? 128 ASP A OD2 1 
ATOM   728  N N   . PHE A 1 87  ? -2.908  -0.585  2.982   1.00 11.97 ? 129 PHE A N   1 
ATOM   729  C CA  . PHE A 1 87  ? -3.535  -0.228  1.706   1.00 12.02 ? 129 PHE A CA  1 
ATOM   730  C C   . PHE A 1 87  ? -4.356  1.057   1.856   1.00 11.72 ? 129 PHE A C   1 
ATOM   731  O O   . PHE A 1 87  ? -4.248  1.975   1.037   1.00 11.60 ? 129 PHE A O   1 
ATOM   732  C CB  . PHE A 1 87  ? -4.448  -1.344  1.208   1.00 12.93 ? 129 PHE A CB  1 
ATOM   733  C CG  . PHE A 1 87  ? -3.743  -2.440  0.454   1.00 12.00 ? 129 PHE A CG  1 
ATOM   734  C CD1 . PHE A 1 87  ? -3.484  -2.311  -0.907  1.00 13.68 ? 129 PHE A CD1 1 
ATOM   735  C CD2 . PHE A 1 87  ? -3.392  -3.626  1.088   1.00 12.15 ? 129 PHE A CD2 1 
ATOM   736  C CE1 . PHE A 1 87  ? -2.863  -3.337  -1.617  1.00 14.96 ? 129 PHE A CE1 1 
ATOM   737  C CE2 . PHE A 1 87  ? -2.774  -4.664  0.368   1.00 13.16 ? 129 PHE A CE2 1 
ATOM   738  C CZ  . PHE A 1 87  ? -2.510  -4.504  -0.978  1.00 14.53 ? 129 PHE A CZ  1 
ATOM   739  N N   . ASN A 1 88  ? -5.175  1.129   2.903   1.00 11.89 ? 130 ASN A N   1 
ATOM   740  C CA  . ASN A 1 88  ? -6.011  2.316   3.113   1.00 12.90 ? 130 ASN A CA  1 
ATOM   741  C C   . ASN A 1 88  ? -5.208  3.596   3.346   1.00 12.39 ? 130 ASN A C   1 
ATOM   742  O O   . ASN A 1 88  ? -5.562  4.660   2.838   1.00 15.09 ? 130 ASN A O   1 
ATOM   743  C CB  . ASN A 1 88  ? -7.062  2.071   4.202   1.00 16.69 ? 130 ASN A CB  1 
ATOM   744  C CG  . ASN A 1 88  ? -8.196  1.173   3.710   1.00 19.43 ? 130 ASN A CG  1 
ATOM   745  O OD1 . ASN A 1 88  ? -8.580  1.224   2.537   1.00 22.20 ? 130 ASN A OD1 1 
ATOM   746  N ND2 . ASN A 1 88  ? -8.739  0.355   4.605   1.00 21.85 ? 130 ASN A ND2 1 
ATOM   747  N N   . THR A 1 89  ? -4.103  3.482   4.072   1.00 12.26 ? 131 THR A N   1 
ATOM   748  C CA  . THR A 1 89  ? -3.188  4.597   4.253   1.00 12.62 ? 131 THR A CA  1 
ATOM   749  C C   . THR A 1 89  ? -2.617  5.048   2.898   1.00 11.95 ? 131 THR A C   1 
ATOM   750  O O   . THR A 1 89  ? -2.507  6.247   2.619   1.00 12.53 ? 131 THR A O   1 
ATOM   751  C CB  . THR A 1 89  ? -2.036  4.198   5.191   1.00 12.33 ? 131 THR A CB  1 
ATOM   752  O OG1 . THR A 1 89  ? -2.552  4.008   6.515   1.00 16.48 ? 131 THR A OG1 1 
ATOM   753  C CG2 . THR A 1 89  ? -0.949  5.275   5.227   1.00 13.83 ? 131 THR A CG2 1 
ATOM   754  N N   . MET A 1 90  ? -2.254  4.083   2.057   1.00 12.38 ? 132 MET A N   1 
ATOM   755  C CA  . MET A 1 90  ? -1.751  4.410   0.728   1.00 11.92 ? 132 MET A CA  1 
ATOM   756  C C   . MET A 1 90  ? -2.776  5.202   -0.083  1.00 12.22 ? 132 MET A C   1 
ATOM   757  O O   . MET A 1 90  ? -2.439  6.212   -0.706  1.00 13.41 ? 132 MET A O   1 
ATOM   758  C CB  . MET A 1 90  ? -1.362  3.135   -0.019  1.00 12.43 ? 132 MET A CB  1 
ATOM   759  C CG  . MET A 1 90  ? -0.804  3.368   -1.414  1.00 12.64 ? 132 MET A CG  1 
ATOM   760  S SD  . MET A 1 90  ? -0.493  1.817   -2.267  1.00 12.86 ? 132 MET A SD  1 
ATOM   761  C CE  . MET A 1 90  ? -2.160  1.354   -2.725  1.00 13.31 ? 132 MET A CE  1 
ATOM   762  N N   . PHE A 1 91  ? -4.027  4.752   -0.058  1.00 12.40 ? 133 PHE A N   1 
ATOM   763  C CA  . PHE A 1 91  ? -5.051  5.428   -0.846  1.00 12.81 ? 133 PHE A CA  1 
ATOM   764  C C   . PHE A 1 91  ? -5.311  6.823   -0.289  1.00 12.13 ? 133 PHE A C   1 
ATOM   765  O O   . PHE A 1 91  ? -5.310  7.808   -1.040  1.00 12.06 ? 133 PHE A O   1 
ATOM   766  C CB  . PHE A 1 91  ? -6.341  4.607   -0.896  1.00 13.02 ? 133 PHE A CB  1 
ATOM   767  C CG  . PHE A 1 91  ? -6.199  3.299   -1.627  1.00 12.61 ? 133 PHE A CG  1 
ATOM   768  C CD1 . PHE A 1 91  ? -5.630  3.247   -2.894  1.00 13.78 ? 133 PHE A CD1 1 
ATOM   769  C CD2 . PHE A 1 91  ? -6.639  2.117   -1.047  1.00 15.43 ? 133 PHE A CD2 1 
ATOM   770  C CE1 . PHE A 1 91  ? -5.498  2.040   -3.565  1.00 15.44 ? 133 PHE A CE1 1 
ATOM   771  C CE2 . PHE A 1 91  ? -6.520  0.907   -1.722  1.00 14.25 ? 133 PHE A CE2 1 
ATOM   772  C CZ  . PHE A 1 91  ? -5.936  0.873   -2.977  1.00 13.76 ? 133 PHE A CZ  1 
ATOM   773  N N   . THR A 1 92  ? -5.517  6.914   1.022   1.00 13.58 ? 134 THR A N   1 
ATOM   774  C CA  . THR A 1 92  ? -5.792  8.207   1.633   1.00 13.24 ? 134 THR A CA  1 
ATOM   775  C C   . THR A 1 92  ? -4.635  9.182   1.456   1.00 12.98 ? 134 THR A C   1 
ATOM   776  O O   . THR A 1 92  ? -4.867  10.365  1.232   1.00 14.47 ? 134 THR A O   1 
ATOM   777  C CB  . THR A 1 92  ? -6.200  8.106   3.119   1.00 16.41 ? 134 THR A CB  1 
ATOM   778  O OG1 . THR A 1 92  ? -5.157  7.490   3.870   1.00 22.46 ? 134 THR A OG1 1 
ATOM   779  C CG2 . THR A 1 92  ? -7.459  7.284   3.256   1.00 16.25 ? 134 THR A CG2 1 
ATOM   780  N N   . ASN A 1 93  ? -3.395  8.699   1.528   1.00 13.82 ? 135 ASN A N   1 
ATOM   781  C CA  . ASN A 1 93  ? -2.252  9.582   1.261   1.00 13.11 ? 135 ASN A CA  1 
ATOM   782  C C   . ASN A 1 93  ? -2.386  10.253  -0.090  1.00 14.27 ? 135 ASN A C   1 
ATOM   783  O O   . ASN A 1 93  ? -2.080  11.438  -0.251  1.00 13.48 ? 135 ASN A O   1 
ATOM   784  C CB  . ASN A 1 93  ? -0.927  8.826   1.291   1.00 13.11 ? 135 ASN A CB  1 
ATOM   785  C CG  . ASN A 1 93  ? -0.472  8.488   2.691   1.00 14.52 ? 135 ASN A CG  1 
ATOM   786  O OD1 . ASN A 1 93  ? -0.988  9.014   3.682   1.00 14.53 ? 135 ASN A OD1 1 
ATOM   787  N ND2 . ASN A 1 93  ? 0.517   7.612   2.777   1.00 12.75 ? 135 ASN A ND2 1 
ATOM   788  N N   . CYS A 1 94  ? -2.832  9.478   -1.073  1.00 12.57 ? 136 CYS A N   1 
ATOM   789  C CA  . CYS A 1 94  ? -2.980  10.006  -2.413  1.00 13.01 ? 136 CYS A CA  1 
ATOM   790  C C   . CYS A 1 94  ? -4.040  11.110  -2.439  1.00 12.88 ? 136 CYS A C   1 
ATOM   791  O O   . CYS A 1 94  ? -3.840  12.164  -3.060  1.00 11.89 ? 136 CYS A O   1 
ATOM   792  C CB  . CYS A 1 94  ? -3.316  8.880   -3.391  1.00 12.43 ? 136 CYS A CB  1 
ATOM   793  S SG  . CYS A 1 94  ? -3.329  9.403   -5.107  1.00 13.12 ? 136 CYS A SG  1 
ATOM   794  N N   . TYR A 1 95  ? -5.155  10.878  -1.749  1.00 12.11 ? 137 TYR A N   1 
ATOM   795  C CA  . TYR A 1 95  ? -6.228  11.868  -1.722  1.00 13.75 ? 137 TYR A CA  1 
ATOM   796  C C   . TYR A 1 95  ? -5.782  13.112  -0.959  1.00 13.63 ? 137 TYR A C   1 
ATOM   797  O O   . TYR A 1 95  ? -6.150  14.232  -1.315  1.00 15.23 ? 137 TYR A O   1 
ATOM   798  C CB  . TYR A 1 95  ? -7.501  11.270  -1.121  1.00 13.13 ? 137 TYR A CB  1 
ATOM   799  C CG  . TYR A 1 95  ? -7.895  9.950   -1.756  1.00 13.38 ? 137 TYR A CG  1 
ATOM   800  C CD1 . TYR A 1 95  ? -7.736  9.733   -3.121  1.00 13.93 ? 137 TYR A CD1 1 
ATOM   801  C CD2 . TYR A 1 95  ? -8.407  8.913   -0.984  1.00 13.21 ? 137 TYR A CD2 1 
ATOM   802  C CE1 . TYR A 1 95  ? -8.083  8.521   -3.698  1.00 13.32 ? 137 TYR A CE1 1 
ATOM   803  C CE2 . TYR A 1 95  ? -8.762  7.704   -1.549  1.00 14.64 ? 137 TYR A CE2 1 
ATOM   804  C CZ  . TYR A 1 95  ? -8.590  7.509   -2.901  1.00 13.65 ? 137 TYR A CZ  1 
ATOM   805  O OH  . TYR A 1 95  ? -8.942  6.302   -3.461  1.00 14.68 ? 137 TYR A OH  1 
ATOM   806  N N   . ILE A 1 96  ? -4.957  12.913  0.062   1.00 14.00 ? 138 ILE A N   1 
ATOM   807  C CA  . ILE A 1 96  ? -4.436  14.025  0.850   1.00 15.02 ? 138 ILE A CA  1 
ATOM   808  C C   . ILE A 1 96  ? -3.415  14.868  0.081   1.00 14.78 ? 138 ILE A C   1 
ATOM   809  O O   . ILE A 1 96  ? -3.479  16.099  0.106   1.00 15.61 ? 138 ILE A O   1 
ATOM   810  C CB  . ILE A 1 96  ? -3.808  13.514  2.154   1.00 12.83 ? 138 ILE A CB  1 
ATOM   811  C CG1 . ILE A 1 96  ? -4.905  13.009  3.093   1.00 12.76 ? 138 ILE A CG1 1 
ATOM   812  C CG2 . ILE A 1 96  ? -2.985  14.611  2.816   1.00 14.99 ? 138 ILE A CG2 1 
ATOM   813  C CD1 . ILE A 1 96  ? -4.365  12.254  4.306   1.00 15.72 ? 138 ILE A CD1 1 
ATOM   814  N N   . TYR A 1 97  ? -2.476  14.219  -0.605  1.00 14.06 ? 139 TYR A N   1 
ATOM   815  C CA  . TYR A 1 97  ? -1.390  14.960  -1.247  1.00 13.64 ? 139 TYR A CA  1 
ATOM   816  C C   . TYR A 1 97  ? -1.848  15.711  -2.493  1.00 14.16 ? 139 TYR A C   1 
ATOM   817  O O   . TYR A 1 97  ? -1.231  16.707  -2.894  1.00 15.01 ? 139 TYR A O   1 
ATOM   818  C CB  . TYR A 1 97  ? -0.191  14.053  -1.580  1.00 14.01 ? 139 TYR A CB  1 
ATOM   819  C CG  . TYR A 1 97  ? 0.921   14.841  -2.235  1.00 14.16 ? 139 TYR A CG  1 
ATOM   820  C CD1 . TYR A 1 97  ? 1.639   15.782  -1.512  1.00 15.87 ? 139 TYR A CD1 1 
ATOM   821  C CD2 . TYR A 1 97  ? 1.220   14.686  -3.581  1.00 12.57 ? 139 TYR A CD2 1 
ATOM   822  C CE1 . TYR A 1 97  ? 2.633   16.546  -2.107  1.00 14.56 ? 139 TYR A CE1 1 
ATOM   823  C CE2 . TYR A 1 97  ? 2.210   15.438  -4.180  1.00 13.73 ? 139 TYR A CE2 1 
ATOM   824  C CZ  . TYR A 1 97  ? 2.913   16.366  -3.439  1.00 14.16 ? 139 TYR A CZ  1 
ATOM   825  O OH  . TYR A 1 97  ? 3.894   17.122  -4.040  1.00 16.23 ? 139 TYR A OH  1 
ATOM   826  N N   . ASN A 1 98  ? -2.933  15.235  -3.094  1.00 14.46 ? 140 ASN A N   1 
ATOM   827  C CA  . ASN A 1 98  ? -3.402  15.776  -4.355  1.00 14.20 ? 140 ASN A CA  1 
ATOM   828  C C   . ASN A 1 98  ? -4.732  16.493  -4.171  1.00 15.58 ? 140 ASN A C   1 
ATOM   829  O O   . ASN A 1 98  ? -4.960  17.090  -3.119  1.00 16.97 ? 140 ASN A O   1 
ATOM   830  C CB  . ASN A 1 98  ? -3.435  14.662  -5.395  1.00 14.54 ? 140 ASN A CB  1 
ATOM   831  C CG  . ASN A 1 98  ? -2.067  14.008  -5.562  1.00 13.53 ? 140 ASN A CG  1 
ATOM   832  O OD1 . ASN A 1 98  ? -1.163  14.594  -6.161  1.00 13.68 ? 140 ASN A OD1 1 
ATOM   833  N ND2 . ASN A 1 98  ? -1.898  12.810  -5.002  1.00 12.87 ? 140 ASN A ND2 1 
ATOM   834  N N   . LYS A 1 99  ? -5.595  16.460  -5.180  1.00 17.15 ? 141 LYS A N   1 
ATOM   835  C CA  . LYS A 1 99  ? -6.894  17.115  -5.061  1.00 19.25 ? 141 LYS A CA  1 
ATOM   836  C C   . LYS A 1 99  ? -7.918  16.366  -5.901  1.00 18.39 ? 141 LYS A C   1 
ATOM   837  O O   . LYS A 1 99  ? -7.534  15.607  -6.790  1.00 16.33 ? 141 LYS A O   1 
ATOM   838  C CB  . LYS A 1 99  ? -6.795  18.599  -5.441  1.00 23.38 ? 141 LYS A CB  1 
ATOM   839  C CG  . LYS A 1 99  ? -6.231  18.876  -6.815  1.00 21.79 ? 141 LYS A CG  1 
ATOM   840  C CD  . LYS A 1 99  ? -5.946  20.365  -7.012  1.00 24.09 ? 141 LYS A CD  1 
ATOM   841  C CE  . LYS A 1 99  ? -7.199  21.192  -6.791  1.00 24.55 ? 141 LYS A CE  1 
ATOM   842  N NZ  . LYS A 1 99  ? -7.041  22.604  -7.241  1.00 24.19 ? 141 LYS A NZ  1 
ATOM   843  N N   . PRO A 1 100 ? -9.219  16.549  -5.608  1.00 17.37 ? 142 PRO A N   1 
ATOM   844  C CA  . PRO A 1 100 ? -10.218 15.755  -6.324  1.00 18.87 ? 142 PRO A CA  1 
ATOM   845  C C   . PRO A 1 100 ? -10.140 15.985  -7.826  1.00 17.70 ? 142 PRO A C   1 
ATOM   846  O O   . PRO A 1 100 ? -9.929  17.112  -8.282  1.00 20.78 ? 142 PRO A O   1 
ATOM   847  C CB  . PRO A 1 100 ? -11.549 16.281  -5.773  1.00 21.53 ? 142 PRO A CB  1 
ATOM   848  C CG  . PRO A 1 100 ? -11.204 16.851  -4.439  1.00 21.41 ? 142 PRO A CG  1 
ATOM   849  C CD  . PRO A 1 100 ? -9.837  17.435  -4.602  1.00 20.45 ? 142 PRO A CD  1 
ATOM   850  N N   . GLY A 1 101 ? -10.282 14.903  -8.579  1.00 16.82 ? 143 GLY A N   1 
ATOM   851  C CA  . GLY A 1 101 ? -10.327 14.980  -10.023 1.00 19.22 ? 143 GLY A CA  1 
ATOM   852  C C   . GLY A 1 101 ? -8.986  14.825  -10.715 1.00 15.92 ? 143 GLY A C   1 
ATOM   853  O O   . GLY A 1 101 ? -8.944  14.620  -11.930 1.00 19.00 ? 143 GLY A O   1 
ATOM   854  N N   . ASP A 1 102 ? -7.892  14.932  -9.959  1.00 13.65 ? 144 ASP A N   1 
ATOM   855  C CA  . ASP A 1 102 ? -6.559  14.743  -10.526 1.00 14.52 ? 144 ASP A CA  1 
ATOM   856  C C   . ASP A 1 102 ? -6.440  13.345  -11.130 1.00 13.88 ? 144 ASP A C   1 
ATOM   857  O O   . ASP A 1 102 ? -7.028  12.395  -10.612 1.00 13.61 ? 144 ASP A O   1 
ATOM   858  C CB  . ASP A 1 102 ? -5.487  14.885  -9.442  1.00 13.57 ? 144 ASP A CB  1 
ATOM   859  C CG  . ASP A 1 102 ? -5.201  16.331  -9.061  1.00 15.89 ? 144 ASP A CG  1 
ATOM   860  O OD1 . ASP A 1 102 ? -5.676  17.264  -9.753  1.00 19.03 ? 144 ASP A OD1 1 
ATOM   861  O OD2 . ASP A 1 102 ? -4.466  16.532  -8.069  1.00 16.28 ? 144 ASP A OD2 1 
ATOM   862  N N   . ASP A 1 103 ? -5.677  13.218  -12.214 1.00 14.00 ? 145 ASP A N   1 
ATOM   863  C CA  . ASP A 1 103 ? -5.420  11.912  -12.811 1.00 12.55 ? 145 ASP A CA  1 
ATOM   864  C C   . ASP A 1 103 ? -4.893  10.916  -11.772 1.00 12.50 ? 145 ASP A C   1 
ATOM   865  O O   . ASP A 1 103 ? -5.351  9.779   -11.704 1.00 12.93 ? 145 ASP A O   1 
ATOM   866  C CB  . ASP A 1 103 ? -4.447  12.012  -14.002 1.00 12.62 ? 145 ASP A CB  1 
ATOM   867  C CG  . ASP A 1 103 ? -5.136  12.444  -15.292 1.00 15.22 ? 145 ASP A CG  1 
ATOM   868  O OD1 . ASP A 1 103 ? -6.374  12.604  -15.287 1.00 14.73 ? 145 ASP A OD1 1 
ATOM   869  O OD2 . ASP A 1 103 ? -4.437  12.595  -16.313 1.00 15.75 ? 145 ASP A OD2 1 
ATOM   870  N N   . ILE A 1 104 ? -3.950  11.348  -10.940 1.00 13.00 ? 146 ILE A N   1 
ATOM   871  C CA  . ILE A 1 104 ? -3.386  10.444  -9.937  1.00 12.11 ? 146 ILE A CA  1 
ATOM   872  C C   . ILE A 1 104 ? -4.459  9.967   -8.958  1.00 12.90 ? 146 ILE A C   1 
ATOM   873  O O   . ILE A 1 104 ? -4.452  8.813   -8.531  1.00 12.44 ? 146 ILE A O   1 
ATOM   874  C CB  . ILE A 1 104 ? -2.186  11.084  -9.196  1.00 11.66 ? 146 ILE A CB  1 
ATOM   875  C CG1 . ILE A 1 104 ? -1.520  10.070  -8.265  1.00 11.31 ? 146 ILE A CG1 1 
ATOM   876  C CG2 . ILE A 1 104 ? -2.615  12.321  -8.431  1.00 13.77 ? 146 ILE A CG2 1 
ATOM   877  C CD1 . ILE A 1 104 ? -0.780  8.974   -8.988  1.00 13.04 ? 146 ILE A CD1 1 
ATOM   878  N N   . VAL A 1 105 ? -5.394  10.858  -8.632  1.00 13.07 ? 147 VAL A N   1 
ATOM   879  C CA  . VAL A 1 105 ? -6.483  10.530  -7.728  1.00 12.04 ? 147 VAL A CA  1 
ATOM   880  C C   . VAL A 1 105 ? -7.471  9.568   -8.388  1.00 12.82 ? 147 VAL A C   1 
ATOM   881  O O   . VAL A 1 105 ? -7.929  8.613   -7.750  1.00 13.56 ? 147 VAL A O   1 
ATOM   882  C CB  . VAL A 1 105 ? -7.161  11.812  -7.199  1.00 12.57 ? 147 VAL A CB  1 
ATOM   883  C CG1 . VAL A 1 105 ? -8.487  11.501  -6.521  1.00 14.21 ? 147 VAL A CG1 1 
ATOM   884  C CG2 . VAL A 1 105 ? -6.211  12.545  -6.242  1.00 13.54 ? 147 VAL A CG2 1 
ATOM   885  N N   . LEU A 1 106 ? -7.770  9.788   -9.671  1.00 12.88 ? 148 LEU A N   1 
ATOM   886  C CA  . LEU A 1 106 ? -8.614  8.850   -10.419 1.00 13.55 ? 148 LEU A CA  1 
ATOM   887  C C   . LEU A 1 106 ? -8.010  7.447   -10.421 1.00 13.83 ? 148 LEU A C   1 
ATOM   888  O O   . LEU A 1 106 ? -8.731  6.447   -10.352 1.00 15.10 ? 148 LEU A O   1 
ATOM   889  C CB  . LEU A 1 106 ? -8.825  9.329   -11.859 1.00 14.51 ? 148 LEU A CB  1 
ATOM   890  C CG  . LEU A 1 106 ? -9.599  10.635  -12.019 1.00 15.67 ? 148 LEU A CG  1 
ATOM   891  C CD1 . LEU A 1 106 ? -9.620  11.066  -13.474 1.00 15.72 ? 148 LEU A CD1 1 
ATOM   892  C CD2 . LEU A 1 106 ? -11.010 10.479  -11.495 1.00 17.50 ? 148 LEU A CD2 1 
ATOM   893  N N   . MET A 1 107 ? -6.685  7.372   -10.488 1.00 13.42 ? 149 MET A N   1 
ATOM   894  C CA  . MET A 1 107 ? -5.998  6.089   -10.451 1.00 13.59 ? 149 MET A CA  1 
ATOM   895  C C   . MET A 1 107 ? -6.174  5.414   -9.097  1.00 13.09 ? 149 MET A C   1 
ATOM   896  O O   . MET A 1 107 ? -6.568  4.252   -9.017  1.00 14.74 ? 149 MET A O   1 
ATOM   897  C CB  . MET A 1 107 ? -4.523  6.276   -10.793 1.00 14.28 ? 149 MET A CB  1 
ATOM   898  C CG  . MET A 1 107 ? -4.342  6.784   -12.213 1.00 12.93 ? 149 MET A CG  1 
ATOM   899  S SD  . MET A 1 107 ? -2.662  7.226   -12.649 1.00 17.25 ? 149 MET A SD  1 
ATOM   900  C CE  . MET A 1 107 ? -1.997  5.630   -13.019 1.00 14.28 ? 149 MET A CE  1 
ATOM   901  N N   . ALA A 1 108 ? -5.910  6.154   -8.027  1.00 13.44 ? 150 ALA A N   1 
ATOM   902  C CA  . ALA A 1 108 ? -6.092  5.607   -6.688  1.00 13.68 ? 150 ALA A CA  1 
ATOM   903  C C   . ALA A 1 108 ? -7.540  5.179   -6.443  1.00 12.54 ? 150 ALA A C   1 
ATOM   904  O O   . ALA A 1 108 ? -7.772  4.123   -5.863  1.00 14.05 ? 150 ALA A O   1 
ATOM   905  C CB  . ALA A 1 108 ? -5.639  6.601   -5.624  1.00 13.72 ? 150 ALA A CB  1 
ATOM   906  N N   . GLU A 1 109 ? -8.497  5.983   -6.910  1.00 13.49 ? 151 GLU A N   1 
ATOM   907  C CA  . GLU A 1 109 ? -9.918  5.678   -6.759  1.00 14.06 ? 151 GLU A CA  1 
ATOM   908  C C   . GLU A 1 109 ? -10.285 4.343   -7.409  1.00 12.53 ? 151 GLU A C   1 
ATOM   909  O O   . GLU A 1 109 ? -11.020 3.534   -6.827  1.00 15.07 ? 151 GLU A O   1 
ATOM   910  C CB  . GLU A 1 109 ? -10.777 6.805   -7.349  1.00 15.82 ? 151 GLU A CB  1 
ATOM   911  C CG  . GLU A 1 109 ? -10.833 8.101   -6.515  1.00 16.17 ? 151 GLU A CG  1 
ATOM   912  C CD  . GLU A 1 109 ? -11.470 9.268   -7.268  1.00 17.67 ? 151 GLU A CD  1 
ATOM   913  O OE1 . GLU A 1 109 ? -11.760 9.129   -8.477  1.00 21.21 ? 151 GLU A OE1 1 
ATOM   914  O OE2 . GLU A 1 109 ? -11.688 10.330  -6.644  1.00 24.46 ? 151 GLU A OE2 1 
ATOM   915  N N   . ALA A 1 110 ? -9.781  4.118   -8.620  1.00 15.78 ? 152 ALA A N   1 
ATOM   916  C CA  . ALA A 1 110 ? -10.050 2.871   -9.327  1.00 14.69 ? 152 ALA A CA  1 
ATOM   917  C C   . ALA A 1 110 ? -9.427  1.685   -8.606  1.00 14.81 ? 152 ALA A C   1 
ATOM   918  O O   . ALA A 1 110 ? -10.034 0.620   -8.511  1.00 14.70 ? 152 ALA A O   1 
ATOM   919  C CB  . ALA A 1 110 ? -9.538  2.949   -10.770 1.00 16.73 ? 152 ALA A CB  1 
ATOM   920  N N   . LEU A 1 111 ? -8.208  1.867   -8.106  1.00 15.04 ? 153 LEU A N   1 
ATOM   921  C CA  . LEU A 1 111 ? -7.527  0.796   -7.395  1.00 14.42 ? 153 LEU A CA  1 
ATOM   922  C C   . LEU A 1 111 ? -8.227  0.478   -6.084  1.00 14.89 ? 153 LEU A C   1 
ATOM   923  O O   . LEU A 1 111 ? -8.322  -0.684  -5.687  1.00 14.72 ? 153 LEU A O   1 
ATOM   924  C CB  . LEU A 1 111 ? -6.065  1.150   -7.135  1.00 16.26 ? 153 LEU A CB  1 
ATOM   925  C CG  . LEU A 1 111 ? -5.179  1.124   -8.376  1.00 17.85 ? 153 LEU A CG  1 
ATOM   926  C CD1 . LEU A 1 111 ? -3.788  1.614   -8.035  1.00 17.98 ? 153 LEU A CD1 1 
ATOM   927  C CD2 . LEU A 1 111 ? -5.124  -0.282  -8.946  1.00 20.30 ? 153 LEU A CD2 1 
ATOM   928  N N   . GLU A 1 112 ? -8.709  1.514   -5.408  1.00 14.03 ? 154 GLU A N   1 
ATOM   929  C CA  . GLU A 1 112 ? -9.392  1.321   -4.133  1.00 13.93 ? 154 GLU A CA  1 
ATOM   930  C C   . GLU A 1 112 ? -10.674 0.515   -4.315  1.00 14.74 ? 154 GLU A C   1 
ATOM   931  O O   . GLU A 1 112 ? -10.970 -0.384  -3.521  1.00 14.41 ? 154 GLU A O   1 
ATOM   932  C CB  . GLU A 1 112 ? -9.679  2.652   -3.438  1.00 14.09 ? 154 GLU A CB  1 
ATOM   933  C CG  . GLU A 1 112 ? -10.319 2.443   -2.075  1.00 15.26 ? 154 GLU A CG  1 
ATOM   934  C CD  . GLU A 1 112 ? -10.662 3.731   -1.366  1.00 20.05 ? 154 GLU A CD  1 
ATOM   935  O OE1 . GLU A 1 112 ? -10.292 4.817   -1.854  1.00 23.65 ? 154 GLU A OE1 1 
ATOM   936  O OE2 . GLU A 1 112 ? -11.316 3.660   -0.307  1.00 21.49 ? 154 GLU A OE2 1 
ATOM   937  N N   . LYS A 1 113 ? -11.422 0.817   -5.374  1.00 15.10 ? 155 LYS A N   1 
ATOM   938  C CA  . LYS A 1 113 ? -12.633 0.056   -5.665  1.00 14.85 ? 155 LYS A CA  1 
ATOM   939  C C   . LYS A 1 113 ? -12.325 -1.415  -5.904  1.00 15.20 ? 155 LYS A C   1 
ATOM   940  O O   . LYS A 1 113 ? -13.022 -2.292  -5.393  1.00 17.03 ? 155 LYS A O   1 
ATOM   941  C CB  . LYS A 1 113 ? -13.361 0.627   -6.878  1.00 16.53 ? 155 LYS A CB  1 
ATOM   942  C CG  . LYS A 1 113 ? -14.069 1.924   -6.602  1.00 18.15 ? 155 LYS A CG  1 
ATOM   943  C CD  . LYS A 1 113 ? -14.787 2.407   -7.855  1.00 22.43 ? 155 LYS A CD  1 
ATOM   944  C CE  . LYS A 1 113 ? -15.369 3.792   -7.661  1.00 25.17 ? 155 LYS A CE  1 
ATOM   945  N NZ  . LYS A 1 113 ? -15.965 4.309   -8.923  1.00 26.10 ? 155 LYS A NZ  1 
ATOM   946  N N   . LEU A 1 114 ? -11.277 -1.690  -6.670  1.00 15.91 ? 156 LEU A N   1 
ATOM   947  C CA  . LEU A 1 114 ? -10.904 -3.064  -6.961  1.00 15.68 ? 156 LEU A CA  1 
ATOM   948  C C   . LEU A 1 114 ? -10.429 -3.760  -5.688  1.00 14.56 ? 156 LEU A C   1 
ATOM   949  O O   . LEU A 1 114 ? -10.770 -4.918  -5.434  1.00 16.79 ? 156 LEU A O   1 
ATOM   950  C CB  . LEU A 1 114 ? -9.824  -3.115  -8.043  1.00 16.44 ? 156 LEU A CB  1 
ATOM   951  C CG  . LEU A 1 114 ? -9.417  -4.487  -8.578  1.00 21.25 ? 156 LEU A CG  1 
ATOM   952  C CD1 . LEU A 1 114 ? -10.620 -5.213  -9.176  1.00 22.26 ? 156 LEU A CD1 1 
ATOM   953  C CD2 . LEU A 1 114 ? -8.309  -4.350  -9.612  1.00 22.82 ? 156 LEU A CD2 1 
ATOM   954  N N   . PHE A 1 115 ? -9.639  -3.040  -4.894  1.00 15.04 ? 157 PHE A N   1 
ATOM   955  C CA  . PHE A 1 115 ? -9.176  -3.536  -3.604  1.00 13.39 ? 157 PHE A CA  1 
ATOM   956  C C   . PHE A 1 115 ? -10.348 -3.945  -2.727  1.00 13.48 ? 157 PHE A C   1 
ATOM   957  O O   . PHE A 1 115 ? -10.357 -5.048  -2.175  1.00 14.26 ? 157 PHE A O   1 
ATOM   958  C CB  . PHE A 1 115 ? -8.347  -2.453  -2.904  1.00 13.54 ? 157 PHE A CB  1 
ATOM   959  C CG  . PHE A 1 115 ? -7.949  -2.804  -1.504  1.00 12.23 ? 157 PHE A CG  1 
ATOM   960  C CD1 . PHE A 1 115 ? -7.008  -3.790  -1.275  1.00 13.90 ? 157 PHE A CD1 1 
ATOM   961  C CD2 . PHE A 1 115 ? -8.505  -2.135  -0.421  1.00 14.85 ? 157 PHE A CD2 1 
ATOM   962  C CE1 . PHE A 1 115 ? -6.632  -4.115  0.015   1.00 14.72 ? 157 PHE A CE1 1 
ATOM   963  C CE2 . PHE A 1 115 ? -8.130  -2.457  0.870   1.00 15.74 ? 157 PHE A CE2 1 
ATOM   964  C CZ  . PHE A 1 115 ? -7.194  -3.444  1.086   1.00 14.55 ? 157 PHE A CZ  1 
ATOM   965  N N   . LEU A 1 116 ? -11.332 -3.060  -2.590  1.00 13.28 ? 158 LEU A N   1 
ATOM   966  C CA  . LEU A 1 116 ? -12.506 -3.364  -1.774  1.00 15.67 ? 158 LEU A CA  1 
ATOM   967  C C   . LEU A 1 116 ? -13.263 -4.583  -2.293  1.00 14.72 ? 158 LEU A C   1 
ATOM   968  O O   . LEU A 1 116 ? -13.677 -5.441  -1.511  1.00 14.92 ? 158 LEU A O   1 
ATOM   969  C CB  . LEU A 1 116 ? -13.435 -2.153  -1.667  1.00 14.80 ? 158 LEU A CB  1 
ATOM   970  C CG  . LEU A 1 116 ? -12.930 -1.054  -0.735  1.00 16.14 ? 158 LEU A CG  1 
ATOM   971  C CD1 . LEU A 1 116 ? -13.840 0.158   -0.792  1.00 19.87 ? 158 LEU A CD1 1 
ATOM   972  C CD2 . LEU A 1 116 ? -12.829 -1.565  0.694   1.00 20.45 ? 158 LEU A CD2 1 
ATOM   973  N N   . GLN A 1 117 ? -13.421 -4.675  -3.614  1.00 15.87 ? 159 GLN A N   1 
ATOM   974  C CA  . GLN A 1 117 ? -14.050 -5.842  -4.226  1.00 16.91 ? 159 GLN A CA  1 
ATOM   975  C C   . GLN A 1 117 ? -13.380 -7.129  -3.785  1.00 17.02 ? 159 GLN A C   1 
ATOM   976  O O   . GLN A 1 117 ? -14.050 -8.119  -3.476  1.00 18.57 ? 159 GLN A O   1 
ATOM   977  C CB  . GLN A 1 117 ? -13.965 -5.775  -5.750  1.00 19.87 ? 159 GLN A CB  1 
ATOM   978  C CG  . GLN A 1 117 ? -15.065 -5.002  -6.412  1.00 27.47 ? 159 GLN A CG  1 
ATOM   979  C CD  . GLN A 1 117 ? -14.884 -4.937  -7.912  1.00 26.94 ? 159 GLN A CD  1 
ATOM   980  O OE1 . GLN A 1 117 ? -15.191 -3.920  -8.538  1.00 34.78 ? 159 GLN A OE1 1 
ATOM   981  N NE2 . GLN A 1 117 ? -14.369 -6.018  -8.500  1.00 25.10 ? 159 GLN A NE2 1 
ATOM   982  N N   . LYS A 1 118 ? -12.052 -7.118  -3.763  1.00 15.35 ? 160 LYS A N   1 
ATOM   983  C CA  . LYS A 1 118 ? -11.303 -8.325  -3.459  1.00 15.42 ? 160 LYS A CA  1 
ATOM   984  C C   . LYS A 1 118 ? -11.218 -8.666  -1.971  1.00 14.02 ? 160 LYS A C   1 
ATOM   985  O O   . LYS A 1 118 ? -11.107 -9.836  -1.616  1.00 16.33 ? 160 LYS A O   1 
ATOM   986  C CB  . LYS A 1 118 ? -9.920  -8.274  -4.110  1.00 17.29 ? 160 LYS A CB  1 
ATOM   987  C CG  . LYS A 1 118 ? -10.028 -8.256  -5.633  1.00 20.21 ? 160 LYS A CG  1 
ATOM   988  C CD  . LYS A 1 118 ? -8.683  -8.294  -6.307  1.00 25.23 ? 160 LYS A CD  1 
ATOM   989  C CE  . LYS A 1 118 ? -8.849  -8.139  -7.811  1.00 26.57 ? 160 LYS A CE  1 
ATOM   990  N NZ  . LYS A 1 118 ? -9.813  -9.129  -8.376  1.00 26.73 ? 160 LYS A NZ  1 
ATOM   991  N N   . ILE A 1 119 ? -11.282 -7.664  -1.095  1.00 15.01 ? 161 ILE A N   1 
ATOM   992  C CA  . ILE A 1 119 ? -11.228 -7.965  0.336   1.00 13.72 ? 161 ILE A CA  1 
ATOM   993  C C   . ILE A 1 119 ? -12.612 -8.102  0.970   1.00 17.21 ? 161 ILE A C   1 
ATOM   994  O O   . ILE A 1 119 ? -12.719 -8.414  2.158   1.00 17.67 ? 161 ILE A O   1 
ATOM   995  C CB  . ILE A 1 119 ? -10.395 -6.945  1.147   1.00 14.40 ? 161 ILE A CB  1 
ATOM   996  C CG1 . ILE A 1 119 ? -11.074 -5.571  1.201   1.00 14.42 ? 161 ILE A CG1 1 
ATOM   997  C CG2 . ILE A 1 119 ? -8.974  -6.841  0.601   1.00 14.44 ? 161 ILE A CG2 1 
ATOM   998  C CD1 . ILE A 1 119 ? -10.561 -4.691  2.346   1.00 14.23 ? 161 ILE A CD1 1 
ATOM   999  N N   . ASN A 1 120 ? -13.655 -7.875  0.175   1.00 16.94 ? 162 ASN A N   1 
ATOM   1000 C CA  . ASN A 1 120 ? -15.029 -8.043  0.635   1.00 19.79 ? 162 ASN A CA  1 
ATOM   1001 C C   . ASN A 1 120 ? -15.212 -9.405  1.269   1.00 19.46 ? 162 ASN A C   1 
ATOM   1002 O O   . ASN A 1 120 ? -15.871 -9.547  2.299   1.00 24.94 ? 162 ASN A O   1 
ATOM   1003 C CB  . ASN A 1 120 ? -15.987 -7.897  -0.544  1.00 18.22 ? 162 ASN A CB  1 
ATOM   1004 C CG  . ASN A 1 120 ? -17.447 -7.893  -0.124  1.00 24.60 ? 162 ASN A CG  1 
ATOM   1005 O OD1 . ASN A 1 120 ? -18.001 -6.852  0.235   1.00 26.74 ? 162 ASN A OD1 1 
ATOM   1006 N ND2 . ASN A 1 120 ? -18.085 -9.049  -0.206  1.00 24.27 ? 162 ASN A ND2 1 
ATOM   1007 N N   . GLU A 1 121 ? -14.602 -10.401 0.644   1.00 18.96 ? 163 GLU A N   1 
ATOM   1008 C CA  . GLU A 1 121 ? -14.629 -11.761 1.138   1.00 19.55 ? 163 GLU A CA  1 
ATOM   1009 C C   . GLU A 1 121 ? -13.209 -12.312 1.211   1.00 20.65 ? 163 GLU A C   1 
ATOM   1010 O O   . GLU A 1 121 ? -12.507 -12.399 0.198   1.00 18.31 ? 163 GLU A O   1 
ATOM   1011 C CB  . GLU A 1 121 ? -15.474 -12.605 0.195   1.00 22.75 ? 163 GLU A CB  1 
ATOM   1012 C CG  . GLU A 1 121 ? -16.108 -13.812 0.808   1.00 24.44 ? 163 GLU A CG  1 
ATOM   1013 C CD  . GLU A 1 121 ? -17.229 -14.329 -0.062  1.00 25.03 ? 163 GLU A CD  1 
ATOM   1014 O OE1 . GLU A 1 121 ? -16.920 -14.945 -1.104  1.00 26.00 ? 163 GLU A OE1 1 
ATOM   1015 O OE2 . GLU A 1 121 ? -18.411 -14.090 0.278   1.00 26.48 ? 163 GLU A OE2 1 
ATOM   1016 N N   . LEU A 1 122 ? -12.781 -12.679 2.412   1.00 19.20 ? 164 LEU A N   1 
ATOM   1017 C CA  . LEU A 1 122 ? -11.488 -13.307 2.604   1.00 18.80 ? 164 LEU A CA  1 
ATOM   1018 C C   . LEU A 1 122 ? -11.707 -14.765 2.999   1.00 22.22 ? 164 LEU A C   1 
ATOM   1019 O O   . LEU A 1 122 ? -12.791 -15.119 3.474   1.00 22.73 ? 164 LEU A O   1 
ATOM   1020 C CB  . LEU A 1 122 ? -10.699 -12.574 3.697   1.00 20.53 ? 164 LEU A CB  1 
ATOM   1021 C CG  . LEU A 1 122 ? -10.410 -11.089 3.478   1.00 18.75 ? 164 LEU A CG  1 
ATOM   1022 C CD1 . LEU A 1 122 ? -9.742  -10.515 4.717   1.00 23.47 ? 164 LEU A CD1 1 
ATOM   1023 C CD2 . LEU A 1 122 ? -9.535  -10.876 2.251   1.00 18.31 ? 164 LEU A CD2 1 
ATOM   1024 N N   . PRO A 1 123 ? -10.689 -15.621 2.799   1.00 21.08 ? 165 PRO A N   1 
ATOM   1025 C CA  . PRO A 1 123 ? -10.765 -17.000 3.301   1.00 21.76 ? 165 PRO A CA  1 
ATOM   1026 C C   . PRO A 1 123 ? -10.975 -17.041 4.816   1.00 25.95 ? 165 PRO A C   1 
ATOM   1027 O O   . PRO A 1 123 ? -10.645 -16.083 5.521   1.00 24.21 ? 165 PRO A O   1 
ATOM   1028 C CB  . PRO A 1 123 ? -9.388  -17.579 2.976   1.00 25.93 ? 165 PRO A CB  1 
ATOM   1029 C CG  . PRO A 1 123 ? -8.793  -16.681 1.959   1.00 24.13 ? 165 PRO A CG  1 
ATOM   1030 C CD  . PRO A 1 123 ? -9.409  -15.338 2.125   1.00 20.79 ? 165 PRO A CD  1 
ATOM   1031 N N   . THR A 1 124 ? -11.528 -18.145 5.310   1.00 28.39 ? 166 THR A N   1 
ATOM   1032 C CA  . THR A 1 124 ? -11.667 -18.343 6.750   1.00 31.39 ? 166 THR A CA  1 
ATOM   1033 C C   . THR A 1 124 ? -10.365 -18.894 7.336   1.00 33.80 ? 166 THR A C   1 
ATOM   1034 O O   . THR A 1 124 ? -9.605  -19.572 6.643   1.00 31.57 ? 166 THR A O   1 
ATOM   1035 C CB  . THR A 1 124 ? -12.806 -19.322 7.072   1.00 33.39 ? 166 THR A CB  1 
ATOM   1036 O OG1 . THR A 1 124 ? -12.500 -20.607 6.518   1.00 38.99 ? 166 THR A OG1 1 
ATOM   1037 C CG2 . THR A 1 124 ? -14.120 -18.824 6.493   1.00 32.76 ? 166 THR A CG2 1 
ATOM   1038 N N   . GLU A 1 125 ? -10.111 -18.604 8.609   1.00 36.23 ? 167 GLU A N   1 
ATOM   1039 C CA  . GLU A 1 125 ? -8.894  -19.065 9.276   1.00 37.33 ? 167 GLU A CA  1 
ATOM   1040 C C   . GLU A 1 125 ? -8.872  -20.584 9.435   1.00 41.20 ? 167 GLU A C   1 
ATOM   1041 O O   . GLU A 1 125 ? -9.708  -21.156 10.135  1.00 44.17 ? 167 GLU A O   1 
ATOM   1042 C CB  . GLU A 1 125 ? -8.741  -18.392 10.643  1.00 38.55 ? 167 GLU A CB  1 
HETATM 1043 C CAP . 1A9 B 2 .   ? 6.841   3.719   -13.282 1.00 29.31 ? 201 1A9 A CAP 1 
HETATM 1044 C CAM . 1A9 B 2 .   ? 7.539   2.813   -14.242 1.00 34.01 ? 201 1A9 A CAM 1 
HETATM 1045 C CAL . 1A9 B 2 .   ? 8.894   3.308   -14.653 1.00 30.07 ? 201 1A9 A CAL 1 
HETATM 1046 C CAN . 1A9 B 2 .   ? 9.278   4.691   -14.212 1.00 31.28 ? 201 1A9 A CAN 1 
HETATM 1047 C CAQ . 1A9 B 2 .   ? 8.810   5.138   -12.859 1.00 32.06 ? 201 1A9 A CAQ 1 
HETATM 1048 C CBE . 1A9 B 2 .   ? 7.756   4.280   -12.233 1.00 30.34 ? 201 1A9 A CBE 1 
HETATM 1049 C CAR . 1A9 B 2 .   ? 7.000   5.034   -11.172 1.00 26.53 ? 201 1A9 A CAR 1 
HETATM 1050 C CAO . 1A9 B 2 .   ? 6.757   6.448   -11.559 1.00 20.76 ? 201 1A9 A CAO 1 
HETATM 1051 C CAX . 1A9 B 2 .   ? 5.845   7.148   -10.605 1.00 18.74 ? 201 1A9 A CAX 1 
HETATM 1052 O OAA . 1A9 B 2 .   ? 5.426   6.615   -9.584  1.00 19.81 ? 201 1A9 A OAA 1 
HETATM 1053 N NAS . 1A9 B 2 .   ? 5.489   8.480   -10.954 1.00 16.81 ? 201 1A9 A NAS 1 
HETATM 1054 C CAY . 1A9 B 2 .   ? 4.647   9.373   -10.224 1.00 15.12 ? 201 1A9 A CAY 1 
HETATM 1055 C CAI . 1A9 B 2 .   ? 4.516   10.629  -10.777 1.00 15.89 ? 201 1A9 A CAI 1 
HETATM 1056 C CAJ . 1A9 B 2 .   ? 3.975   9.048   -9.052  1.00 14.92 ? 201 1A9 A CAJ 1 
HETATM 1057 C CBA . 1A9 B 2 .   ? 3.192   10.018  -8.444  1.00 14.09 ? 201 1A9 A CBA 1 
HETATM 1058 C CBB . 1A9 B 2 .   ? 2.462   9.697   -7.196  1.00 15.03 ? 201 1A9 A CBB 1 
HETATM 1059 C CAH . 1A9 B 2 .   ? 2.422   8.411   -6.541  1.00 14.56 ? 201 1A9 A CAH 1 
HETATM 1060 S SAW . 1A9 B 2 .   ? 1.444   8.551   -5.160  1.00 14.51 ? 201 1A9 A SAW 1 
HETATM 1061 C CBD . 1A9 B 2 .   ? 1.057   10.159  -5.364  1.00 12.84 ? 201 1A9 A CBD 1 
HETATM 1062 O OAB . 1A9 B 2 .   ? 0.342   10.871  -4.658  1.00 13.00 ? 201 1A9 A OAB 1 
HETATM 1063 N NAU . 1A9 B 2 .   ? 1.679   10.590  -6.464  1.00 13.86 ? 201 1A9 A NAU 1 
HETATM 1064 C CAK . 1A9 B 2 .   ? 3.051   11.279  -9.003  1.00 16.03 ? 201 1A9 A CAK 1 
HETATM 1065 C CAZ . 1A9 B 2 .   ? 3.723   11.587  -10.175 1.00 18.13 ? 201 1A9 A CAZ 1 
HETATM 1066 N NAT . 1A9 B 2 .   ? 3.596   12.859  -10.809 1.00 21.23 ? 201 1A9 A NAT 1 
HETATM 1067 S SBF . 1A9 B 2 .   ? 2.882   12.910  -12.295 1.00 23.84 ? 201 1A9 A SBF 1 
HETATM 1068 O OAC . 1A9 B 2 .   ? 2.554   14.265  -12.696 1.00 22.41 ? 201 1A9 A OAC 1 
HETATM 1069 O OAD . 1A9 B 2 .   ? 3.833   12.317  -13.252 1.00 24.04 ? 201 1A9 A OAD 1 
HETATM 1070 C CBC . 1A9 B 2 .   ? 1.390   11.965  -12.382 1.00 18.78 ? 201 1A9 A CBC 1 
HETATM 1071 S SAV . 1A9 B 2 .   ? 1.353   10.343  -12.207 1.00 23.93 ? 201 1A9 A SAV 1 
HETATM 1072 C CAF . 1A9 B 2 .   ? -0.245  10.083  -12.420 1.00 18.47 ? 201 1A9 A CAF 1 
HETATM 1073 C CAE . 1A9 B 2 .   ? -0.906  11.319  -12.657 1.00 17.70 ? 201 1A9 A CAE 1 
HETATM 1074 C CAG . 1A9 B 2 .   ? 0.057   12.463  -12.648 1.00 14.52 ? 201 1A9 A CAG 1 
HETATM 1075 O O   . HOH C 3 .   ? 13.573  14.519  -11.037 1.00 11.82 ? 301 HOH A O   1 
HETATM 1076 O O   . HOH C 3 .   ? 3.866   5.487   -4.388  1.00 15.30 ? 302 HOH A O   1 
HETATM 1077 O O   . HOH C 3 .   ? -7.027  13.340  -17.878 1.00 14.89 ? 303 HOH A O   1 
HETATM 1078 O O   . HOH C 3 .   ? 7.926   -13.450 15.510  1.00 15.01 ? 304 HOH A O   1 
HETATM 1079 O O   . HOH C 3 .   ? -20.484 -14.509 -0.451  1.00 15.93 ? 305 HOH A O   1 
HETATM 1080 O O   . HOH C 3 .   ? 6.874   -8.333  12.610  1.00 13.91 ? 306 HOH A O   1 
HETATM 1081 O O   . HOH C 3 .   ? 1.178   13.381  -7.076  1.00 16.30 ? 307 HOH A O   1 
HETATM 1082 O O   . HOH C 3 .   ? 2.391   7.291   0.303   1.00 14.29 ? 308 HOH A O   1 
HETATM 1083 O O   . HOH C 3 .   ? -12.151 -11.872 -2.104  1.00 12.43 ? 309 HOH A O   1 
HETATM 1084 O O   . HOH C 3 .   ? 2.912   -7.872  14.625  1.00 16.52 ? 310 HOH A O   1 
HETATM 1085 O O   . HOH C 3 .   ? -18.872 -15.349 -2.667  1.00 17.61 ? 311 HOH A O   1 
HETATM 1086 O O   . HOH C 3 .   ? -0.529  -1.181  9.219   1.00 17.74 ? 312 HOH A O   1 
HETATM 1087 O O   . HOH C 3 .   ? 9.995   21.133  5.629   1.00 17.23 ? 313 HOH A O   1 
HETATM 1088 O O   . HOH C 3 .   ? -14.207 -10.452 -2.193  1.00 18.48 ? 314 HOH A O   1 
HETATM 1089 O O   . HOH C 3 .   ? -7.510  -9.295  10.616  1.00 19.58 ? 315 HOH A O   1 
HETATM 1090 O O   . HOH C 3 .   ? 8.455   6.271   1.681   1.00 16.42 ? 316 HOH A O   1 
HETATM 1091 O O   . HOH C 3 .   ? -14.753 -4.799  0.933   1.00 20.27 ? 317 HOH A O   1 
HETATM 1092 O O   . HOH C 3 .   ? 2.010   5.645   -2.371  1.00 16.28 ? 318 HOH A O   1 
HETATM 1093 O O   . HOH C 3 .   ? 13.205  -2.859  7.006   1.00 19.35 ? 319 HOH A O   1 
HETATM 1094 O O   . HOH C 3 .   ? 2.449   -11.045 7.823   1.00 16.91 ? 320 HOH A O   1 
HETATM 1095 O O   . HOH C 3 .   ? 0.459   -0.478  -13.850 1.00 19.94 ? 321 HOH A O   1 
HETATM 1096 O O   . HOH C 3 .   ? -2.688  14.033  -11.447 1.00 19.11 ? 322 HOH A O   1 
HETATM 1097 O O   . HOH C 3 .   ? 6.042   4.634   1.033   1.00 14.80 ? 323 HOH A O   1 
HETATM 1098 O O   . HOH C 3 .   ? 2.313   -12.719 5.619   1.00 19.79 ? 324 HOH A O   1 
HETATM 1099 O O   . HOH C 3 .   ? 0.294   9.788   -2.129  1.00 13.12 ? 325 HOH A O   1 
HETATM 1100 O O   . HOH C 3 .   ? 9.167   6.528   4.385   1.00 19.06 ? 326 HOH A O   1 
HETATM 1101 O O   . HOH C 3 .   ? -7.904  14.682  -14.300 1.00 20.97 ? 327 HOH A O   1 
HETATM 1102 O O   . HOH C 3 .   ? -5.066  -18.353 1.817   1.00 26.48 ? 328 HOH A O   1 
HETATM 1103 O O   . HOH C 3 .   ? 11.338  6.702   1.025   1.00 18.99 ? 329 HOH A O   1 
HETATM 1104 O O   . HOH C 3 .   ? -11.940 -0.098  -10.415 1.00 20.73 ? 330 HOH A O   1 
HETATM 1105 O O   . HOH C 3 .   ? -0.287  7.054   -2.222  1.00 16.67 ? 331 HOH A O   1 
HETATM 1106 O O   . HOH C 3 .   ? -21.341 -14.105 1.773   1.00 20.66 ? 332 HOH A O   1 
HETATM 1107 O O   . HOH C 3 .   ? -4.090  15.417  -12.805 1.00 19.53 ? 333 HOH A O   1 
HETATM 1108 O O   . HOH C 3 .   ? 5.155   6.472   -0.874  1.00 17.01 ? 334 HOH A O   1 
HETATM 1109 O O   . HOH C 3 .   ? 8.687   7.064   -6.824  1.00 18.72 ? 335 HOH A O   1 
HETATM 1110 O O   . HOH C 3 .   ? 2.291   0.900   8.739   1.00 22.88 ? 336 HOH A O   1 
HETATM 1111 O O   . HOH C 3 .   ? -6.222  -2.584  -15.967 1.00 21.62 ? 337 HOH A O   1 
HETATM 1112 O O   . HOH C 3 .   ? 4.818   4.785   7.106   1.00 24.37 ? 338 HOH A O   1 
HETATM 1113 O O   . HOH C 3 .   ? 9.233   -9.100  8.560   1.00 19.21 ? 339 HOH A O   1 
HETATM 1114 O O   . HOH C 3 .   ? 4.065   -0.586  11.025  1.00 26.63 ? 340 HOH A O   1 
HETATM 1115 O O   . HOH C 3 .   ? -17.358 2.374   -10.378 1.00 33.17 ? 341 HOH A O   1 
HETATM 1116 O O   . HOH C 3 .   ? -13.991 -9.839  -6.297  1.00 25.27 ? 342 HOH A O   1 
HETATM 1117 O O   . HOH C 3 .   ? 9.868   0.031   2.174   1.00 21.01 ? 343 HOH A O   1 
HETATM 1118 O O   . HOH C 3 .   ? -11.286 6.386   -11.356 1.00 23.26 ? 344 HOH A O   1 
HETATM 1119 O O   . HOH C 3 .   ? 4.848   -14.662 3.256   1.00 26.60 ? 345 HOH A O   1 
HETATM 1120 O O   . HOH C 3 .   ? 1.352   -13.065 3.040   1.00 21.84 ? 346 HOH A O   1 
HETATM 1121 O O   . HOH C 3 .   ? -10.802 -12.829 -6.475  1.00 24.34 ? 347 HOH A O   1 
HETATM 1122 O O   . HOH C 3 .   ? 2.064   -17.582 12.373  1.00 24.17 ? 348 HOH A O   1 
HETATM 1123 O O   . HOH C 3 .   ? -4.659  -5.229  13.352  1.00 24.74 ? 349 HOH A O   1 
HETATM 1124 O O   . HOH C 3 .   ? -3.201  8.508   5.405   1.00 20.86 ? 350 HOH A O   1 
HETATM 1125 O O   . HOH C 3 .   ? -0.911  2.318   7.775   1.00 20.64 ? 351 HOH A O   1 
HETATM 1126 O O   . HOH C 3 .   ? 11.788  7.754   -1.432  1.00 21.80 ? 352 HOH A O   1 
HETATM 1127 O O   . HOH C 3 .   ? 9.735   15.796  0.843   1.00 17.66 ? 353 HOH A O   1 
HETATM 1128 O O   . HOH C 3 .   ? -0.584  15.228  -10.298 1.00 23.78 ? 354 HOH A O   1 
HETATM 1129 O O   . HOH C 3 .   ? -12.375 -11.627 -4.586  1.00 23.72 ? 355 HOH A O   1 
HETATM 1130 O O   . HOH C 3 .   ? 8.216   -5.164  -3.090  1.00 26.83 ? 356 HOH A O   1 
HETATM 1131 O O   . HOH C 3 .   ? 0.493   -6.037  -15.720 1.00 29.07 ? 357 HOH A O   1 
HETATM 1132 O O   . HOH C 3 .   ? 8.263   18.325  -12.586 1.00 27.05 ? 358 HOH A O   1 
HETATM 1133 O O   . HOH C 3 .   ? 11.128  4.623   -4.771  1.00 24.86 ? 359 HOH A O   1 
HETATM 1134 O O   . HOH C 3 .   ? -8.662  -8.382  13.130  1.00 29.77 ? 360 HOH A O   1 
HETATM 1135 O O   . HOH C 3 .   ? -5.766  -11.629 14.380  1.00 23.26 ? 361 HOH A O   1 
HETATM 1136 O O   . HOH C 3 .   ? 8.647   -2.006  -6.377  1.00 28.00 ? 362 HOH A O   1 
HETATM 1137 O O   . HOH C 3 .   ? 9.266   -7.978  -2.888  1.00 27.39 ? 363 HOH A O   1 
HETATM 1138 O O   . HOH C 3 .   ? 1.894   14.693  -9.297  1.00 20.04 ? 364 HOH A O   1 
HETATM 1139 O O   . HOH C 3 .   ? 13.214  -1.964  11.710  1.00 29.42 ? 365 HOH A O   1 
HETATM 1140 O O   . HOH C 3 .   ? 5.434   2.075   8.900   1.00 28.84 ? 366 HOH A O   1 
HETATM 1141 O O   . HOH C 3 .   ? 6.605   1.007   -11.013 1.00 29.29 ? 367 HOH A O   1 
HETATM 1142 O O   . HOH C 3 .   ? 0.654   17.415  6.472   1.00 22.39 ? 368 HOH A O   1 
HETATM 1143 O O   . HOH C 3 .   ? -6.837  -12.832 -9.346  1.00 25.14 ? 369 HOH A O   1 
HETATM 1144 O O   . HOH C 3 .   ? -6.782  -7.055  14.996  1.00 31.45 ? 370 HOH A O   1 
HETATM 1145 O O   . HOH C 3 .   ? -15.139 -15.919 3.202   1.00 27.11 ? 371 HOH A O   1 
HETATM 1146 O O   . HOH C 3 .   ? -13.367 4.728   -10.119 1.00 29.77 ? 372 HOH A O   1 
HETATM 1147 O O   . HOH C 3 .   ? 2.458   -15.561 2.134   1.00 29.00 ? 373 HOH A O   1 
HETATM 1148 O O   . HOH C 3 .   ? 6.101   6.288   -6.940  1.00 21.06 ? 374 HOH A O   1 
HETATM 1149 O O   . HOH C 3 .   ? -3.200  6.495   7.411   1.00 29.99 ? 375 HOH A O   1 
HETATM 1150 O O   . HOH C 3 .   ? -5.541  -18.647 9.241   1.00 29.08 ? 376 HOH A O   1 
HETATM 1151 O O   . HOH C 3 .   ? -8.251  14.892  -3.087  1.00 24.84 ? 377 HOH A O   1 
HETATM 1152 O O   . HOH C 3 .   ? -11.189 1.827   1.738   1.00 28.44 ? 378 HOH A O   1 
HETATM 1153 O O   . HOH C 3 .   ? -18.730 -13.221 2.639   1.00 27.96 ? 379 HOH A O   1 
HETATM 1154 O O   . HOH C 3 .   ? 4.129   19.944  6.737   1.00 15.01 ? 380 HOH A O   1 
HETATM 1155 O O   . HOH C 3 .   ? -13.956 -6.263  -11.280 1.00 29.53 ? 381 HOH A O   1 
HETATM 1156 O O   . HOH C 3 .   ? 1.755   19.705  -2.938  1.00 20.27 ? 382 HOH A O   1 
HETATM 1157 O O   . HOH C 3 .   ? -1.499  16.510  -8.086  1.00 24.78 ? 383 HOH A O   1 
HETATM 1158 O O   . HOH C 3 .   ? -11.414 14.688  -13.230 1.00 30.39 ? 384 HOH A O   1 
HETATM 1159 O O   . HOH C 3 .   ? 6.539   -4.809  -11.683 1.00 30.62 ? 385 HOH A O   1 
HETATM 1160 O O   . HOH C 3 .   ? 15.416  7.332   1.286   1.00 26.93 ? 386 HOH A O   1 
HETATM 1161 O O   . HOH C 3 .   ? -10.427 19.660  -7.636  1.00 33.44 ? 387 HOH A O   1 
HETATM 1162 O O   . HOH C 3 .   ? -8.301  18.191  -10.327 1.00 28.00 ? 388 HOH A O   1 
HETATM 1163 O O   . HOH C 3 .   ? -14.515 -12.544 4.688   1.00 28.67 ? 389 HOH A O   1 
HETATM 1164 O O   . HOH C 3 .   ? 7.863   -9.276  19.295  1.00 18.72 ? 390 HOH A O   1 
HETATM 1165 O O   . HOH C 3 .   ? 2.980   17.124  -9.630  1.00 26.79 ? 391 HOH A O   1 
HETATM 1166 O O   . HOH C 3 .   ? -7.276  -1.441  -17.831 1.00 30.72 ? 392 HOH A O   1 
HETATM 1167 O O   . HOH C 3 .   ? 13.218  16.827  -2.982  1.00 18.21 ? 393 HOH A O   1 
HETATM 1168 O O   . HOH C 3 .   ? 2.541   -6.184  16.956  1.00 21.94 ? 394 HOH A O   1 
HETATM 1169 O O   . HOH C 3 .   ? -12.559 -8.612  -8.174  1.00 25.73 ? 395 HOH A O   1 
HETATM 1170 O O   . HOH C 3 .   ? -12.413 1.037   3.864   1.00 27.98 ? 396 HOH A O   1 
HETATM 1171 O O   . HOH C 3 .   ? -16.142 -12.003 -3.507  1.00 25.04 ? 397 HOH A O   1 
HETATM 1172 O O   . HOH C 3 .   ? -13.795 -2.069  -9.592  1.00 31.95 ? 398 HOH A O   1 
HETATM 1173 O O   . HOH C 3 .   ? 1.783   -2.151  10.414  1.00 24.93 ? 399 HOH A O   1 
HETATM 1174 O O   . HOH C 3 .   ? 12.088  19.623  -0.015  1.00 21.79 ? 400 HOH A O   1 
HETATM 1175 O O   . HOH C 3 .   ? -11.474 11.103  -4.259  1.00 26.68 ? 401 HOH A O   1 
HETATM 1176 O O   . HOH C 3 .   ? 1.692   -9.394  -9.614  1.00 25.53 ? 402 HOH A O   1 
HETATM 1177 O O   . HOH C 3 .   ? 1.690   -3.135  -13.425 1.00 28.87 ? 403 HOH A O   1 
HETATM 1178 O O   . HOH C 3 .   ? 16.756  9.526   4.053   1.00 28.36 ? 404 HOH A O   1 
HETATM 1179 O O   . HOH C 3 .   ? 12.949  6.181   -2.931  1.00 29.90 ? 405 HOH A O   1 
HETATM 1180 O O   . HOH C 3 .   ? -8.902  -3.460  -15.511 1.00 27.19 ? 406 HOH A O   1 
HETATM 1181 O O   . HOH C 3 .   ? -10.670 -0.577  -12.834 1.00 28.13 ? 407 HOH A O   1 
HETATM 1182 O O   . HOH C 3 .   ? -7.072  5.705   5.949   1.00 32.43 ? 408 HOH A O   1 
HETATM 1183 O O   . HOH C 3 .   ? 11.487  -9.954  7.667   1.00 28.42 ? 409 HOH A O   1 
HETATM 1184 O O   . HOH C 3 .   ? -11.104 20.923  -5.790  1.00 28.64 ? 410 HOH A O   1 
HETATM 1185 O O   . HOH C 3 .   ? -13.146 2.219   -11.401 1.00 28.59 ? 411 HOH A O   1 
HETATM 1186 O O   . HOH C 3 .   ? 5.925   -12.985 -3.468  1.00 28.62 ? 412 HOH A O   1 
HETATM 1187 O O   . HOH C 3 .   ? -9.806  -9.858  8.909   1.00 32.20 ? 413 HOH A O   1 
HETATM 1188 O O   . HOH C 3 .   ? 3.202   -8.495  -12.286 1.00 31.91 ? 414 HOH A O   1 
HETATM 1189 O O   . HOH C 3 .   ? 12.427  -1.027  4.388   1.00 28.77 ? 415 HOH A O   1 
HETATM 1190 O O   . HOH C 3 .   ? 13.512  6.347   -7.532  1.00 27.62 ? 416 HOH A O   1 
HETATM 1191 O O   . HOH C 3 .   ? 2.716   18.401  -11.621 1.00 25.87 ? 417 HOH A O   1 
HETATM 1192 O O   . HOH C 3 .   ? 14.924  6.387   -10.012 1.00 27.88 ? 418 HOH A O   1 
HETATM 1193 O O   . HOH C 3 .   ? -7.366  -18.925 -1.852  1.00 31.68 ? 419 HOH A O   1 
HETATM 1194 O O   . HOH C 3 .   ? -4.049  -17.888 -0.856  1.00 31.14 ? 420 HOH A O   1 
HETATM 1195 O O   . HOH C 3 .   ? 16.487  11.428  6.154   1.00 29.63 ? 421 HOH A O   1 
HETATM 1196 O O   . HOH C 3 .   ? 4.007   -0.953  14.210  1.00 32.58 ? 422 HOH A O   1 
HETATM 1197 O O   . HOH C 3 .   ? 11.549  -0.684  0.497   1.00 33.30 ? 423 HOH A O   1 
HETATM 1198 O O   . HOH C 3 .   ? -1.079  -5.596  14.231  1.00 28.30 ? 424 HOH A O   1 
HETATM 1199 O O   . HOH C 3 .   ? 9.128   -8.769  13.286  1.00 9.65  ? 425 HOH A O   1 
HETATM 1200 O O   . HOH C 3 .   ? 7.921   5.858   7.091   1.00 27.55 ? 426 HOH A O   1 
HETATM 1201 O O   . HOH C 3 .   ? -9.654  23.567  -6.202  1.00 33.13 ? 427 HOH A O   1 
HETATM 1202 O O   . HOH C 3 .   ? -11.646 12.803  -7.490  1.00 26.11 ? 428 HOH A O   1 
HETATM 1203 O O   . HOH C 3 .   ? 13.820  1.917   5.834   1.00 28.34 ? 429 HOH A O   1 
HETATM 1204 O O   . HOH C 3 .   ? 4.151   22.038  7.965   1.00 21.80 ? 430 HOH A O   1 
HETATM 1205 O O   . HOH C 3 .   ? 16.817  12.377  0.440   1.00 26.40 ? 431 HOH A O   1 
HETATM 1206 O O   . HOH C 3 .   ? 14.866  -4.764  10.650  1.00 27.17 ? 432 HOH A O   1 
HETATM 1207 O O   . HOH C 3 .   ? 8.903   2.500   9.263   1.00 25.40 ? 433 HOH A O   1 
HETATM 1208 O O   . HOH C 3 .   ? -12.728 -9.205  -10.822 1.00 28.17 ? 434 HOH A O   1 
HETATM 1209 O O   . HOH C 3 .   ? 9.211   -15.190 7.786   1.00 31.47 ? 435 HOH A O   1 
HETATM 1210 O O   . HOH C 3 .   ? -0.135  18.572  -1.027  1.00 20.77 ? 436 HOH A O   1 
HETATM 1211 O O   . HOH C 3 .   ? 12.850  -7.117  20.589  1.00 27.98 ? 437 HOH A O   1 
HETATM 1212 O O   . HOH C 3 .   ? 10.099  0.896   -8.893  1.00 31.20 ? 438 HOH A O   1 
HETATM 1213 O O   . HOH C 3 .   ? 0.103   12.879  6.796   1.00 25.66 ? 439 HOH A O   1 
HETATM 1214 O O   . HOH C 3 .   ? 4.305   17.043  -12.736 1.00 25.90 ? 440 HOH A O   1 
HETATM 1215 O O   . HOH C 3 .   ? -13.155 -14.034 -3.395  1.00 26.80 ? 441 HOH A O   1 
HETATM 1216 O O   . HOH C 3 .   ? 3.064   19.098  8.731   1.00 24.85 ? 442 HOH A O   1 
HETATM 1217 O O   . HOH C 3 .   ? 10.945  5.615   -7.831  1.00 31.03 ? 443 HOH A O   1 
HETATM 1218 O O   . HOH C 3 .   ? -10.854 6.651   -13.978 1.00 31.38 ? 444 HOH A O   1 
HETATM 1219 O O   . HOH C 3 .   ? 1.830   -0.063  -16.457 1.00 28.68 ? 445 HOH A O   1 
HETATM 1220 O O   . HOH C 3 .   ? -6.819  -16.030 8.272   1.00 24.57 ? 446 HOH A O   1 
HETATM 1221 O O   . HOH C 3 .   ? 0.251   10.192  5.908   1.00 18.76 ? 447 HOH A O   1 
HETATM 1222 O O   . HOH C 3 .   ? -5.293  -12.487 9.411   1.00 18.21 ? 448 HOH A O   1 
HETATM 1223 O O   . HOH C 3 .   ? 2.115   -15.506 -3.138  1.00 31.78 ? 449 HOH A O   1 
HETATM 1224 O O   . HOH C 3 .   ? 3.859   -8.500  -7.694  1.00 30.01 ? 450 HOH A O   1 
HETATM 1225 O O   . HOH C 3 .   ? -8.875  -11.559 -7.998  1.00 26.30 ? 451 HOH A O   1 
HETATM 1226 O O   . HOH C 3 .   ? -9.533  0.986   -15.311 1.00 31.74 ? 452 HOH A O   1 
# 
